data_5D6V
# 
_entry.id   5D6V 
# 
_audit_conform.dict_name       mmcif_pdbx.dic 
_audit_conform.dict_version    5.387 
_audit_conform.dict_location   http://mmcif.pdb.org/dictionaries/ascii/mmcif_pdbx.dic 
# 
loop_
_database_2.database_id 
_database_2.database_code 
_database_2.pdbx_database_accession 
_database_2.pdbx_DOI 
PDB   5D6V         pdb_00005d6v 10.2210/pdb5d6v/pdb 
WWPDB D_1000212763 ?            ?                   
# 
loop_
_pdbx_audit_revision_history.ordinal 
_pdbx_audit_revision_history.data_content_type 
_pdbx_audit_revision_history.major_revision 
_pdbx_audit_revision_history.minor_revision 
_pdbx_audit_revision_history.revision_date 
1 'Structure model' 1 0 2016-06-29 
2 'Structure model' 1 1 2016-09-07 
3 'Structure model' 1 2 2017-09-27 
4 'Structure model' 1 3 2019-12-25 
5 'Structure model' 1 4 2024-03-06 
# 
_pdbx_audit_revision_details.ordinal             1 
_pdbx_audit_revision_details.revision_ordinal    1 
_pdbx_audit_revision_details.data_content_type   'Structure model' 
_pdbx_audit_revision_details.provider            repository 
_pdbx_audit_revision_details.type                'Initial release' 
_pdbx_audit_revision_details.description         ? 
_pdbx_audit_revision_details.details             ? 
# 
loop_
_pdbx_audit_revision_group.ordinal 
_pdbx_audit_revision_group.revision_ordinal 
_pdbx_audit_revision_group.data_content_type 
_pdbx_audit_revision_group.group 
1 2 'Structure model' 'Database references'        
2 3 'Structure model' 'Author supporting evidence' 
3 3 'Structure model' 'Database references'        
4 3 'Structure model' 'Derived calculations'       
5 4 'Structure model' 'Author supporting evidence' 
6 5 'Structure model' 'Data collection'            
7 5 'Structure model' 'Database references'        
# 
loop_
_pdbx_audit_revision_category.ordinal 
_pdbx_audit_revision_category.revision_ordinal 
_pdbx_audit_revision_category.data_content_type 
_pdbx_audit_revision_category.category 
1 3 'Structure model' citation              
2 3 'Structure model' pdbx_audit_support    
3 3 'Structure model' pdbx_struct_oper_list 
4 4 'Structure model' pdbx_audit_support    
5 5 'Structure model' chem_comp_atom        
6 5 'Structure model' chem_comp_bond        
7 5 'Structure model' database_2            
# 
loop_
_pdbx_audit_revision_item.ordinal 
_pdbx_audit_revision_item.revision_ordinal 
_pdbx_audit_revision_item.data_content_type 
_pdbx_audit_revision_item.item 
1 3 'Structure model' '_citation.journal_id_CSD'                  
2 3 'Structure model' '_pdbx_audit_support.funding_organization'  
3 3 'Structure model' '_pdbx_struct_oper_list.symmetry_operation' 
4 4 'Structure model' '_pdbx_audit_support.funding_organization'  
5 5 'Structure model' '_database_2.pdbx_DOI'                      
6 5 'Structure model' '_database_2.pdbx_database_accession'       
# 
_pdbx_database_status.status_code                     REL 
_pdbx_database_status.status_code_sf                  REL 
_pdbx_database_status.status_code_mr                  ? 
_pdbx_database_status.entry_id                        5D6V 
_pdbx_database_status.recvd_initial_deposition_date   2015-08-13 
_pdbx_database_status.SG_entry                        N 
_pdbx_database_status.deposit_site                    RCSB 
_pdbx_database_status.process_site                    RCSB 
_pdbx_database_status.status_code_cs                  ? 
_pdbx_database_status.methods_development_category    ? 
_pdbx_database_status.pdb_format_compatible           Y 
_pdbx_database_status.status_code_nmr_data            ? 
# 
loop_
_audit_author.name 
_audit_author.pdbx_ordinal 
'Chun, S.'     1 
'Sawaya, M.R.' 2 
'Yeates, T.O.' 3 
# 
_citation.abstract                  ? 
_citation.abstract_id_CAS           ? 
_citation.book_id_ISBN              ? 
_citation.book_publisher            ? 
_citation.book_publisher_city       ? 
_citation.book_title                ? 
_citation.coordinate_linkage        ? 
_citation.country                   UK 
_citation.database_id_Medline       ? 
_citation.details                   ? 
_citation.id                        primary 
_citation.journal_abbrev            Mol.Microbiol. 
_citation.journal_id_ASTM           MOMIEE 
_citation.journal_id_CSD            2007 
_citation.journal_id_ISSN           1365-2958 
_citation.journal_full              ? 
_citation.journal_issue             ? 
_citation.journal_volume            101 
_citation.language                  ? 
_citation.page_first                770 
_citation.page_last                 783 
_citation.title                     
'The function of the PduJ microcompartment shell protein is determined by the genomic position of its encoding gene.' 
_citation.year                      2016 
_citation.database_id_CSD           ? 
_citation.pdbx_database_id_DOI      10.1111/mmi.13423 
_citation.pdbx_database_id_PubMed   27561553 
_citation.unpublished_flag          ? 
# 
loop_
_citation_author.citation_id 
_citation_author.name 
_citation_author.ordinal 
_citation_author.identifier_ORCID 
primary 'Chowdhury, C.' 1 ? 
primary 'Chun, S.'      2 ? 
primary 'Sawaya, M.R.'  3 ? 
primary 'Yeates, T.O.'  4 ? 
primary 'Bobik, T.A.'   5 ? 
# 
loop_
_entity.id 
_entity.type 
_entity.src_method 
_entity.pdbx_description 
_entity.formula_weight 
_entity.pdbx_number_of_molecules 
_entity.pdbx_ec 
_entity.pdbx_mutation 
_entity.pdbx_fragment 
_entity.details 
1 polymer man 'Carboxysome shell protein' 9848.266 1  ? K25A ? ? 
2 water   nat water                       18.015   33 ? ?    ? ? 
# 
_entity_name_com.entity_id   1 
_entity_name_com.name        'Propanediol utilization protein PduJ' 
# 
_entity_poly.entity_id                      1 
_entity_poly.type                           'polypeptide(L)' 
_entity_poly.nstd_linkage                   no 
_entity_poly.nstd_monomer                   no 
_entity_poly.pdbx_seq_one_letter_code       
;MHHHHHHNNALGLVETKGLVGAIEAADAMVASANVQLVGYEKIGSGLVTVMVRGDVGAVKAAVDAGSAAASVVGEVKSCH
VIPRPHSDVEAILPKSA
;
_entity_poly.pdbx_seq_one_letter_code_can   
;MHHHHHHNNALGLVETKGLVGAIEAADAMVASANVQLVGYEKIGSGLVTVMVRGDVGAVKAAVDAGSAAASVVGEVKSCH
VIPRPHSDVEAILPKSA
;
_entity_poly.pdbx_strand_id                 A 
_entity_poly.pdbx_target_identifier         ? 
# 
_pdbx_entity_nonpoly.entity_id   2 
_pdbx_entity_nonpoly.name        water 
_pdbx_entity_nonpoly.comp_id     HOH 
# 
loop_
_entity_poly_seq.entity_id 
_entity_poly_seq.num 
_entity_poly_seq.mon_id 
_entity_poly_seq.hetero 
1 1  MET n 
1 2  HIS n 
1 3  HIS n 
1 4  HIS n 
1 5  HIS n 
1 6  HIS n 
1 7  HIS n 
1 8  ASN n 
1 9  ASN n 
1 10 ALA n 
1 11 LEU n 
1 12 GLY n 
1 13 LEU n 
1 14 VAL n 
1 15 GLU n 
1 16 THR n 
1 17 LYS n 
1 18 GLY n 
1 19 LEU n 
1 20 VAL n 
1 21 GLY n 
1 22 ALA n 
1 23 ILE n 
1 24 GLU n 
1 25 ALA n 
1 26 ALA n 
1 27 ASP n 
1 28 ALA n 
1 29 MET n 
1 30 VAL n 
1 31 ALA n 
1 32 SER n 
1 33 ALA n 
1 34 ASN n 
1 35 VAL n 
1 36 GLN n 
1 37 LEU n 
1 38 VAL n 
1 39 GLY n 
1 40 TYR n 
1 41 GLU n 
1 42 LYS n 
1 43 ILE n 
1 44 GLY n 
1 45 SER n 
1 46 GLY n 
1 47 LEU n 
1 48 VAL n 
1 49 THR n 
1 50 VAL n 
1 51 MET n 
1 52 VAL n 
1 53 ARG n 
1 54 GLY n 
1 55 ASP n 
1 56 VAL n 
1 57 GLY n 
1 58 ALA n 
1 59 VAL n 
1 60 LYS n 
1 61 ALA n 
1 62 ALA n 
1 63 VAL n 
1 64 ASP n 
1 65 ALA n 
1 66 GLY n 
1 67 SER n 
1 68 ALA n 
1 69 ALA n 
1 70 ALA n 
1 71 SER n 
1 72 VAL n 
1 73 VAL n 
1 74 GLY n 
1 75 GLU n 
1 76 VAL n 
1 77 LYS n 
1 78 SER n 
1 79 CYS n 
1 80 HIS n 
1 81 VAL n 
1 82 ILE n 
1 83 PRO n 
1 84 ARG n 
1 85 PRO n 
1 86 HIS n 
1 87 SER n 
1 88 ASP n 
1 89 VAL n 
1 90 GLU n 
1 91 ALA n 
1 92 ILE n 
1 93 LEU n 
1 94 PRO n 
1 95 LYS n 
1 96 SER n 
1 97 ALA n 
# 
_entity_src_gen.entity_id                          1 
_entity_src_gen.pdbx_src_id                        1 
_entity_src_gen.pdbx_alt_source_flag               sample 
_entity_src_gen.pdbx_seq_type                      'Biological sequence' 
_entity_src_gen.pdbx_beg_seq_num                   1 
_entity_src_gen.pdbx_end_seq_num                   97 
_entity_src_gen.gene_src_common_name               ? 
_entity_src_gen.gene_src_genus                     ? 
_entity_src_gen.pdbx_gene_src_gene                 pduJ 
_entity_src_gen.gene_src_species                   ? 
_entity_src_gen.gene_src_strain                    LT2 
_entity_src_gen.gene_src_tissue                    ? 
_entity_src_gen.gene_src_tissue_fraction           ? 
_entity_src_gen.gene_src_details                   ? 
_entity_src_gen.pdbx_gene_src_fragment             ? 
_entity_src_gen.pdbx_gene_src_scientific_name      'Salmonella typhimurium' 
_entity_src_gen.pdbx_gene_src_ncbi_taxonomy_id     99287 
_entity_src_gen.pdbx_gene_src_variant              ? 
_entity_src_gen.pdbx_gene_src_cell_line            ? 
_entity_src_gen.pdbx_gene_src_atcc                 ? 
_entity_src_gen.pdbx_gene_src_organ                ? 
_entity_src_gen.pdbx_gene_src_organelle            ? 
_entity_src_gen.pdbx_gene_src_cell                 ? 
_entity_src_gen.pdbx_gene_src_cellular_location    ? 
_entity_src_gen.host_org_common_name               ? 
_entity_src_gen.pdbx_host_org_scientific_name      'Escherichia coli' 
_entity_src_gen.pdbx_host_org_ncbi_taxonomy_id     469008 
_entity_src_gen.host_org_genus                     ? 
_entity_src_gen.pdbx_host_org_gene                 ? 
_entity_src_gen.pdbx_host_org_organ                ? 
_entity_src_gen.host_org_species                   ? 
_entity_src_gen.pdbx_host_org_tissue               ? 
_entity_src_gen.pdbx_host_org_tissue_fraction      ? 
_entity_src_gen.pdbx_host_org_strain               'BL21 CodonPlus(DE3)-RIL' 
_entity_src_gen.pdbx_host_org_variant              ? 
_entity_src_gen.pdbx_host_org_cell_line            ? 
_entity_src_gen.pdbx_host_org_atcc                 ? 
_entity_src_gen.pdbx_host_org_culture_collection   ? 
_entity_src_gen.pdbx_host_org_cell                 ? 
_entity_src_gen.pdbx_host_org_organelle            ? 
_entity_src_gen.pdbx_host_org_cellular_location    ? 
_entity_src_gen.pdbx_host_org_vector_type          plasmid 
_entity_src_gen.pdbx_host_org_vector               ? 
_entity_src_gen.host_org_details                   ? 
_entity_src_gen.expression_system_id               ? 
_entity_src_gen.plasmid_name                       pET22b+ 
_entity_src_gen.plasmid_details                    ? 
_entity_src_gen.pdbx_description                   ? 
# 
loop_
_chem_comp.id 
_chem_comp.type 
_chem_comp.mon_nstd_flag 
_chem_comp.name 
_chem_comp.pdbx_synonyms 
_chem_comp.formula 
_chem_comp.formula_weight 
ALA 'L-peptide linking' y ALANINE         ? 'C3 H7 N O2'     89.093  
ARG 'L-peptide linking' y ARGININE        ? 'C6 H15 N4 O2 1' 175.209 
ASN 'L-peptide linking' y ASPARAGINE      ? 'C4 H8 N2 O3'    132.118 
ASP 'L-peptide linking' y 'ASPARTIC ACID' ? 'C4 H7 N O4'     133.103 
CYS 'L-peptide linking' y CYSTEINE        ? 'C3 H7 N O2 S'   121.158 
GLN 'L-peptide linking' y GLUTAMINE       ? 'C5 H10 N2 O3'   146.144 
GLU 'L-peptide linking' y 'GLUTAMIC ACID' ? 'C5 H9 N O4'     147.129 
GLY 'peptide linking'   y GLYCINE         ? 'C2 H5 N O2'     75.067  
HIS 'L-peptide linking' y HISTIDINE       ? 'C6 H10 N3 O2 1' 156.162 
HOH non-polymer         . WATER           ? 'H2 O'           18.015  
ILE 'L-peptide linking' y ISOLEUCINE      ? 'C6 H13 N O2'    131.173 
LEU 'L-peptide linking' y LEUCINE         ? 'C6 H13 N O2'    131.173 
LYS 'L-peptide linking' y LYSINE          ? 'C6 H15 N2 O2 1' 147.195 
MET 'L-peptide linking' y METHIONINE      ? 'C5 H11 N O2 S'  149.211 
PRO 'L-peptide linking' y PROLINE         ? 'C5 H9 N O2'     115.130 
SER 'L-peptide linking' y SERINE          ? 'C3 H7 N O3'     105.093 
THR 'L-peptide linking' y THREONINE       ? 'C4 H9 N O3'     119.119 
TYR 'L-peptide linking' y TYROSINE        ? 'C9 H11 N O3'    181.189 
VAL 'L-peptide linking' y VALINE          ? 'C5 H11 N O2'    117.146 
# 
loop_
_pdbx_poly_seq_scheme.asym_id 
_pdbx_poly_seq_scheme.entity_id 
_pdbx_poly_seq_scheme.seq_id 
_pdbx_poly_seq_scheme.mon_id 
_pdbx_poly_seq_scheme.ndb_seq_num 
_pdbx_poly_seq_scheme.pdb_seq_num 
_pdbx_poly_seq_scheme.auth_seq_num 
_pdbx_poly_seq_scheme.pdb_mon_id 
_pdbx_poly_seq_scheme.auth_mon_id 
_pdbx_poly_seq_scheme.pdb_strand_id 
_pdbx_poly_seq_scheme.pdb_ins_code 
_pdbx_poly_seq_scheme.hetero 
A 1 1  MET 1  -5 ?  ?   ?   A . n 
A 1 2  HIS 2  -4 ?  ?   ?   A . n 
A 1 3  HIS 3  -3 ?  ?   ?   A . n 
A 1 4  HIS 4  -2 ?  ?   ?   A . n 
A 1 5  HIS 5  -1 ?  ?   ?   A . n 
A 1 6  HIS 6  0  ?  ?   ?   A . n 
A 1 7  HIS 7  1  ?  ?   ?   A . n 
A 1 8  ASN 8  2  2  ASN ASN A . n 
A 1 9  ASN 9  3  3  ASN ASN A . n 
A 1 10 ALA 10 4  4  ALA ALA A . n 
A 1 11 LEU 11 5  5  LEU LEU A . n 
A 1 12 GLY 12 6  6  GLY GLY A . n 
A 1 13 LEU 13 7  7  LEU LEU A . n 
A 1 14 VAL 14 8  8  VAL VAL A . n 
A 1 15 GLU 15 9  9  GLU GLU A . n 
A 1 16 THR 16 10 10 THR THR A . n 
A 1 17 LYS 17 11 11 LYS LYS A . n 
A 1 18 GLY 18 12 12 GLY GLY A . n 
A 1 19 LEU 19 13 13 LEU LEU A . n 
A 1 20 VAL 20 14 14 VAL VAL A . n 
A 1 21 GLY 21 15 15 GLY GLY A . n 
A 1 22 ALA 22 16 16 ALA ALA A . n 
A 1 23 ILE 23 17 17 ILE ILE A . n 
A 1 24 GLU 24 18 18 GLU GLU A . n 
A 1 25 ALA 25 19 19 ALA ALA A . n 
A 1 26 ALA 26 20 20 ALA ALA A . n 
A 1 27 ASP 27 21 21 ASP ASP A . n 
A 1 28 ALA 28 22 22 ALA ALA A . n 
A 1 29 MET 29 23 23 MET MET A . n 
A 1 30 VAL 30 24 24 VAL VAL A . n 
A 1 31 ALA 31 25 25 ALA ALA A . n 
A 1 32 SER 32 26 26 SER SER A . n 
A 1 33 ALA 33 27 27 ALA ALA A . n 
A 1 34 ASN 34 28 28 ASN ASN A . n 
A 1 35 VAL 35 29 29 VAL VAL A . n 
A 1 36 GLN 36 30 30 GLN GLN A . n 
A 1 37 LEU 37 31 31 LEU LEU A . n 
A 1 38 VAL 38 32 32 VAL VAL A . n 
A 1 39 GLY 39 33 33 GLY GLY A . n 
A 1 40 TYR 40 34 34 TYR TYR A . n 
A 1 41 GLU 41 35 35 GLU GLU A . n 
A 1 42 LYS 42 36 36 LYS LYS A . n 
A 1 43 ILE 43 37 37 ILE ILE A . n 
A 1 44 GLY 44 38 38 GLY GLY A . n 
A 1 45 SER 45 39 39 SER SER A . n 
A 1 46 GLY 46 40 40 GLY GLY A . n 
A 1 47 LEU 47 41 41 LEU LEU A . n 
A 1 48 VAL 48 42 42 VAL VAL A . n 
A 1 49 THR 49 43 43 THR THR A . n 
A 1 50 VAL 50 44 44 VAL VAL A . n 
A 1 51 MET 51 45 45 MET MET A . n 
A 1 52 VAL 52 46 46 VAL VAL A . n 
A 1 53 ARG 53 47 47 ARG ARG A . n 
A 1 54 GLY 54 48 48 GLY GLY A . n 
A 1 55 ASP 55 49 49 ASP ASP A . n 
A 1 56 VAL 56 50 50 VAL VAL A . n 
A 1 57 GLY 57 51 51 GLY GLY A . n 
A 1 58 ALA 58 52 52 ALA ALA A . n 
A 1 59 VAL 59 53 53 VAL VAL A . n 
A 1 60 LYS 60 54 54 LYS LYS A . n 
A 1 61 ALA 61 55 55 ALA ALA A . n 
A 1 62 ALA 62 56 56 ALA ALA A . n 
A 1 63 VAL 63 57 57 VAL VAL A . n 
A 1 64 ASP 64 58 58 ASP ASP A . n 
A 1 65 ALA 65 59 59 ALA ALA A . n 
A 1 66 GLY 66 60 60 GLY GLY A . n 
A 1 67 SER 67 61 61 SER SER A . n 
A 1 68 ALA 68 62 62 ALA ALA A . n 
A 1 69 ALA 69 63 63 ALA ALA A . n 
A 1 70 ALA 70 64 64 ALA ALA A . n 
A 1 71 SER 71 65 65 SER SER A . n 
A 1 72 VAL 72 66 66 VAL VAL A . n 
A 1 73 VAL 73 67 67 VAL VAL A . n 
A 1 74 GLY 74 68 68 GLY GLY A . n 
A 1 75 GLU 75 69 69 GLU GLU A . n 
A 1 76 VAL 76 70 70 VAL VAL A . n 
A 1 77 LYS 77 71 71 LYS LYS A . n 
A 1 78 SER 78 72 72 SER SER A . n 
A 1 79 CYS 79 73 73 CYS CYS A . n 
A 1 80 HIS 80 74 74 HIS HIS A . n 
A 1 81 VAL 81 75 75 VAL VAL A . n 
A 1 82 ILE 82 76 76 ILE ILE A . n 
A 1 83 PRO 83 77 77 PRO PRO A . n 
A 1 84 ARG 84 78 78 ARG ARG A . n 
A 1 85 PRO 85 79 79 PRO PRO A . n 
A 1 86 HIS 86 80 80 HIS HIS A . n 
A 1 87 SER 87 81 81 SER SER A . n 
A 1 88 ASP 88 82 82 ASP ASP A . n 
A 1 89 VAL 89 83 83 VAL VAL A . n 
A 1 90 GLU 90 84 84 GLU GLU A . n 
A 1 91 ALA 91 85 85 ALA ALA A . n 
A 1 92 ILE 92 86 86 ILE ILE A . n 
A 1 93 LEU 93 87 87 LEU LEU A . n 
A 1 94 PRO 94 88 88 PRO PRO A . n 
A 1 95 LYS 95 89 89 LYS LYS A . n 
A 1 96 SER 96 90 90 SER SER A . n 
A 1 97 ALA 97 91 91 ALA ALA A . n 
# 
loop_
_pdbx_nonpoly_scheme.asym_id 
_pdbx_nonpoly_scheme.entity_id 
_pdbx_nonpoly_scheme.mon_id 
_pdbx_nonpoly_scheme.ndb_seq_num 
_pdbx_nonpoly_scheme.pdb_seq_num 
_pdbx_nonpoly_scheme.auth_seq_num 
_pdbx_nonpoly_scheme.pdb_mon_id 
_pdbx_nonpoly_scheme.auth_mon_id 
_pdbx_nonpoly_scheme.pdb_strand_id 
_pdbx_nonpoly_scheme.pdb_ins_code 
B 2 HOH 1  101 12 HOH HOH A . 
B 2 HOH 2  102 29 HOH HOH A . 
B 2 HOH 3  103 18 HOH HOH A . 
B 2 HOH 4  104 8  HOH HOH A . 
B 2 HOH 5  105 37 HOH HOH A . 
B 2 HOH 6  106 5  HOH HOH A . 
B 2 HOH 7  107 4  HOH HOH A . 
B 2 HOH 8  108 14 HOH HOH A . 
B 2 HOH 9  109 9  HOH HOH A . 
B 2 HOH 10 110 2  HOH HOH A . 
B 2 HOH 11 111 38 HOH HOH A . 
B 2 HOH 12 112 22 HOH HOH A . 
B 2 HOH 13 113 32 HOH HOH A . 
B 2 HOH 14 114 34 HOH HOH A . 
B 2 HOH 15 115 3  HOH HOH A . 
B 2 HOH 16 116 16 HOH HOH A . 
B 2 HOH 17 117 21 HOH HOH A . 
B 2 HOH 18 118 24 HOH HOH A . 
B 2 HOH 19 119 7  HOH HOH A . 
B 2 HOH 20 120 23 HOH HOH A . 
B 2 HOH 21 121 26 HOH HOH A . 
B 2 HOH 22 122 6  HOH HOH A . 
B 2 HOH 23 123 1  HOH HOH A . 
B 2 HOH 24 124 13 HOH HOH A . 
B 2 HOH 25 125 19 HOH HOH A . 
B 2 HOH 26 126 11 HOH HOH A . 
B 2 HOH 27 127 20 HOH HOH A . 
B 2 HOH 28 128 10 HOH HOH A . 
B 2 HOH 29 129 15 HOH HOH A . 
B 2 HOH 30 130 33 HOH HOH A . 
B 2 HOH 31 131 36 HOH HOH A . 
B 2 HOH 32 132 35 HOH HOH A . 
B 2 HOH 33 133 27 HOH HOH A . 
# 
loop_
_software.citation_id 
_software.classification 
_software.compiler_name 
_software.compiler_version 
_software.contact_author 
_software.contact_author_email 
_software.date 
_software.description 
_software.dependencies 
_software.hardware 
_software.language 
_software.location 
_software.mods 
_software.name 
_software.os 
_software.os_version 
_software.type 
_software.version 
_software.pdbx_ordinal 
? 'data scaling'    ? ? ? ? ? ? ? ? ? ? ? XSCALE      ? ? ? .     1 
? phasing           ? ? ? ? ? ? ? ? ? ? ? PHASER      ? ? ? 2.5.6 2 
? refinement        ? ? ? ? ? ? ? ? ? ? ? BUSTER-TNT  ? ? ? .     3 
? 'data extraction' ? ? ? ? ? ? ? ? ? ? ? PDB_EXTRACT ? ? ? 3.15  4 
? 'data reduction'  ? ? ? ? ? ? ? ? ? ? ? XDS         ? ? ? .     5 
# 
_cell.angle_alpha                  90.000 
_cell.angle_alpha_esd              ? 
_cell.angle_beta                   90.000 
_cell.angle_beta_esd               ? 
_cell.angle_gamma                  120.000 
_cell.angle_gamma_esd              ? 
_cell.entry_id                     5D6V 
_cell.details                      ? 
_cell.formula_units_Z              ? 
_cell.length_a                     67.870 
_cell.length_a_esd                 ? 
_cell.length_b                     67.870 
_cell.length_b_esd                 ? 
_cell.length_c                     26.480 
_cell.length_c_esd                 ? 
_cell.volume                       ? 
_cell.volume_esd                   ? 
_cell.Z_PDB                        6 
_cell.reciprocal_angle_alpha       ? 
_cell.reciprocal_angle_beta        ? 
_cell.reciprocal_angle_gamma       ? 
_cell.reciprocal_angle_alpha_esd   ? 
_cell.reciprocal_angle_beta_esd    ? 
_cell.reciprocal_angle_gamma_esd   ? 
_cell.reciprocal_length_a          ? 
_cell.reciprocal_length_b          ? 
_cell.reciprocal_length_c          ? 
_cell.reciprocal_length_a_esd      ? 
_cell.reciprocal_length_b_esd      ? 
_cell.reciprocal_length_c_esd      ? 
_cell.pdbx_unique_axis             ? 
# 
_symmetry.entry_id                         5D6V 
_symmetry.cell_setting                     ? 
_symmetry.Int_Tables_number                168 
_symmetry.space_group_name_Hall            ? 
_symmetry.space_group_name_H-M             'P 6' 
_symmetry.pdbx_full_space_group_name_H-M   ? 
# 
_exptl.absorpt_coefficient_mu     ? 
_exptl.absorpt_correction_T_max   ? 
_exptl.absorpt_correction_T_min   ? 
_exptl.absorpt_correction_type    ? 
_exptl.absorpt_process_details    ? 
_exptl.entry_id                   5D6V 
_exptl.crystals_number            1 
_exptl.details                    ? 
_exptl.method                     'X-RAY DIFFRACTION' 
_exptl.method_details             ? 
# 
_exptl_crystal.colour                      ? 
_exptl_crystal.density_diffrn              ? 
_exptl_crystal.density_Matthews            1.79 
_exptl_crystal.density_method              ? 
_exptl_crystal.density_percent_sol         31.20 
_exptl_crystal.description                 ? 
_exptl_crystal.F_000                       ? 
_exptl_crystal.id                          1 
_exptl_crystal.preparation                 ? 
_exptl_crystal.size_max                    ? 
_exptl_crystal.size_mid                    ? 
_exptl_crystal.size_min                    ? 
_exptl_crystal.size_rad                    ? 
_exptl_crystal.colour_lustre               ? 
_exptl_crystal.colour_modifier             ? 
_exptl_crystal.colour_primary              ? 
_exptl_crystal.density_meas                ? 
_exptl_crystal.density_meas_esd            ? 
_exptl_crystal.density_meas_gt             ? 
_exptl_crystal.density_meas_lt             ? 
_exptl_crystal.density_meas_temp           ? 
_exptl_crystal.density_meas_temp_esd       ? 
_exptl_crystal.density_meas_temp_gt        ? 
_exptl_crystal.density_meas_temp_lt        ? 
_exptl_crystal.pdbx_crystal_image_url      ? 
_exptl_crystal.pdbx_crystal_image_format   ? 
_exptl_crystal.pdbx_mosaicity              ? 
_exptl_crystal.pdbx_mosaicity_esd          ? 
# 
_exptl_crystal_grow.apparatus       ? 
_exptl_crystal_grow.atmosphere      ? 
_exptl_crystal_grow.crystal_id      1 
_exptl_crystal_grow.details         ? 
_exptl_crystal_grow.method          'VAPOR DIFFUSION, HANGING DROP' 
_exptl_crystal_grow.method_ref      ? 
_exptl_crystal_grow.pH              6.5 
_exptl_crystal_grow.pressure        ? 
_exptl_crystal_grow.pressure_esd    ? 
_exptl_crystal_grow.seeding         ? 
_exptl_crystal_grow.seeding_ref     ? 
_exptl_crystal_grow.temp            298 
_exptl_crystal_grow.temp_details    ? 
_exptl_crystal_grow.temp_esd        ? 
_exptl_crystal_grow.time            ? 
_exptl_crystal_grow.pdbx_details    '0.1M MES sodium salt pH 6.5, 2.0M Ammonium sulfate, 5% w/v PEG 400' 
_exptl_crystal_grow.pdbx_pH_range   ? 
# 
_diffrn.ambient_environment    ? 
_diffrn.ambient_temp           100 
_diffrn.ambient_temp_details   ? 
_diffrn.ambient_temp_esd       ? 
_diffrn.crystal_id             1 
_diffrn.crystal_support        ? 
_diffrn.crystal_treatment      ? 
_diffrn.details                ? 
_diffrn.id                     1 
_diffrn.ambient_pressure       ? 
_diffrn.ambient_pressure_esd   ? 
_diffrn.ambient_pressure_gt    ? 
_diffrn.ambient_pressure_lt    ? 
_diffrn.ambient_temp_gt        ? 
_diffrn.ambient_temp_lt        ? 
# 
_diffrn_detector.details                      ? 
_diffrn_detector.detector                     PIXEL 
_diffrn_detector.diffrn_id                    1 
_diffrn_detector.type                         'PSI PILATUS 6M' 
_diffrn_detector.area_resol_mean              ? 
_diffrn_detector.dtime                        ? 
_diffrn_detector.pdbx_frames_total            ? 
_diffrn_detector.pdbx_collection_time_total   ? 
_diffrn_detector.pdbx_collection_date         2014-08-13 
# 
_diffrn_radiation.collimation                      ? 
_diffrn_radiation.diffrn_id                        1 
_diffrn_radiation.filter_edge                      ? 
_diffrn_radiation.inhomogeneity                    ? 
_diffrn_radiation.monochromator                    ? 
_diffrn_radiation.polarisn_norm                    ? 
_diffrn_radiation.polarisn_ratio                   ? 
_diffrn_radiation.probe                            ? 
_diffrn_radiation.type                             ? 
_diffrn_radiation.xray_symbol                      ? 
_diffrn_radiation.wavelength_id                    1 
_diffrn_radiation.pdbx_monochromatic_or_laue_m_l   M 
_diffrn_radiation.pdbx_wavelength_list             ? 
_diffrn_radiation.pdbx_wavelength                  ? 
_diffrn_radiation.pdbx_diffrn_protocol             'SINGLE WAVELENGTH' 
_diffrn_radiation.pdbx_analyzer                    ? 
_diffrn_radiation.pdbx_scattering_type             x-ray 
# 
_diffrn_radiation_wavelength.id           1 
_diffrn_radiation_wavelength.wavelength   0.97950 
_diffrn_radiation_wavelength.wt           1.0 
# 
_diffrn_source.current                     ? 
_diffrn_source.details                     ? 
_diffrn_source.diffrn_id                   1 
_diffrn_source.power                       ? 
_diffrn_source.size                        ? 
_diffrn_source.source                      SYNCHROTRON 
_diffrn_source.target                      ? 
_diffrn_source.type                        'APS BEAMLINE 24-ID-C' 
_diffrn_source.voltage                     ? 
_diffrn_source.take-off_angle              ? 
_diffrn_source.pdbx_wavelength_list        0.97950 
_diffrn_source.pdbx_wavelength             ? 
_diffrn_source.pdbx_synchrotron_beamline   24-ID-C 
_diffrn_source.pdbx_synchrotron_site       APS 
# 
_reflns.B_iso_Wilson_estimate            18.610 
_reflns.entry_id                         5D6V 
_reflns.data_reduction_details           ? 
_reflns.data_reduction_method            ? 
_reflns.d_resolution_high                1.500 
_reflns.d_resolution_low                 58.78 
_reflns.details                          ? 
_reflns.limit_h_max                      ? 
_reflns.limit_h_min                      ? 
_reflns.limit_k_max                      ? 
_reflns.limit_k_min                      ? 
_reflns.limit_l_max                      ? 
_reflns.limit_l_min                      ? 
_reflns.number_all                       ? 
_reflns.number_obs                       11398 
_reflns.observed_criterion               ? 
_reflns.observed_criterion_F_max         ? 
_reflns.observed_criterion_F_min         ? 
_reflns.observed_criterion_I_max         ? 
_reflns.observed_criterion_I_min         ? 
_reflns.observed_criterion_sigma_F       ? 
_reflns.observed_criterion_sigma_I       -3.000 
_reflns.percent_possible_obs             99.900 
_reflns.R_free_details                   ? 
_reflns.Rmerge_F_all                     ? 
_reflns.Rmerge_F_obs                     0.999 
_reflns.Friedel_coverage                 ? 
_reflns.number_gt                        ? 
_reflns.threshold_expression             ? 
_reflns.pdbx_redundancy                  9.2 
_reflns.pdbx_Rmerge_I_obs                0.062 
_reflns.pdbx_Rmerge_I_all                ? 
_reflns.pdbx_Rsym_value                  ? 
_reflns.pdbx_netI_over_av_sigmaI         ? 
_reflns.pdbx_netI_over_sigmaI            18.080 
_reflns.pdbx_res_netI_over_av_sigmaI_2   ? 
_reflns.pdbx_res_netI_over_sigmaI_2      ? 
_reflns.pdbx_chi_squared                 0.991 
_reflns.pdbx_scaling_rejects             ? 
_reflns.pdbx_d_res_high_opt              ? 
_reflns.pdbx_d_res_low_opt               ? 
_reflns.pdbx_d_res_opt_method            ? 
_reflns.phase_calculation_details        ? 
_reflns.pdbx_Rrim_I_all                  0.066 
_reflns.pdbx_Rpim_I_all                  ? 
_reflns.pdbx_d_opt                       ? 
_reflns.pdbx_number_measured_all         104768 
_reflns.pdbx_diffrn_id                   1 
_reflns.pdbx_ordinal                     1 
_reflns.pdbx_CC_half                     ? 
_reflns.pdbx_R_split                     ? 
# 
loop_
_reflns_shell.d_res_high 
_reflns_shell.d_res_low 
_reflns_shell.meanI_over_sigI_all 
_reflns_shell.meanI_over_sigI_obs 
_reflns_shell.number_measured_all 
_reflns_shell.number_measured_obs 
_reflns_shell.number_possible 
_reflns_shell.number_unique_all 
_reflns_shell.number_unique_obs 
_reflns_shell.percent_possible_all 
_reflns_shell.percent_possible_obs 
_reflns_shell.Rmerge_F_all 
_reflns_shell.Rmerge_F_obs 
_reflns_shell.Rmerge_I_all 
_reflns_shell.Rmerge_I_obs 
_reflns_shell.meanI_over_sigI_gt 
_reflns_shell.meanI_over_uI_all 
_reflns_shell.meanI_over_uI_gt 
_reflns_shell.number_measured_gt 
_reflns_shell.number_unique_gt 
_reflns_shell.percent_possible_gt 
_reflns_shell.Rmerge_F_gt 
_reflns_shell.Rmerge_I_gt 
_reflns_shell.pdbx_redundancy 
_reflns_shell.pdbx_Rsym_value 
_reflns_shell.pdbx_chi_squared 
_reflns_shell.pdbx_netI_over_sigmaI_all 
_reflns_shell.pdbx_netI_over_sigmaI_obs 
_reflns_shell.pdbx_Rrim_I_all 
_reflns_shell.pdbx_Rpim_I_all 
_reflns_shell.pdbx_rejects 
_reflns_shell.pdbx_ordinal 
_reflns_shell.pdbx_diffrn_id 
_reflns_shell.pdbx_CC_half 
_reflns_shell.pdbx_R_split 
1.500 1.540 ? 2.790  ? 4529 833 ? 829 99.500  ? ? 0.875 ? 0.564 ? ? ? ? ? ? ? ? 5.5 ? ? ? ? 0.625 ? 0 1  1 ? ? 
1.540 1.580 ? 3.700  ? 5666 822 ? 822 100.000 ? ? 0.932 ? 0.504 ? ? ? ? ? ? ? ? ?   ? ? ? ? 0.546 ? 0 2  1 ? ? 
1.580 1.630 ? 4.700  ? 7291 784 ? 784 100.000 ? ? 0.958 ? 0.473 ? ? ? ? ? ? ? ? ?   ? ? ? ? 0.501 ? 0 3  1 ? ? 
1.630 1.680 ? 6.060  ? 7645 763 ? 763 100.000 ? ? 0.964 ? 0.381 ? ? ? ? ? ? ? ? ?   ? ? ? ? 0.401 ? 0 4  1 ? ? 
1.680 1.730 ? 7.070  ? 7450 747 ? 747 100.000 ? ? 0.981 ? 0.321 ? ? ? ? ? ? ? ? ?   ? ? ? ? 0.339 ? 0 5  1 ? ? 
1.730 1.790 ? 8.960  ? 6987 722 ? 722 100.000 ? ? 0.987 ? 0.238 ? ? ? ? ? ? ? ? ?   ? ? ? ? 0.252 ? 0 6  1 ? ? 
1.790 1.860 ? 11.010 ? 6628 692 ? 692 100.000 ? ? 0.991 ? 0.188 ? ? ? ? ? ? ? ? ?   ? ? ? ? 0.199 ? 0 7  1 ? ? 
1.860 1.940 ? 14.070 ? 6798 669 ? 668 99.900  ? ? 0.996 ? 0.138 ? ? ? ? ? ? ? ? ?   ? ? ? ? 0.146 ? 0 8  1 ? ? 
1.940 2.020 ? 16.370 ? 6518 648 ? 648 100.000 ? ? 0.996 ? 0.120 ? ? ? ? ? ? ? ? ?   ? ? ? ? 0.126 ? 0 9  1 ? ? 
2.020 2.120 ? 20.700 ? 5961 613 ? 613 100.000 ? ? 0.997 ? 0.090 ? ? ? ? ? ? ? ? ?   ? ? ? ? 0.096 ? 0 10 1 ? ? 
2.120 2.240 ? 22.920 ? 5477 590 ? 590 100.000 ? ? 0.998 ? 0.082 ? ? ? ? ? ? ? ? ?   ? ? ? ? 0.087 ? 0 11 1 ? ? 
2.240 2.370 ? 26.350 ? 5741 563 ? 563 100.000 ? ? 0.998 ? 0.073 ? ? ? ? ? ? ? ? ?   ? ? ? ? 0.076 ? 0 12 1 ? ? 
2.370 2.540 ? 29.360 ? 5197 523 ? 522 99.800  ? ? 0.998 ? 0.062 ? ? ? ? ? ? ? ? ?   ? ? ? ? 0.065 ? 0 13 1 ? ? 
2.540 2.740 ? 31.700 ? 4719 489 ? 489 100.000 ? ? 0.999 ? 0.058 ? ? ? ? ? ? ? ? ?   ? ? ? ? 0.062 ? 0 14 1 ? ? 
2.740 3.000 ? 34.830 ? 4198 455 ? 455 100.000 ? ? 0.999 ? 0.049 ? ? ? ? ? ? ? ? ?   ? ? ? ? 0.052 ? 0 15 1 ? ? 
3.000 3.350 ? 39.890 ? 4088 412 ? 412 100.000 ? ? 0.999 ? 0.046 ? ? ? ? ? ? ? ? ?   ? ? ? ? 0.049 ? 0 16 1 ? ? 
3.350 3.870 ? 43.650 ? 3476 368 ? 368 100.000 ? ? 0.999 ? 0.042 ? ? ? ? ? ? ? ? ?   ? ? ? ? 0.044 ? 0 17 1 ? ? 
3.870 4.740 ? 45.280 ? 2783 311 ? 311 100.000 ? ? 0.999 ? 0.037 ? ? ? ? ? ? ? ? ?   ? ? ? ? 0.040 ? 0 18 1 ? ? 
4.740 6.710 ? 47.660 ? 2409 253 ? 253 100.000 ? ? 0.999 ? 0.037 ? ? ? ? ? ? ? ? ?   ? ? ? ? 0.039 ? 0 19 1 ? ? 
6.710 ?     ? 45.100 ? 1207 147 ? 147 100.000 ? ? 0.998 ? 0.036 ? ? ? ? ? ? ? ? ?   ? ? ? ? 0.038 ? 0 20 1 ? ? 
# 
_refine.aniso_B[1][1]                            2.3537 
_refine.aniso_B[1][2]                            0.0000 
_refine.aniso_B[1][3]                            0.0000 
_refine.aniso_B[2][2]                            2.3537 
_refine.aniso_B[2][3]                            0.0000 
_refine.aniso_B[3][3]                            -4.7074 
_refine.B_iso_max                                82.150 
_refine.B_iso_mean                               21.8900 
_refine.B_iso_min                                11.770 
_refine.correlation_coeff_Fo_to_Fc               0.9370 
_refine.correlation_coeff_Fo_to_Fc_free          0.9165 
_refine.details                                  ? 
_refine.diff_density_max                         ? 
_refine.diff_density_max_esd                     ? 
_refine.diff_density_min                         ? 
_refine.diff_density_min_esd                     ? 
_refine.diff_density_rms                         ? 
_refine.diff_density_rms_esd                     ? 
_refine.entry_id                                 5D6V 
_refine.pdbx_refine_id                           'X-RAY DIFFRACTION' 
_refine.ls_abs_structure_details                 ? 
_refine.ls_abs_structure_Flack                   ? 
_refine.ls_abs_structure_Flack_esd               ? 
_refine.ls_abs_structure_Rogers                  ? 
_refine.ls_abs_structure_Rogers_esd              ? 
_refine.ls_d_res_high                            1.5000 
_refine.ls_d_res_low                             58.7800 
_refine.ls_extinction_coef                       ? 
_refine.ls_extinction_coef_esd                   ? 
_refine.ls_extinction_expression                 ? 
_refine.ls_extinction_method                     ? 
_refine.ls_goodness_of_fit_all                   ? 
_refine.ls_goodness_of_fit_all_esd               ? 
_refine.ls_goodness_of_fit_obs                   ? 
_refine.ls_goodness_of_fit_obs_esd               ? 
_refine.ls_hydrogen_treatment                    ? 
_refine.ls_matrix_type                           ? 
_refine.ls_number_constraints                    ? 
_refine.ls_number_parameters                     ? 
_refine.ls_number_reflns_all                     ? 
_refine.ls_number_reflns_obs                     11398 
_refine.ls_number_reflns_R_free                  1140 
_refine.ls_number_reflns_R_work                  ? 
_refine.ls_number_restraints                     ? 
_refine.ls_percent_reflns_obs                    99.9400 
_refine.ls_percent_reflns_R_free                 10.0000 
_refine.ls_R_factor_all                          ? 
_refine.ls_R_factor_obs                          0.1935 
_refine.ls_R_factor_R_free                       0.2188 
_refine.ls_R_factor_R_free_error                 ? 
_refine.ls_R_factor_R_free_error_details         ? 
_refine.ls_R_factor_R_work                       0.1908 
_refine.ls_R_Fsqd_factor_obs                     ? 
_refine.ls_R_I_factor_obs                        ? 
_refine.ls_redundancy_reflns_all                 ? 
_refine.ls_redundancy_reflns_obs                 ? 
_refine.ls_restrained_S_all                      ? 
_refine.ls_restrained_S_obs                      ? 
_refine.ls_shift_over_esd_max                    ? 
_refine.ls_shift_over_esd_mean                   ? 
_refine.ls_structure_factor_coef                 ? 
_refine.ls_weighting_details                     ? 
_refine.ls_weighting_scheme                      ? 
_refine.ls_wR_factor_all                         ? 
_refine.ls_wR_factor_obs                         ? 
_refine.ls_wR_factor_R_free                      ? 
_refine.ls_wR_factor_R_work                      ? 
_refine.occupancy_max                            ? 
_refine.occupancy_min                            ? 
_refine.solvent_model_details                    ? 
_refine.solvent_model_param_bsol                 ? 
_refine.solvent_model_param_ksol                 ? 
_refine.ls_R_factor_gt                           ? 
_refine.ls_goodness_of_fit_gt                    ? 
_refine.ls_goodness_of_fit_ref                   ? 
_refine.ls_shift_over_su_max                     ? 
_refine.ls_shift_over_su_max_lt                  ? 
_refine.ls_shift_over_su_mean                    ? 
_refine.ls_shift_over_su_mean_lt                 ? 
_refine.pdbx_ls_sigma_I                          ? 
_refine.pdbx_ls_sigma_F                          0.000 
_refine.pdbx_ls_sigma_Fsqd                       ? 
_refine.pdbx_data_cutoff_high_absF               ? 
_refine.pdbx_data_cutoff_high_rms_absF           ? 
_refine.pdbx_data_cutoff_low_absF                ? 
_refine.pdbx_isotropic_thermal_model             ? 
_refine.pdbx_ls_cross_valid_method               THROUGHOUT 
_refine.pdbx_method_to_determine_struct          'MOLECULAR REPLACEMENT' 
_refine.pdbx_starting_model                      ? 
_refine.pdbx_stereochemistry_target_values       ? 
_refine.pdbx_R_Free_selection_details            RANDOM 
_refine.pdbx_stereochem_target_val_spec_case     ? 
_refine.pdbx_overall_ESU_R                       ? 
_refine.pdbx_overall_ESU_R_Free                  ? 
_refine.pdbx_solvent_vdw_probe_radii             ? 
_refine.pdbx_solvent_ion_probe_radii             ? 
_refine.pdbx_solvent_shrinkage_radii             ? 
_refine.pdbx_real_space_R                        ? 
_refine.pdbx_density_correlation                 ? 
_refine.pdbx_pd_number_of_powder_patterns        ? 
_refine.pdbx_pd_number_of_points                 ? 
_refine.pdbx_pd_meas_number_of_points            ? 
_refine.pdbx_pd_proc_ls_prof_R_factor            ? 
_refine.pdbx_pd_proc_ls_prof_wR_factor           ? 
_refine.pdbx_pd_Marquardt_correlation_coeff      ? 
_refine.pdbx_pd_Fsqrd_R_factor                   ? 
_refine.pdbx_pd_ls_matrix_band_width             ? 
_refine.pdbx_overall_phase_error                 ? 
_refine.pdbx_overall_SU_R_free_Cruickshank_DPI   0.0790 
_refine.pdbx_overall_SU_R_free_Blow_DPI          0.0790 
_refine.pdbx_overall_SU_R_Blow_DPI               0.0790 
_refine.pdbx_TLS_residual_ADP_flag               ? 
_refine.pdbx_diffrn_id                           1 
_refine.overall_SU_B                             ? 
_refine.overall_SU_ML                            ? 
_refine.overall_SU_R_Cruickshank_DPI             0.0780 
_refine.overall_SU_R_free                        ? 
_refine.overall_FOM_free_R_set                   ? 
_refine.overall_FOM_work_R_set                   ? 
_refine.pdbx_average_fsc_overall                 ? 
_refine.pdbx_average_fsc_work                    ? 
_refine.pdbx_average_fsc_free                    ? 
# 
_refine_analyze.entry_id                        5D6V 
_refine_analyze.pdbx_refine_id                  'X-RAY DIFFRACTION' 
_refine_analyze.Luzzati_coordinate_error_free   ? 
_refine_analyze.Luzzati_coordinate_error_obs    0.174 
_refine_analyze.Luzzati_d_res_low_free          ? 
_refine_analyze.Luzzati_d_res_low_obs           ? 
_refine_analyze.Luzzati_sigma_a_free            ? 
_refine_analyze.Luzzati_sigma_a_free_details    ? 
_refine_analyze.Luzzati_sigma_a_obs             ? 
_refine_analyze.Luzzati_sigma_a_obs_details     ? 
_refine_analyze.number_disordered_residues      ? 
_refine_analyze.occupancy_sum_hydrogen          ? 
_refine_analyze.occupancy_sum_non_hydrogen      ? 
_refine_analyze.RG_d_res_high                   ? 
_refine_analyze.RG_d_res_low                    ? 
_refine_analyze.RG_free                         ? 
_refine_analyze.RG_work                         ? 
_refine_analyze.RG_free_work_ratio              ? 
_refine_analyze.pdbx_Luzzati_d_res_high_obs     ? 
# 
_refine_hist.cycle_id                         final 
_refine_hist.pdbx_refine_id                   'X-RAY DIFFRACTION' 
_refine_hist.d_res_high                       1.5000 
_refine_hist.d_res_low                        58.7800 
_refine_hist.pdbx_number_atoms_ligand         0 
_refine_hist.number_atoms_solvent             33 
_refine_hist.number_atoms_total               653 
_refine_hist.pdbx_number_residues_total       90 
_refine_hist.pdbx_B_iso_mean_solvent          27.14 
_refine_hist.pdbx_number_atoms_protein        620 
_refine_hist.pdbx_number_atoms_nucleic_acid   0 
# 
loop_
_refine_ls_restr.pdbx_refine_id 
_refine_ls_restr.criterion 
_refine_ls_restr.dev_ideal 
_refine_ls_restr.dev_ideal_target 
_refine_ls_restr.number 
_refine_ls_restr.rejects 
_refine_ls_restr.type 
_refine_ls_restr.weight 
_refine_ls_restr.pdbx_restraint_function 
'X-RAY DIFFRACTION' ? ?      ? 221 ? t_dihedral_angle_d        2.000  SINUSOIDAL   
'X-RAY DIFFRACTION' ? ?      ? 13  ? t_trig_c_planes           2.000  HARMONIC     
'X-RAY DIFFRACTION' ? ?      ? 98  ? t_gen_planes              5.000  HARMONIC     
'X-RAY DIFFRACTION' ? ?      ? 633 ? t_it                      20.000 HARMONIC     
'X-RAY DIFFRACTION' ? ?      ? ?   ? t_nbd                     ?      ?            
'X-RAY DIFFRACTION' ? ?      ? ?   ? t_improper_torsion        ?      ?            
'X-RAY DIFFRACTION' ? ?      ? ?   ? t_pseud_angle             ?      ?            
'X-RAY DIFFRACTION' ? ?      ? 88  ? t_chiral_improper_torsion 5.000  SEMIHARMONIC 
'X-RAY DIFFRACTION' ? ?      ? ?   ? t_sum_occupancies         ?      ?            
'X-RAY DIFFRACTION' ? ?      ? ?   ? t_utility_distance        ?      ?            
'X-RAY DIFFRACTION' ? ?      ? ?   ? t_utility_angle           ?      ?            
'X-RAY DIFFRACTION' ? ?      ? ?   ? t_utility_torsion         ?      ?            
'X-RAY DIFFRACTION' ? ?      ? 790 ? t_ideal_dist_contact      4.000  SEMIHARMONIC 
'X-RAY DIFFRACTION' ? 0.010  ? 633 ? t_bond_d                  2.000  HARMONIC     
'X-RAY DIFFRACTION' ? 1.170  ? 863 ? t_angle_deg               2.000  HARMONIC     
'X-RAY DIFFRACTION' ? 3.500  ? ?   ? t_omega_torsion           ?      ?            
'X-RAY DIFFRACTION' ? 15.120 ? ?   ? t_other_torsion           ?      ?            
# 
_refine_ls_shell.pdbx_refine_id                   'X-RAY DIFFRACTION' 
_refine_ls_shell.d_res_high                       1.5000 
_refine_ls_shell.d_res_low                        1.6400 
_refine_ls_shell.number_reflns_all                2682 
_refine_ls_shell.number_reflns_obs                ? 
_refine_ls_shell.number_reflns_R_free             268 
_refine_ls_shell.number_reflns_R_work             2414 
_refine_ls_shell.percent_reflns_obs               99.9400 
_refine_ls_shell.percent_reflns_R_free            9.9900 
_refine_ls_shell.R_factor_all                     0.1849 
_refine_ls_shell.R_factor_obs                     ? 
_refine_ls_shell.R_factor_R_free                  0.2294 
_refine_ls_shell.R_factor_R_free_error            ? 
_refine_ls_shell.R_factor_R_work                  0.1800 
_refine_ls_shell.redundancy_reflns_all            ? 
_refine_ls_shell.redundancy_reflns_obs            ? 
_refine_ls_shell.wR_factor_all                    ? 
_refine_ls_shell.wR_factor_obs                    ? 
_refine_ls_shell.wR_factor_R_free                 ? 
_refine_ls_shell.wR_factor_R_work                 ? 
_refine_ls_shell.pdbx_total_number_of_bins_used   6 
_refine_ls_shell.pdbx_phase_error                 ? 
_refine_ls_shell.pdbx_fsc_work                    ? 
_refine_ls_shell.pdbx_fsc_free                    ? 
# 
_struct.entry_id                     5D6V 
_struct.title                        'PduJ K25A mutant, from Salmonella enterica serovar Typhimurium LT2, PduJ mutant' 
_struct.pdbx_model_details           'Bacterial Microcompartment shell protein' 
_struct.pdbx_formula_weight          ? 
_struct.pdbx_formula_weight_method   ? 
_struct.pdbx_model_type_details      ? 
_struct.pdbx_CASP_flag               ? 
# 
_struct_keywords.entry_id        5D6V 
_struct_keywords.text            'Bacterial Microcompartment shell protein, STRUCTURAL PROTEIN' 
_struct_keywords.pdbx_keywords   'STRUCTURAL PROTEIN' 
# 
loop_
_struct_asym.id 
_struct_asym.pdbx_blank_PDB_chainid_flag 
_struct_asym.pdbx_modified 
_struct_asym.entity_id 
_struct_asym.details 
A N N 1 ? 
B N N 2 ? 
# 
_struct_ref.id                         1 
_struct_ref.db_name                    UNP 
_struct_ref.db_code                    Q7BV81_SALTM 
_struct_ref.pdbx_db_accession          Q7BV81 
_struct_ref.pdbx_db_isoform            ? 
_struct_ref.entity_id                  1 
_struct_ref.pdbx_seq_one_letter_code   
;NNALGLVETKGLVGAIEAADAMVKSANVQLVGYEKIGSGLVTVMVRGDVGAVKAAVDAGSAAASVVGEVKSCHVIPRPHS
DVEAILPKSA
;
_struct_ref.pdbx_align_begin           2 
# 
_struct_ref_seq.align_id                      1 
_struct_ref_seq.ref_id                        1 
_struct_ref_seq.pdbx_PDB_id_code              5D6V 
_struct_ref_seq.pdbx_strand_id                A 
_struct_ref_seq.seq_align_beg                 8 
_struct_ref_seq.pdbx_seq_align_beg_ins_code   ? 
_struct_ref_seq.seq_align_end                 97 
_struct_ref_seq.pdbx_seq_align_end_ins_code   ? 
_struct_ref_seq.pdbx_db_accession             Q7BV81 
_struct_ref_seq.db_align_beg                  2 
_struct_ref_seq.pdbx_db_align_beg_ins_code    ? 
_struct_ref_seq.db_align_end                  91 
_struct_ref_seq.pdbx_db_align_end_ins_code    ? 
_struct_ref_seq.pdbx_auth_seq_align_beg       2 
_struct_ref_seq.pdbx_auth_seq_align_end       91 
# 
loop_
_struct_ref_seq_dif.align_id 
_struct_ref_seq_dif.pdbx_pdb_id_code 
_struct_ref_seq_dif.mon_id 
_struct_ref_seq_dif.pdbx_pdb_strand_id 
_struct_ref_seq_dif.seq_num 
_struct_ref_seq_dif.pdbx_pdb_ins_code 
_struct_ref_seq_dif.pdbx_seq_db_name 
_struct_ref_seq_dif.pdbx_seq_db_accession_code 
_struct_ref_seq_dif.db_mon_id 
_struct_ref_seq_dif.pdbx_seq_db_seq_num 
_struct_ref_seq_dif.details 
_struct_ref_seq_dif.pdbx_auth_seq_num 
_struct_ref_seq_dif.pdbx_ordinal 
1 5D6V MET A 1  ? UNP Q7BV81 ?   ?  'initiating methionine' -5 1 
1 5D6V HIS A 2  ? UNP Q7BV81 ?   ?  'expression tag'        -4 2 
1 5D6V HIS A 3  ? UNP Q7BV81 ?   ?  'expression tag'        -3 3 
1 5D6V HIS A 4  ? UNP Q7BV81 ?   ?  'expression tag'        -2 4 
1 5D6V HIS A 5  ? UNP Q7BV81 ?   ?  'expression tag'        -1 5 
1 5D6V HIS A 6  ? UNP Q7BV81 ?   ?  'expression tag'        0  6 
1 5D6V HIS A 7  ? UNP Q7BV81 ?   ?  'expression tag'        1  7 
1 5D6V ALA A 31 ? UNP Q7BV81 LYS 25 'engineered mutation'   25 8 
# 
_pdbx_struct_assembly.id                   1 
_pdbx_struct_assembly.details              author_and_software_defined_assembly 
_pdbx_struct_assembly.method_details       PISA 
_pdbx_struct_assembly.oligomeric_details   hexameric 
_pdbx_struct_assembly.oligomeric_count     6 
# 
loop_
_pdbx_struct_assembly_prop.biol_id 
_pdbx_struct_assembly_prop.type 
_pdbx_struct_assembly_prop.value 
_pdbx_struct_assembly_prop.details 
1 'ABSA (A^2)' 10170 ? 
1 MORE         -88   ? 
1 'SSA (A^2)'  19110 ? 
# 
_pdbx_struct_assembly_gen.assembly_id       1 
_pdbx_struct_assembly_gen.oper_expression   1,2,3,4,5,6 
_pdbx_struct_assembly_gen.asym_id_list      A,B 
# 
loop_
_pdbx_struct_oper_list.id 
_pdbx_struct_oper_list.type 
_pdbx_struct_oper_list.name 
_pdbx_struct_oper_list.symmetry_operation 
_pdbx_struct_oper_list.matrix[1][1] 
_pdbx_struct_oper_list.matrix[1][2] 
_pdbx_struct_oper_list.matrix[1][3] 
_pdbx_struct_oper_list.vector[1] 
_pdbx_struct_oper_list.matrix[2][1] 
_pdbx_struct_oper_list.matrix[2][2] 
_pdbx_struct_oper_list.matrix[2][3] 
_pdbx_struct_oper_list.vector[2] 
_pdbx_struct_oper_list.matrix[3][1] 
_pdbx_struct_oper_list.matrix[3][2] 
_pdbx_struct_oper_list.matrix[3][3] 
_pdbx_struct_oper_list.vector[3] 
1 'identity operation'         1_555 x,y,z     1.0000000000  0.0000000000  0.0000000000  0.0000000000  0.0000000000  1.0000000000  0.0000000000  0.0000000000   0.0000000000  0.0000000000  1.0000000000 0.0000000000   
2 'crystal symmetry operation' 2_555 -y,x-y,z  -0.4422137594 -0.8954833532 0.0505623895  10.2968335071 0.7407572940  -0.3964279682 -0.5423315383 -34.9817759464 0.5056932098  -0.2023720095 0.8386417277 -11.8697644384 
3 'crystal symmetry operation' 3_555 -x+y,-x,z -0.4422137594 0.7407572940  0.5056932098  36.4688664220 -0.8954833532 -0.3964279682 -0.2023720095 -7.0492194498  0.0505623895  -0.5423315383 0.8386417277 -9.5378731119  
4 'crystal symmetry operation' 4_555 -x,-y,z   -0.9229516792 -0.1031507061 0.3708370662  31.1771332861 -0.1031507061 -0.8619039577 -0.4964690319 -28.0206635974 0.3708370662  -0.4964690319 0.7848556369 -14.2717583668 
5 'crystal symmetry operation' 5_555 y,-x+y,z  0.5192620802  0.7923326471  0.3202746767  20.8802997790 -0.8439080001 0.5345240106  0.0458625064  6.9611123489   -0.1348561436 -0.2940970223 0.9462139092 -2.4019939284  
6 'crystal symmetry operation' 6_555 x-y,x,z   0.5192620802  -0.8439080001 -0.1348561436 -5.2917331360 0.7923326471  0.5345240106  -0.2940970223 -20.9714441477 0.3202746767  0.0458625064  0.9462139092 -4.7338852550 
# 
loop_
_struct_conf.conf_type_id 
_struct_conf.id 
_struct_conf.pdbx_PDB_helix_id 
_struct_conf.beg_label_comp_id 
_struct_conf.beg_label_asym_id 
_struct_conf.beg_label_seq_id 
_struct_conf.pdbx_beg_PDB_ins_code 
_struct_conf.end_label_comp_id 
_struct_conf.end_label_asym_id 
_struct_conf.end_label_seq_id 
_struct_conf.pdbx_end_PDB_ins_code 
_struct_conf.beg_auth_comp_id 
_struct_conf.beg_auth_asym_id 
_struct_conf.beg_auth_seq_id 
_struct_conf.end_auth_comp_id 
_struct_conf.end_auth_asym_id 
_struct_conf.end_auth_seq_id 
_struct_conf.pdbx_PDB_helix_class 
_struct_conf.details 
_struct_conf.pdbx_PDB_helix_length 
HELX_P HELX_P1 AA1 GLY A 18 ? ALA A 33 ? GLY A 12 ALA A 27 1 ? 16 
HELX_P HELX_P2 AA2 ASP A 55 ? GLY A 74 ? ASP A 49 GLY A 68 1 ? 20 
HELX_P HELX_P3 AA3 HIS A 86 ? LEU A 93 ? HIS A 80 LEU A 87 5 ? 8  
# 
_struct_conf_type.id          HELX_P 
_struct_conf_type.criteria    ? 
_struct_conf_type.reference   ? 
# 
_struct_sheet.id               AA1 
_struct_sheet.type             ? 
_struct_sheet.number_strands   4 
_struct_sheet.details          ? 
# 
loop_
_struct_sheet_order.sheet_id 
_struct_sheet_order.range_id_1 
_struct_sheet_order.range_id_2 
_struct_sheet_order.offset 
_struct_sheet_order.sense 
AA1 1 2 ? anti-parallel 
AA1 2 3 ? anti-parallel 
AA1 3 4 ? anti-parallel 
# 
loop_
_struct_sheet_range.sheet_id 
_struct_sheet_range.id 
_struct_sheet_range.beg_label_comp_id 
_struct_sheet_range.beg_label_asym_id 
_struct_sheet_range.beg_label_seq_id 
_struct_sheet_range.pdbx_beg_PDB_ins_code 
_struct_sheet_range.end_label_comp_id 
_struct_sheet_range.end_label_asym_id 
_struct_sheet_range.end_label_seq_id 
_struct_sheet_range.pdbx_end_PDB_ins_code 
_struct_sheet_range.beg_auth_comp_id 
_struct_sheet_range.beg_auth_asym_id 
_struct_sheet_range.beg_auth_seq_id 
_struct_sheet_range.end_auth_comp_id 
_struct_sheet_range.end_auth_asym_id 
_struct_sheet_range.end_auth_seq_id 
AA1 1 GLN A 36 ? GLY A 44 ? GLN A 30 GLY A 38 
AA1 2 LEU A 47 ? GLY A 54 ? LEU A 41 GLY A 48 
AA1 3 ALA A 10 ? LYS A 17 ? ALA A 4  LYS A 11 
AA1 4 GLU A 75 ? ILE A 82 ? GLU A 69 ILE A 76 
# 
loop_
_pdbx_struct_sheet_hbond.sheet_id 
_pdbx_struct_sheet_hbond.range_id_1 
_pdbx_struct_sheet_hbond.range_id_2 
_pdbx_struct_sheet_hbond.range_1_label_atom_id 
_pdbx_struct_sheet_hbond.range_1_label_comp_id 
_pdbx_struct_sheet_hbond.range_1_label_asym_id 
_pdbx_struct_sheet_hbond.range_1_label_seq_id 
_pdbx_struct_sheet_hbond.range_1_PDB_ins_code 
_pdbx_struct_sheet_hbond.range_1_auth_atom_id 
_pdbx_struct_sheet_hbond.range_1_auth_comp_id 
_pdbx_struct_sheet_hbond.range_1_auth_asym_id 
_pdbx_struct_sheet_hbond.range_1_auth_seq_id 
_pdbx_struct_sheet_hbond.range_2_label_atom_id 
_pdbx_struct_sheet_hbond.range_2_label_comp_id 
_pdbx_struct_sheet_hbond.range_2_label_asym_id 
_pdbx_struct_sheet_hbond.range_2_label_seq_id 
_pdbx_struct_sheet_hbond.range_2_PDB_ins_code 
_pdbx_struct_sheet_hbond.range_2_auth_atom_id 
_pdbx_struct_sheet_hbond.range_2_auth_comp_id 
_pdbx_struct_sheet_hbond.range_2_auth_asym_id 
_pdbx_struct_sheet_hbond.range_2_auth_seq_id 
AA1 1 2 N VAL A 38 ? N VAL A 32 O MET A 51 ? O MET A 45 
AA1 2 3 O VAL A 50 ? O VAL A 44 N VAL A 14 ? N VAL A 8  
AA1 3 4 N GLU A 15 ? N GLU A 9  O LYS A 77 ? O LYS A 71 
# 
_pdbx_validate_torsion.id              1 
_pdbx_validate_torsion.PDB_model_num   1 
_pdbx_validate_torsion.auth_comp_id    TYR 
_pdbx_validate_torsion.auth_asym_id    A 
_pdbx_validate_torsion.auth_seq_id     34 
_pdbx_validate_torsion.PDB_ins_code    ? 
_pdbx_validate_torsion.label_alt_id    ? 
_pdbx_validate_torsion.phi             -157.43 
_pdbx_validate_torsion.psi             86.91 
# 
_pdbx_point_symmetry.entry_id             5D6V 
_pdbx_point_symmetry.Schoenflies_symbol   C 
_pdbx_point_symmetry.circular_symmetry    6 
_pdbx_point_symmetry.H-M_notation         ? 
# 
_pdbx_struct_special_symmetry.id              1 
_pdbx_struct_special_symmetry.PDB_model_num   1 
_pdbx_struct_special_symmetry.auth_asym_id    A 
_pdbx_struct_special_symmetry.auth_comp_id    HOH 
_pdbx_struct_special_symmetry.auth_seq_id     132 
_pdbx_struct_special_symmetry.PDB_ins_code    ? 
_pdbx_struct_special_symmetry.label_asym_id   B 
_pdbx_struct_special_symmetry.label_comp_id   HOH 
_pdbx_struct_special_symmetry.label_seq_id    . 
# 
_pdbx_refine_tls.id               1 
_pdbx_refine_tls.pdbx_refine_id   'X-RAY DIFFRACTION' 
_pdbx_refine_tls.details          ? 
_pdbx_refine_tls.method           refined 
_pdbx_refine_tls.origin_x         0.5876 
_pdbx_refine_tls.origin_y         0.5768 
_pdbx_refine_tls.origin_z         -0.3949 
_pdbx_refine_tls.T[1][1]          -0.0308 
_pdbx_refine_tls.T[1][1]_esd      ? 
_pdbx_refine_tls.T[1][2]          0.0077 
_pdbx_refine_tls.T[1][2]_esd      ? 
_pdbx_refine_tls.T[1][3]          0.0134 
_pdbx_refine_tls.T[1][3]_esd      ? 
_pdbx_refine_tls.T[2][2]          -0.0445 
_pdbx_refine_tls.T[2][2]_esd      ? 
_pdbx_refine_tls.T[2][3]          -0.0176 
_pdbx_refine_tls.T[2][3]_esd      ? 
_pdbx_refine_tls.T[3][3]          0.0226 
_pdbx_refine_tls.T[3][3]_esd      ? 
_pdbx_refine_tls.L[1][1]          1.1845 
_pdbx_refine_tls.L[1][1]_esd      ? 
_pdbx_refine_tls.L[1][2]          0.8872 
_pdbx_refine_tls.L[1][2]_esd      ? 
_pdbx_refine_tls.L[1][3]          -0.0195 
_pdbx_refine_tls.L[1][3]_esd      ? 
_pdbx_refine_tls.L[2][2]          2.0447 
_pdbx_refine_tls.L[2][2]_esd      ? 
_pdbx_refine_tls.L[2][3]          -0.1478 
_pdbx_refine_tls.L[2][3]_esd      ? 
_pdbx_refine_tls.L[3][3]          0.4283 
_pdbx_refine_tls.L[3][3]_esd      ? 
_pdbx_refine_tls.S[1][1]          -0.0104 
_pdbx_refine_tls.S[1][1]_esd      ? 
_pdbx_refine_tls.S[1][2]          0.0292 
_pdbx_refine_tls.S[1][2]_esd      ? 
_pdbx_refine_tls.S[1][3]          -0.0079 
_pdbx_refine_tls.S[1][3]_esd      ? 
_pdbx_refine_tls.S[2][1]          -0.0122 
_pdbx_refine_tls.S[2][1]_esd      ? 
_pdbx_refine_tls.S[2][2]          -0.0115 
_pdbx_refine_tls.S[2][2]_esd      ? 
_pdbx_refine_tls.S[2][3]          -0.0695 
_pdbx_refine_tls.S[2][3]_esd      ? 
_pdbx_refine_tls.S[3][1]          0.0119 
_pdbx_refine_tls.S[3][1]_esd      ? 
_pdbx_refine_tls.S[3][2]          0.0062 
_pdbx_refine_tls.S[3][2]_esd      ? 
_pdbx_refine_tls.S[3][3]          0.0219 
_pdbx_refine_tls.S[3][3]_esd      ? 
# 
_pdbx_refine_tls_group.id                  1 
_pdbx_refine_tls_group.pdbx_refine_id      'X-RAY DIFFRACTION' 
_pdbx_refine_tls_group.refine_tls_id       1 
_pdbx_refine_tls_group.beg_label_asym_id   ? 
_pdbx_refine_tls_group.beg_label_seq_id    ? 
_pdbx_refine_tls_group.beg_auth_asym_id    A 
_pdbx_refine_tls_group.beg_auth_seq_id     2 
_pdbx_refine_tls_group.end_label_asym_id   ? 
_pdbx_refine_tls_group.end_label_seq_id    ? 
_pdbx_refine_tls_group.end_auth_asym_id    A 
_pdbx_refine_tls_group.end_auth_seq_id     91 
_pdbx_refine_tls_group.selection           ? 
_pdbx_refine_tls_group.selection_details   '{ A|* }' 
# 
_pdbx_phasing_MR.entry_id                     5D6V 
_pdbx_phasing_MR.method_rotation              ? 
_pdbx_phasing_MR.method_translation           ? 
_pdbx_phasing_MR.model_details                'Phaser MODE: MR_AUTO' 
_pdbx_phasing_MR.R_factor                     ? 
_pdbx_phasing_MR.R_rigid_body                 ? 
_pdbx_phasing_MR.correlation_coeff_Fo_to_Fc   ? 
_pdbx_phasing_MR.correlation_coeff_Io_to_Ic   ? 
_pdbx_phasing_MR.d_res_high_rotation          3.290 
_pdbx_phasing_MR.d_res_low_rotation           58.870 
_pdbx_phasing_MR.d_res_high_translation       3.290 
_pdbx_phasing_MR.d_res_low_translation        58.870 
_pdbx_phasing_MR.packing                      ? 
_pdbx_phasing_MR.reflns_percent_rotation      ? 
_pdbx_phasing_MR.reflns_percent_translation   ? 
_pdbx_phasing_MR.sigma_F_rotation             ? 
_pdbx_phasing_MR.sigma_F_translation          ? 
_pdbx_phasing_MR.sigma_I_rotation             ? 
_pdbx_phasing_MR.sigma_I_translation          ? 
# 
_phasing.method   MR 
# 
loop_
_pdbx_unobs_or_zero_occ_residues.id 
_pdbx_unobs_or_zero_occ_residues.PDB_model_num 
_pdbx_unobs_or_zero_occ_residues.polymer_flag 
_pdbx_unobs_or_zero_occ_residues.occupancy_flag 
_pdbx_unobs_or_zero_occ_residues.auth_asym_id 
_pdbx_unobs_or_zero_occ_residues.auth_comp_id 
_pdbx_unobs_or_zero_occ_residues.auth_seq_id 
_pdbx_unobs_or_zero_occ_residues.PDB_ins_code 
_pdbx_unobs_or_zero_occ_residues.label_asym_id 
_pdbx_unobs_or_zero_occ_residues.label_comp_id 
_pdbx_unobs_or_zero_occ_residues.label_seq_id 
1 1 Y 1 A MET -5 ? A MET 1 
2 1 Y 1 A HIS -4 ? A HIS 2 
3 1 Y 1 A HIS -3 ? A HIS 3 
4 1 Y 1 A HIS -2 ? A HIS 4 
5 1 Y 1 A HIS -1 ? A HIS 5 
6 1 Y 1 A HIS 0  ? A HIS 6 
7 1 Y 1 A HIS 1  ? A HIS 7 
# 
loop_
_chem_comp_atom.comp_id 
_chem_comp_atom.atom_id 
_chem_comp_atom.type_symbol 
_chem_comp_atom.pdbx_aromatic_flag 
_chem_comp_atom.pdbx_stereo_config 
_chem_comp_atom.pdbx_ordinal 
ALA N    N N N 1   
ALA CA   C N S 2   
ALA C    C N N 3   
ALA O    O N N 4   
ALA CB   C N N 5   
ALA OXT  O N N 6   
ALA H    H N N 7   
ALA H2   H N N 8   
ALA HA   H N N 9   
ALA HB1  H N N 10  
ALA HB2  H N N 11  
ALA HB3  H N N 12  
ALA HXT  H N N 13  
ARG N    N N N 14  
ARG CA   C N S 15  
ARG C    C N N 16  
ARG O    O N N 17  
ARG CB   C N N 18  
ARG CG   C N N 19  
ARG CD   C N N 20  
ARG NE   N N N 21  
ARG CZ   C N N 22  
ARG NH1  N N N 23  
ARG NH2  N N N 24  
ARG OXT  O N N 25  
ARG H    H N N 26  
ARG H2   H N N 27  
ARG HA   H N N 28  
ARG HB2  H N N 29  
ARG HB3  H N N 30  
ARG HG2  H N N 31  
ARG HG3  H N N 32  
ARG HD2  H N N 33  
ARG HD3  H N N 34  
ARG HE   H N N 35  
ARG HH11 H N N 36  
ARG HH12 H N N 37  
ARG HH21 H N N 38  
ARG HH22 H N N 39  
ARG HXT  H N N 40  
ASN N    N N N 41  
ASN CA   C N S 42  
ASN C    C N N 43  
ASN O    O N N 44  
ASN CB   C N N 45  
ASN CG   C N N 46  
ASN OD1  O N N 47  
ASN ND2  N N N 48  
ASN OXT  O N N 49  
ASN H    H N N 50  
ASN H2   H N N 51  
ASN HA   H N N 52  
ASN HB2  H N N 53  
ASN HB3  H N N 54  
ASN HD21 H N N 55  
ASN HD22 H N N 56  
ASN HXT  H N N 57  
ASP N    N N N 58  
ASP CA   C N S 59  
ASP C    C N N 60  
ASP O    O N N 61  
ASP CB   C N N 62  
ASP CG   C N N 63  
ASP OD1  O N N 64  
ASP OD2  O N N 65  
ASP OXT  O N N 66  
ASP H    H N N 67  
ASP H2   H N N 68  
ASP HA   H N N 69  
ASP HB2  H N N 70  
ASP HB3  H N N 71  
ASP HD2  H N N 72  
ASP HXT  H N N 73  
CYS N    N N N 74  
CYS CA   C N R 75  
CYS C    C N N 76  
CYS O    O N N 77  
CYS CB   C N N 78  
CYS SG   S N N 79  
CYS OXT  O N N 80  
CYS H    H N N 81  
CYS H2   H N N 82  
CYS HA   H N N 83  
CYS HB2  H N N 84  
CYS HB3  H N N 85  
CYS HG   H N N 86  
CYS HXT  H N N 87  
GLN N    N N N 88  
GLN CA   C N S 89  
GLN C    C N N 90  
GLN O    O N N 91  
GLN CB   C N N 92  
GLN CG   C N N 93  
GLN CD   C N N 94  
GLN OE1  O N N 95  
GLN NE2  N N N 96  
GLN OXT  O N N 97  
GLN H    H N N 98  
GLN H2   H N N 99  
GLN HA   H N N 100 
GLN HB2  H N N 101 
GLN HB3  H N N 102 
GLN HG2  H N N 103 
GLN HG3  H N N 104 
GLN HE21 H N N 105 
GLN HE22 H N N 106 
GLN HXT  H N N 107 
GLU N    N N N 108 
GLU CA   C N S 109 
GLU C    C N N 110 
GLU O    O N N 111 
GLU CB   C N N 112 
GLU CG   C N N 113 
GLU CD   C N N 114 
GLU OE1  O N N 115 
GLU OE2  O N N 116 
GLU OXT  O N N 117 
GLU H    H N N 118 
GLU H2   H N N 119 
GLU HA   H N N 120 
GLU HB2  H N N 121 
GLU HB3  H N N 122 
GLU HG2  H N N 123 
GLU HG3  H N N 124 
GLU HE2  H N N 125 
GLU HXT  H N N 126 
GLY N    N N N 127 
GLY CA   C N N 128 
GLY C    C N N 129 
GLY O    O N N 130 
GLY OXT  O N N 131 
GLY H    H N N 132 
GLY H2   H N N 133 
GLY HA2  H N N 134 
GLY HA3  H N N 135 
GLY HXT  H N N 136 
HIS N    N N N 137 
HIS CA   C N S 138 
HIS C    C N N 139 
HIS O    O N N 140 
HIS CB   C N N 141 
HIS CG   C Y N 142 
HIS ND1  N Y N 143 
HIS CD2  C Y N 144 
HIS CE1  C Y N 145 
HIS NE2  N Y N 146 
HIS OXT  O N N 147 
HIS H    H N N 148 
HIS H2   H N N 149 
HIS HA   H N N 150 
HIS HB2  H N N 151 
HIS HB3  H N N 152 
HIS HD1  H N N 153 
HIS HD2  H N N 154 
HIS HE1  H N N 155 
HIS HE2  H N N 156 
HIS HXT  H N N 157 
HOH O    O N N 158 
HOH H1   H N N 159 
HOH H2   H N N 160 
ILE N    N N N 161 
ILE CA   C N S 162 
ILE C    C N N 163 
ILE O    O N N 164 
ILE CB   C N S 165 
ILE CG1  C N N 166 
ILE CG2  C N N 167 
ILE CD1  C N N 168 
ILE OXT  O N N 169 
ILE H    H N N 170 
ILE H2   H N N 171 
ILE HA   H N N 172 
ILE HB   H N N 173 
ILE HG12 H N N 174 
ILE HG13 H N N 175 
ILE HG21 H N N 176 
ILE HG22 H N N 177 
ILE HG23 H N N 178 
ILE HD11 H N N 179 
ILE HD12 H N N 180 
ILE HD13 H N N 181 
ILE HXT  H N N 182 
LEU N    N N N 183 
LEU CA   C N S 184 
LEU C    C N N 185 
LEU O    O N N 186 
LEU CB   C N N 187 
LEU CG   C N N 188 
LEU CD1  C N N 189 
LEU CD2  C N N 190 
LEU OXT  O N N 191 
LEU H    H N N 192 
LEU H2   H N N 193 
LEU HA   H N N 194 
LEU HB2  H N N 195 
LEU HB3  H N N 196 
LEU HG   H N N 197 
LEU HD11 H N N 198 
LEU HD12 H N N 199 
LEU HD13 H N N 200 
LEU HD21 H N N 201 
LEU HD22 H N N 202 
LEU HD23 H N N 203 
LEU HXT  H N N 204 
LYS N    N N N 205 
LYS CA   C N S 206 
LYS C    C N N 207 
LYS O    O N N 208 
LYS CB   C N N 209 
LYS CG   C N N 210 
LYS CD   C N N 211 
LYS CE   C N N 212 
LYS NZ   N N N 213 
LYS OXT  O N N 214 
LYS H    H N N 215 
LYS H2   H N N 216 
LYS HA   H N N 217 
LYS HB2  H N N 218 
LYS HB3  H N N 219 
LYS HG2  H N N 220 
LYS HG3  H N N 221 
LYS HD2  H N N 222 
LYS HD3  H N N 223 
LYS HE2  H N N 224 
LYS HE3  H N N 225 
LYS HZ1  H N N 226 
LYS HZ2  H N N 227 
LYS HZ3  H N N 228 
LYS HXT  H N N 229 
MET N    N N N 230 
MET CA   C N S 231 
MET C    C N N 232 
MET O    O N N 233 
MET CB   C N N 234 
MET CG   C N N 235 
MET SD   S N N 236 
MET CE   C N N 237 
MET OXT  O N N 238 
MET H    H N N 239 
MET H2   H N N 240 
MET HA   H N N 241 
MET HB2  H N N 242 
MET HB3  H N N 243 
MET HG2  H N N 244 
MET HG3  H N N 245 
MET HE1  H N N 246 
MET HE2  H N N 247 
MET HE3  H N N 248 
MET HXT  H N N 249 
PRO N    N N N 250 
PRO CA   C N S 251 
PRO C    C N N 252 
PRO O    O N N 253 
PRO CB   C N N 254 
PRO CG   C N N 255 
PRO CD   C N N 256 
PRO OXT  O N N 257 
PRO H    H N N 258 
PRO HA   H N N 259 
PRO HB2  H N N 260 
PRO HB3  H N N 261 
PRO HG2  H N N 262 
PRO HG3  H N N 263 
PRO HD2  H N N 264 
PRO HD3  H N N 265 
PRO HXT  H N N 266 
SER N    N N N 267 
SER CA   C N S 268 
SER C    C N N 269 
SER O    O N N 270 
SER CB   C N N 271 
SER OG   O N N 272 
SER OXT  O N N 273 
SER H    H N N 274 
SER H2   H N N 275 
SER HA   H N N 276 
SER HB2  H N N 277 
SER HB3  H N N 278 
SER HG   H N N 279 
SER HXT  H N N 280 
THR N    N N N 281 
THR CA   C N S 282 
THR C    C N N 283 
THR O    O N N 284 
THR CB   C N R 285 
THR OG1  O N N 286 
THR CG2  C N N 287 
THR OXT  O N N 288 
THR H    H N N 289 
THR H2   H N N 290 
THR HA   H N N 291 
THR HB   H N N 292 
THR HG1  H N N 293 
THR HG21 H N N 294 
THR HG22 H N N 295 
THR HG23 H N N 296 
THR HXT  H N N 297 
TYR N    N N N 298 
TYR CA   C N S 299 
TYR C    C N N 300 
TYR O    O N N 301 
TYR CB   C N N 302 
TYR CG   C Y N 303 
TYR CD1  C Y N 304 
TYR CD2  C Y N 305 
TYR CE1  C Y N 306 
TYR CE2  C Y N 307 
TYR CZ   C Y N 308 
TYR OH   O N N 309 
TYR OXT  O N N 310 
TYR H    H N N 311 
TYR H2   H N N 312 
TYR HA   H N N 313 
TYR HB2  H N N 314 
TYR HB3  H N N 315 
TYR HD1  H N N 316 
TYR HD2  H N N 317 
TYR HE1  H N N 318 
TYR HE2  H N N 319 
TYR HH   H N N 320 
TYR HXT  H N N 321 
VAL N    N N N 322 
VAL CA   C N S 323 
VAL C    C N N 324 
VAL O    O N N 325 
VAL CB   C N N 326 
VAL CG1  C N N 327 
VAL CG2  C N N 328 
VAL OXT  O N N 329 
VAL H    H N N 330 
VAL H2   H N N 331 
VAL HA   H N N 332 
VAL HB   H N N 333 
VAL HG11 H N N 334 
VAL HG12 H N N 335 
VAL HG13 H N N 336 
VAL HG21 H N N 337 
VAL HG22 H N N 338 
VAL HG23 H N N 339 
VAL HXT  H N N 340 
# 
loop_
_chem_comp_bond.comp_id 
_chem_comp_bond.atom_id_1 
_chem_comp_bond.atom_id_2 
_chem_comp_bond.value_order 
_chem_comp_bond.pdbx_aromatic_flag 
_chem_comp_bond.pdbx_stereo_config 
_chem_comp_bond.pdbx_ordinal 
ALA N   CA   sing N N 1   
ALA N   H    sing N N 2   
ALA N   H2   sing N N 3   
ALA CA  C    sing N N 4   
ALA CA  CB   sing N N 5   
ALA CA  HA   sing N N 6   
ALA C   O    doub N N 7   
ALA C   OXT  sing N N 8   
ALA CB  HB1  sing N N 9   
ALA CB  HB2  sing N N 10  
ALA CB  HB3  sing N N 11  
ALA OXT HXT  sing N N 12  
ARG N   CA   sing N N 13  
ARG N   H    sing N N 14  
ARG N   H2   sing N N 15  
ARG CA  C    sing N N 16  
ARG CA  CB   sing N N 17  
ARG CA  HA   sing N N 18  
ARG C   O    doub N N 19  
ARG C   OXT  sing N N 20  
ARG CB  CG   sing N N 21  
ARG CB  HB2  sing N N 22  
ARG CB  HB3  sing N N 23  
ARG CG  CD   sing N N 24  
ARG CG  HG2  sing N N 25  
ARG CG  HG3  sing N N 26  
ARG CD  NE   sing N N 27  
ARG CD  HD2  sing N N 28  
ARG CD  HD3  sing N N 29  
ARG NE  CZ   sing N N 30  
ARG NE  HE   sing N N 31  
ARG CZ  NH1  sing N N 32  
ARG CZ  NH2  doub N N 33  
ARG NH1 HH11 sing N N 34  
ARG NH1 HH12 sing N N 35  
ARG NH2 HH21 sing N N 36  
ARG NH2 HH22 sing N N 37  
ARG OXT HXT  sing N N 38  
ASN N   CA   sing N N 39  
ASN N   H    sing N N 40  
ASN N   H2   sing N N 41  
ASN CA  C    sing N N 42  
ASN CA  CB   sing N N 43  
ASN CA  HA   sing N N 44  
ASN C   O    doub N N 45  
ASN C   OXT  sing N N 46  
ASN CB  CG   sing N N 47  
ASN CB  HB2  sing N N 48  
ASN CB  HB3  sing N N 49  
ASN CG  OD1  doub N N 50  
ASN CG  ND2  sing N N 51  
ASN ND2 HD21 sing N N 52  
ASN ND2 HD22 sing N N 53  
ASN OXT HXT  sing N N 54  
ASP N   CA   sing N N 55  
ASP N   H    sing N N 56  
ASP N   H2   sing N N 57  
ASP CA  C    sing N N 58  
ASP CA  CB   sing N N 59  
ASP CA  HA   sing N N 60  
ASP C   O    doub N N 61  
ASP C   OXT  sing N N 62  
ASP CB  CG   sing N N 63  
ASP CB  HB2  sing N N 64  
ASP CB  HB3  sing N N 65  
ASP CG  OD1  doub N N 66  
ASP CG  OD2  sing N N 67  
ASP OD2 HD2  sing N N 68  
ASP OXT HXT  sing N N 69  
CYS N   CA   sing N N 70  
CYS N   H    sing N N 71  
CYS N   H2   sing N N 72  
CYS CA  C    sing N N 73  
CYS CA  CB   sing N N 74  
CYS CA  HA   sing N N 75  
CYS C   O    doub N N 76  
CYS C   OXT  sing N N 77  
CYS CB  SG   sing N N 78  
CYS CB  HB2  sing N N 79  
CYS CB  HB3  sing N N 80  
CYS SG  HG   sing N N 81  
CYS OXT HXT  sing N N 82  
GLN N   CA   sing N N 83  
GLN N   H    sing N N 84  
GLN N   H2   sing N N 85  
GLN CA  C    sing N N 86  
GLN CA  CB   sing N N 87  
GLN CA  HA   sing N N 88  
GLN C   O    doub N N 89  
GLN C   OXT  sing N N 90  
GLN CB  CG   sing N N 91  
GLN CB  HB2  sing N N 92  
GLN CB  HB3  sing N N 93  
GLN CG  CD   sing N N 94  
GLN CG  HG2  sing N N 95  
GLN CG  HG3  sing N N 96  
GLN CD  OE1  doub N N 97  
GLN CD  NE2  sing N N 98  
GLN NE2 HE21 sing N N 99  
GLN NE2 HE22 sing N N 100 
GLN OXT HXT  sing N N 101 
GLU N   CA   sing N N 102 
GLU N   H    sing N N 103 
GLU N   H2   sing N N 104 
GLU CA  C    sing N N 105 
GLU CA  CB   sing N N 106 
GLU CA  HA   sing N N 107 
GLU C   O    doub N N 108 
GLU C   OXT  sing N N 109 
GLU CB  CG   sing N N 110 
GLU CB  HB2  sing N N 111 
GLU CB  HB3  sing N N 112 
GLU CG  CD   sing N N 113 
GLU CG  HG2  sing N N 114 
GLU CG  HG3  sing N N 115 
GLU CD  OE1  doub N N 116 
GLU CD  OE2  sing N N 117 
GLU OE2 HE2  sing N N 118 
GLU OXT HXT  sing N N 119 
GLY N   CA   sing N N 120 
GLY N   H    sing N N 121 
GLY N   H2   sing N N 122 
GLY CA  C    sing N N 123 
GLY CA  HA2  sing N N 124 
GLY CA  HA3  sing N N 125 
GLY C   O    doub N N 126 
GLY C   OXT  sing N N 127 
GLY OXT HXT  sing N N 128 
HIS N   CA   sing N N 129 
HIS N   H    sing N N 130 
HIS N   H2   sing N N 131 
HIS CA  C    sing N N 132 
HIS CA  CB   sing N N 133 
HIS CA  HA   sing N N 134 
HIS C   O    doub N N 135 
HIS C   OXT  sing N N 136 
HIS CB  CG   sing N N 137 
HIS CB  HB2  sing N N 138 
HIS CB  HB3  sing N N 139 
HIS CG  ND1  sing Y N 140 
HIS CG  CD2  doub Y N 141 
HIS ND1 CE1  doub Y N 142 
HIS ND1 HD1  sing N N 143 
HIS CD2 NE2  sing Y N 144 
HIS CD2 HD2  sing N N 145 
HIS CE1 NE2  sing Y N 146 
HIS CE1 HE1  sing N N 147 
HIS NE2 HE2  sing N N 148 
HIS OXT HXT  sing N N 149 
HOH O   H1   sing N N 150 
HOH O   H2   sing N N 151 
ILE N   CA   sing N N 152 
ILE N   H    sing N N 153 
ILE N   H2   sing N N 154 
ILE CA  C    sing N N 155 
ILE CA  CB   sing N N 156 
ILE CA  HA   sing N N 157 
ILE C   O    doub N N 158 
ILE C   OXT  sing N N 159 
ILE CB  CG1  sing N N 160 
ILE CB  CG2  sing N N 161 
ILE CB  HB   sing N N 162 
ILE CG1 CD1  sing N N 163 
ILE CG1 HG12 sing N N 164 
ILE CG1 HG13 sing N N 165 
ILE CG2 HG21 sing N N 166 
ILE CG2 HG22 sing N N 167 
ILE CG2 HG23 sing N N 168 
ILE CD1 HD11 sing N N 169 
ILE CD1 HD12 sing N N 170 
ILE CD1 HD13 sing N N 171 
ILE OXT HXT  sing N N 172 
LEU N   CA   sing N N 173 
LEU N   H    sing N N 174 
LEU N   H2   sing N N 175 
LEU CA  C    sing N N 176 
LEU CA  CB   sing N N 177 
LEU CA  HA   sing N N 178 
LEU C   O    doub N N 179 
LEU C   OXT  sing N N 180 
LEU CB  CG   sing N N 181 
LEU CB  HB2  sing N N 182 
LEU CB  HB3  sing N N 183 
LEU CG  CD1  sing N N 184 
LEU CG  CD2  sing N N 185 
LEU CG  HG   sing N N 186 
LEU CD1 HD11 sing N N 187 
LEU CD1 HD12 sing N N 188 
LEU CD1 HD13 sing N N 189 
LEU CD2 HD21 sing N N 190 
LEU CD2 HD22 sing N N 191 
LEU CD2 HD23 sing N N 192 
LEU OXT HXT  sing N N 193 
LYS N   CA   sing N N 194 
LYS N   H    sing N N 195 
LYS N   H2   sing N N 196 
LYS CA  C    sing N N 197 
LYS CA  CB   sing N N 198 
LYS CA  HA   sing N N 199 
LYS C   O    doub N N 200 
LYS C   OXT  sing N N 201 
LYS CB  CG   sing N N 202 
LYS CB  HB2  sing N N 203 
LYS CB  HB3  sing N N 204 
LYS CG  CD   sing N N 205 
LYS CG  HG2  sing N N 206 
LYS CG  HG3  sing N N 207 
LYS CD  CE   sing N N 208 
LYS CD  HD2  sing N N 209 
LYS CD  HD3  sing N N 210 
LYS CE  NZ   sing N N 211 
LYS CE  HE2  sing N N 212 
LYS CE  HE3  sing N N 213 
LYS NZ  HZ1  sing N N 214 
LYS NZ  HZ2  sing N N 215 
LYS NZ  HZ3  sing N N 216 
LYS OXT HXT  sing N N 217 
MET N   CA   sing N N 218 
MET N   H    sing N N 219 
MET N   H2   sing N N 220 
MET CA  C    sing N N 221 
MET CA  CB   sing N N 222 
MET CA  HA   sing N N 223 
MET C   O    doub N N 224 
MET C   OXT  sing N N 225 
MET CB  CG   sing N N 226 
MET CB  HB2  sing N N 227 
MET CB  HB3  sing N N 228 
MET CG  SD   sing N N 229 
MET CG  HG2  sing N N 230 
MET CG  HG3  sing N N 231 
MET SD  CE   sing N N 232 
MET CE  HE1  sing N N 233 
MET CE  HE2  sing N N 234 
MET CE  HE3  sing N N 235 
MET OXT HXT  sing N N 236 
PRO N   CA   sing N N 237 
PRO N   CD   sing N N 238 
PRO N   H    sing N N 239 
PRO CA  C    sing N N 240 
PRO CA  CB   sing N N 241 
PRO CA  HA   sing N N 242 
PRO C   O    doub N N 243 
PRO C   OXT  sing N N 244 
PRO CB  CG   sing N N 245 
PRO CB  HB2  sing N N 246 
PRO CB  HB3  sing N N 247 
PRO CG  CD   sing N N 248 
PRO CG  HG2  sing N N 249 
PRO CG  HG3  sing N N 250 
PRO CD  HD2  sing N N 251 
PRO CD  HD3  sing N N 252 
PRO OXT HXT  sing N N 253 
SER N   CA   sing N N 254 
SER N   H    sing N N 255 
SER N   H2   sing N N 256 
SER CA  C    sing N N 257 
SER CA  CB   sing N N 258 
SER CA  HA   sing N N 259 
SER C   O    doub N N 260 
SER C   OXT  sing N N 261 
SER CB  OG   sing N N 262 
SER CB  HB2  sing N N 263 
SER CB  HB3  sing N N 264 
SER OG  HG   sing N N 265 
SER OXT HXT  sing N N 266 
THR N   CA   sing N N 267 
THR N   H    sing N N 268 
THR N   H2   sing N N 269 
THR CA  C    sing N N 270 
THR CA  CB   sing N N 271 
THR CA  HA   sing N N 272 
THR C   O    doub N N 273 
THR C   OXT  sing N N 274 
THR CB  OG1  sing N N 275 
THR CB  CG2  sing N N 276 
THR CB  HB   sing N N 277 
THR OG1 HG1  sing N N 278 
THR CG2 HG21 sing N N 279 
THR CG2 HG22 sing N N 280 
THR CG2 HG23 sing N N 281 
THR OXT HXT  sing N N 282 
TYR N   CA   sing N N 283 
TYR N   H    sing N N 284 
TYR N   H2   sing N N 285 
TYR CA  C    sing N N 286 
TYR CA  CB   sing N N 287 
TYR CA  HA   sing N N 288 
TYR C   O    doub N N 289 
TYR C   OXT  sing N N 290 
TYR CB  CG   sing N N 291 
TYR CB  HB2  sing N N 292 
TYR CB  HB3  sing N N 293 
TYR CG  CD1  doub Y N 294 
TYR CG  CD2  sing Y N 295 
TYR CD1 CE1  sing Y N 296 
TYR CD1 HD1  sing N N 297 
TYR CD2 CE2  doub Y N 298 
TYR CD2 HD2  sing N N 299 
TYR CE1 CZ   doub Y N 300 
TYR CE1 HE1  sing N N 301 
TYR CE2 CZ   sing Y N 302 
TYR CE2 HE2  sing N N 303 
TYR CZ  OH   sing N N 304 
TYR OH  HH   sing N N 305 
TYR OXT HXT  sing N N 306 
VAL N   CA   sing N N 307 
VAL N   H    sing N N 308 
VAL N   H2   sing N N 309 
VAL CA  C    sing N N 310 
VAL CA  CB   sing N N 311 
VAL CA  HA   sing N N 312 
VAL C   O    doub N N 313 
VAL C   OXT  sing N N 314 
VAL CB  CG1  sing N N 315 
VAL CB  CG2  sing N N 316 
VAL CB  HB   sing N N 317 
VAL CG1 HG11 sing N N 318 
VAL CG1 HG12 sing N N 319 
VAL CG1 HG13 sing N N 320 
VAL CG2 HG21 sing N N 321 
VAL CG2 HG22 sing N N 322 
VAL CG2 HG23 sing N N 323 
VAL OXT HXT  sing N N 324 
# 
_pdbx_audit_support.funding_organization   
'National Institutes of Health/National Institute of General Medical Sciences (NIH/NIGMS)' 
_pdbx_audit_support.country                'United States' 
_pdbx_audit_support.grant_number           5T32GM008496 
_pdbx_audit_support.ordinal                1 
# 
_atom_sites.entry_id                    5D6V 
_atom_sites.fract_transf_matrix[1][1]   0.00587781 
_atom_sites.fract_transf_matrix[1][2]   0.01565544 
_atom_sites.fract_transf_matrix[1][3]   0.00313344 
_atom_sites.fract_transf_matrix[2][1]   -0.01058166 
_atom_sites.fract_transf_matrix[2][2]   0.01210367 
_atom_sites.fract_transf_matrix[2][3]   0.00556525 
_atom_sites.fract_transf_matrix[3][1]   0.00741216 
_atom_sites.fract_transf_matrix[3][2]   -0.00992324 
_atom_sites.fract_transf_matrix[3][3]   0.03567505 
_atom_sites.fract_transf_vector[1]      0.150071 
_atom_sites.fract_transf_vector[2]      0.374242 
_atom_sites.fract_transf_vector[3]      0.498551 
# 
loop_
_atom_type.symbol 
C 
N 
O 
S 
# 
loop_
_atom_site.group_PDB 
_atom_site.id 
_atom_site.type_symbol 
_atom_site.label_atom_id 
_atom_site.label_alt_id 
_atom_site.label_comp_id 
_atom_site.label_asym_id 
_atom_site.label_entity_id 
_atom_site.label_seq_id 
_atom_site.pdbx_PDB_ins_code 
_atom_site.Cartn_x 
_atom_site.Cartn_y 
_atom_site.Cartn_z 
_atom_site.occupancy 
_atom_site.B_iso_or_equiv 
_atom_site.pdbx_formal_charge 
_atom_site.auth_seq_id 
_atom_site.auth_comp_id 
_atom_site.auth_asym_id 
_atom_site.auth_atom_id 
_atom_site.pdbx_PDB_model_num 
ATOM   1   N N   . ASN A 1 8  ? -0.587  15.740  -6.325  1.00 41.29 ? 2   ASN A N   1 
ATOM   2   C CA  . ASN A 1 8  ? 0.462   15.314  -5.393  1.00 40.02 ? 2   ASN A CA  1 
ATOM   3   C C   . ASN A 1 8  ? -0.173  14.863  -4.070  1.00 38.43 ? 2   ASN A C   1 
ATOM   4   O O   . ASN A 1 8  ? 0.140   15.371  -2.985  1.00 39.04 ? 2   ASN A O   1 
ATOM   5   C CB  . ASN A 1 8  ? 1.485   16.433  -5.174  1.00 47.55 ? 2   ASN A CB  1 
ATOM   6   C CG  . ASN A 1 8  ? 2.850   15.961  -4.736  1.00 80.02 ? 2   ASN A CG  1 
ATOM   7   O OD1 . ASN A 1 8  ? 3.195   14.775  -4.806  1.00 74.55 ? 2   ASN A OD1 1 
ATOM   8   N ND2 . ASN A 1 8  ? 3.678   16.900  -4.321  1.00 75.18 ? 2   ASN A ND2 1 
ATOM   9   N N   . ASN A 1 9  ? -1.073  13.890  -4.181  1.00 29.20 ? 3   ASN A N   1 
ATOM   10  C CA  . ASN A 1 9  ? -1.796  13.359  -3.041  1.00 26.55 ? 3   ASN A CA  1 
ATOM   11  C C   . ASN A 1 9  ? -0.940  12.400  -2.188  1.00 22.04 ? 3   ASN A C   1 
ATOM   12  O O   . ASN A 1 9  ? 0.177   11.995  -2.558  1.00 20.04 ? 3   ASN A O   1 
ATOM   13  C CB  . ASN A 1 9  ? -3.086  12.687  -3.512  1.00 33.87 ? 3   ASN A CB  1 
ATOM   14  C CG  . ASN A 1 9  ? -4.279  13.605  -3.503  1.00 63.00 ? 3   ASN A CG  1 
ATOM   15  O OD1 . ASN A 1 9  ? -4.896  13.851  -2.460  1.00 57.24 ? 3   ASN A OD1 1 
ATOM   16  N ND2 . ASN A 1 9  ? -4.643  14.120  -4.670  1.00 59.08 ? 3   ASN A ND2 1 
ATOM   17  N N   . ALA A 1 10 ? -1.487  12.058  -1.025  1.00 17.97 ? 4   ALA A N   1 
ATOM   18  C CA  . ALA A 1 10 ? -0.859  11.163  -0.075  1.00 15.87 ? 4   ALA A CA  1 
ATOM   19  C C   . ALA A 1 10 ? -0.629  9.764   -0.682  1.00 16.95 ? 4   ALA A C   1 
ATOM   20  O O   . ALA A 1 10 ? -1.367  9.328   -1.573  1.00 16.79 ? 4   ALA A O   1 
ATOM   21  C CB  . ALA A 1 10 ? -1.710  11.053  1.170   1.00 16.60 ? 4   ALA A CB  1 
ATOM   22  N N   . LEU A 1 11 ? 0.422   9.110   -0.234  1.00 13.71 ? 5   LEU A N   1 
ATOM   23  C CA  . LEU A 1 11 ? 0.849   7.789   -0.694  1.00 13.01 ? 5   LEU A CA  1 
ATOM   24  C C   . LEU A 1 11 ? 0.879   6.847   0.474   1.00 14.37 ? 5   LEU A C   1 
ATOM   25  O O   . LEU A 1 11 ? 1.464   7.134   1.501   1.00 14.65 ? 5   LEU A O   1 
ATOM   26  C CB  . LEU A 1 11 ? 2.233   7.933   -1.379  1.00 14.00 ? 5   LEU A CB  1 
ATOM   27  C CG  . LEU A 1 11 ? 2.941   6.651   -1.768  1.00 16.20 ? 5   LEU A CG  1 
ATOM   28  C CD1 . LEU A 1 11 ? 2.244   5.990   -2.947  1.00 16.75 ? 5   LEU A CD1 1 
ATOM   29  C CD2 . LEU A 1 11 ? 4.394   6.961   -2.162  1.00 19.23 ? 5   LEU A CD2 1 
ATOM   30  N N   . GLY A 1 12 ? 0.247   5.681   0.302   1.00 13.01 ? 6   GLY A N   1 
ATOM   31  C CA  . GLY A 1 12 ? 0.220   4.665   1.337   1.00 13.13 ? 6   GLY A CA  1 
ATOM   32  C C   . GLY A 1 12 ? 0.856   3.409   0.807   1.00 14.47 ? 6   GLY A C   1 
ATOM   33  O O   . GLY A 1 12 ? 0.666   3.071   -0.375  1.00 14.02 ? 6   GLY A O   1 
ATOM   34  N N   . LEU A 1 13 ? 1.666   2.752   1.644   1.00 11.77 ? 7   LEU A N   1 
ATOM   35  C CA  . LEU A 1 13 ? 2.435   1.580   1.225   1.00 13.41 ? 7   LEU A CA  1 
ATOM   36  C C   . LEU A 1 13 ? 2.315   0.492   2.216   1.00 14.93 ? 7   LEU A C   1 
ATOM   37  O O   . LEU A 1 13 ? 2.443   0.741   3.420   1.00 14.60 ? 7   LEU A O   1 
ATOM   38  C CB  . LEU A 1 13 ? 3.940   1.952   1.136   1.00 14.57 ? 7   LEU A CB  1 
ATOM   39  C CG  . LEU A 1 13 ? 4.295   3.229   0.408   1.00 19.11 ? 7   LEU A CG  1 
ATOM   40  C CD1 . LEU A 1 13 ? 5.734   3.633   0.722   1.00 22.83 ? 7   LEU A CD1 1 
ATOM   41  C CD2 . LEU A 1 13 ? 4.057   3.078   -1.074  1.00 24.12 ? 7   LEU A CD2 1 
ATOM   42  N N   . VAL A 1 14 ? 2.075   -0.743  1.718   1.00 12.65 ? 8   VAL A N   1 
ATOM   43  C CA  . VAL A 1 14 ? 2.074   -1.955  2.533   1.00 12.27 ? 8   VAL A CA  1 
ATOM   44  C C   . VAL A 1 14 ? 2.930   -2.960  1.803   1.00 15.05 ? 8   VAL A C   1 
ATOM   45  O O   . VAL A 1 14 ? 2.631   -3.327  0.666   1.00 15.84 ? 8   VAL A O   1 
ATOM   46  C CB  . VAL A 1 14 ? 0.681   -2.508  2.872   1.00 13.69 ? 8   VAL A CB  1 
ATOM   47  C CG1 . VAL A 1 14 ? 0.829   -3.791  3.701   1.00 14.34 ? 8   VAL A CG1 1 
ATOM   48  C CG2 . VAL A 1 14 ? -0.120  -1.458  3.645   1.00 13.53 ? 8   VAL A CG2 1 
ATOM   49  N N   . GLU A 1 15 ? 4.001   -3.402  2.450   1.00 13.47 ? 9   GLU A N   1 
ATOM   50  C CA  . GLU A 1 15 ? 4.915   -4.394  1.862   1.00 13.30 ? 9   GLU A CA  1 
ATOM   51  C C   . GLU A 1 15 ? 4.799   -5.684  2.613   1.00 17.15 ? 9   GLU A C   1 
ATOM   52  O O   . GLU A 1 15 ? 4.942   -5.704  3.844   1.00 16.08 ? 9   GLU A O   1 
ATOM   53  C CB  . GLU A 1 15 ? 6.358   -3.852  1.930   1.00 15.26 ? 9   GLU A CB  1 
ATOM   54  C CG  . GLU A 1 15 ? 7.375   -4.744  1.252   1.00 18.04 ? 9   GLU A CG  1 
ATOM   55  C CD  . GLU A 1 15 ? 8.681   -4.029  0.963   1.00 23.97 ? 9   GLU A CD  1 
ATOM   56  O OE1 . GLU A 1 15 ? 9.008   -3.049  1.679   1.00 20.98 ? 9   GLU A OE1 1 
ATOM   57  O OE2 . GLU A 1 15 ? 9.371   -4.461  0.011   1.00 22.71 ? 9   GLU A OE2 1 
ATOM   58  N N   . THR A 1 16 ? 4.574   -6.791  1.877   1.00 14.03 ? 10  THR A N   1 
ATOM   59  C CA  . THR A 1 16 ? 4.414   -8.084  2.497   1.00 13.33 ? 10  THR A CA  1 
ATOM   60  C C   . THR A 1 16 ? 5.422   -9.075  1.965   1.00 16.99 ? 10  THR A C   1 
ATOM   61  O O   . THR A 1 16 ? 6.012   -8.862  0.907   1.00 17.96 ? 10  THR A O   1 
ATOM   62  C CB  . THR A 1 16 ? 3.006   -8.664  2.156   1.00 17.77 ? 10  THR A CB  1 
ATOM   63  O OG1 . THR A 1 16 ? 2.874   -8.815  0.738   1.00 19.42 ? 10  THR A OG1 1 
ATOM   64  C CG2 . THR A 1 16 ? 1.898   -7.775  2.631   1.00 16.23 ? 10  THR A CG2 1 
ATOM   65  N N   . LYS A 1 17 ? 5.654   -10.130 2.728   1.00 16.34 ? 11  LYS A N   1 
ATOM   66  C CA  . LYS A 1 17 ? 6.446   -11.259 2.240   1.00 16.88 ? 11  LYS A CA  1 
ATOM   67  C C   . LYS A 1 17 ? 5.409   -12.303 1.850   1.00 20.84 ? 11  LYS A C   1 
ATOM   68  O O   . LYS A 1 17 ? 4.780   -12.904 2.715   1.00 21.38 ? 11  LYS A O   1 
ATOM   69  C CB  . LYS A 1 17 ? 7.439   -11.814 3.279   1.00 20.76 ? 11  LYS A CB  1 
ATOM   70  C CG  . LYS A 1 17 ? 8.348   -12.894 2.659   1.00 25.18 ? 11  LYS A CG  1 
ATOM   71  C CD  . LYS A 1 17 ? 9.449   -13.332 3.572   1.00 32.59 ? 11  LYS A CD  1 
ATOM   72  C CE  . LYS A 1 17 ? 10.307  -14.367 2.875   1.00 41.35 ? 11  LYS A CE  1 
ATOM   73  N NZ  . LYS A 1 17 ? 11.456  -14.790 3.715   1.00 49.40 ? 11  LYS A NZ  1 
ATOM   74  N N   . GLY A 1 18 ? 5.149   -12.433 0.561   1.00 17.68 ? 12  GLY A N   1 
ATOM   75  C CA  . GLY A 1 18 ? 4.108   -13.333 0.093   1.00 18.61 ? 12  GLY A CA  1 
ATOM   76  C C   . GLY A 1 18 ? 3.011   -12.581 -0.628  1.00 19.86 ? 12  GLY A C   1 
ATOM   77  O O   . GLY A 1 18 ? 2.640   -11.452 -0.260  1.00 18.71 ? 12  GLY A O   1 
ATOM   78  N N   . LEU A 1 19 ? 2.492   -13.221 -1.678  1.00 18.71 ? 13  LEU A N   1 
ATOM   79  C CA  . LEU A 1 19 ? 1.460   -12.630 -2.503  1.00 18.72 ? 13  LEU A CA  1 
ATOM   80  C C   . LEU A 1 19 ? 0.091   -12.669 -1.864  1.00 19.74 ? 13  LEU A C   1 
ATOM   81  O O   . LEU A 1 19 ? -0.694  -11.744 -2.105  1.00 18.66 ? 13  LEU A O   1 
ATOM   82  C CB  . LEU A 1 19 ? 1.433   -13.296 -3.864  1.00 18.89 ? 13  LEU A CB  1 
ATOM   83  C CG  . LEU A 1 19 ? 0.730   -12.556 -4.980  1.00 21.90 ? 13  LEU A CG  1 
ATOM   84  C CD1 . LEU A 1 19 ? 1.426   -11.222 -5.294  1.00 22.43 ? 13  LEU A CD1 1 
ATOM   85  C CD2 . LEU A 1 19 ? 0.705   -13.394 -6.224  1.00 23.02 ? 13  LEU A CD2 1 
ATOM   86  N N   . VAL A 1 20 ? -0.217  -13.700 -1.042  1.00 16.85 ? 14  VAL A N   1 
ATOM   87  C CA  . VAL A 1 20 ? -1.530  -13.767 -0.390  1.00 16.09 ? 14  VAL A CA  1 
ATOM   88  C C   . VAL A 1 20 ? -1.715  -12.561 0.536   1.00 18.15 ? 14  VAL A C   1 
ATOM   89  O O   . VAL A 1 20 ? -2.756  -11.879 0.485   1.00 17.22 ? 14  VAL A O   1 
ATOM   90  C CB  . VAL A 1 20 ? -1.750  -15.122 0.303   1.00 19.93 ? 14  VAL A CB  1 
ATOM   91  C CG1 . VAL A 1 20 ? -3.028  -15.115 1.153   1.00 20.25 ? 14  VAL A CG1 1 
ATOM   92  C CG2 . VAL A 1 20 ? -1.792  -16.218 -0.746  1.00 20.16 ? 14  VAL A CG2 1 
ATOM   93  N N   . GLY A 1 21 ? -0.673  -12.227 1.308   1.00 15.07 ? 15  GLY A N   1 
ATOM   94  C CA  . GLY A 1 21 ? -0.725  -11.024 2.140   1.00 14.01 ? 15  GLY A CA  1 
ATOM   95  C C   . GLY A 1 21 ? -0.905  -9.739  1.336   1.00 13.53 ? 15  GLY A C   1 
ATOM   96  O O   . GLY A 1 21 ? -1.644  -8.838  1.758   1.00 14.78 ? 15  GLY A O   1 
ATOM   97  N N   . ALA A 1 22 ? -0.278  -9.669  0.126   1.00 13.73 ? 16  ALA A N   1 
ATOM   98  C CA  . ALA A 1 22 ? -0.392  -8.471  -0.706  1.00 14.39 ? 16  ALA A CA  1 
ATOM   99  C C   . ALA A 1 22 ? -1.795  -8.282  -1.253  1.00 15.27 ? 16  ALA A C   1 
ATOM   100 O O   . ALA A 1 22 ? -2.313  -7.158  -1.254  1.00 13.60 ? 16  ALA A O   1 
ATOM   101 C CB  . ALA A 1 22 ? 0.601   -8.519  -1.859  1.00 15.79 ? 16  ALA A CB  1 
ATOM   102 N N   . ILE A 1 23 ? -2.423  -9.390  -1.706  1.00 13.84 ? 17  ILE A N   1 
ATOM   103 C CA  . ILE A 1 23 ? -3.778  -9.336  -2.238  1.00 13.08 ? 17  ILE A CA  1 
ATOM   104 C C   . ILE A 1 23 ? -4.763  -8.983  -1.148  1.00 14.48 ? 17  ILE A C   1 
ATOM   105 O O   . ILE A 1 23 ? -5.639  -8.141  -1.354  1.00 14.64 ? 17  ILE A O   1 
ATOM   106 C CB  . ILE A 1 23 ? -4.148  -10.665 -2.931  1.00 14.49 ? 17  ILE A CB  1 
ATOM   107 C CG1 . ILE A 1 23 ? -3.319  -10.795 -4.218  1.00 15.24 ? 17  ILE A CG1 1 
ATOM   108 C CG2 . ILE A 1 23 ? -5.684  -10.686 -3.248  1.00 15.10 ? 17  ILE A CG2 1 
ATOM   109 C CD1 . ILE A 1 23 ? -3.245  -12.244 -4.719  1.00 17.39 ? 17  ILE A CD1 1 
ATOM   110 N N   . GLU A 1 24 ? -4.599  -9.585  0.039   1.00 13.46 ? 18  GLU A N   1 
ATOM   111 C CA  . GLU A 1 24 ? -5.476  -9.259  1.155   1.00 13.97 ? 18  GLU A CA  1 
ATOM   112 C C   . GLU A 1 24 ? -5.270  -7.798  1.579   1.00 14.47 ? 18  GLU A C   1 
ATOM   113 O O   . GLU A 1 24 ? -6.266  -7.114  1.857   1.00 16.72 ? 18  GLU A O   1 
ATOM   114 C CB  . GLU A 1 24 ? -5.179  -10.183 2.328   1.00 15.39 ? 18  GLU A CB  1 
ATOM   115 C CG  . GLU A 1 24 ? -6.044  -9.972  3.567   1.00 20.30 ? 18  GLU A CG  1 
ATOM   116 C CD  . GLU A 1 24 ? -7.568  -10.052 3.497   1.00 30.09 ? 18  GLU A CD  1 
ATOM   117 O OE1 . GLU A 1 24 ? -8.122  -10.370 2.419   1.00 23.87 ? 18  GLU A OE1 1 
ATOM   118 O OE2 . GLU A 1 24 ? -8.210  -9.866  4.554   1.00 25.55 ? 18  GLU A OE2 1 
ATOM   119 N N   . ALA A 1 25 ? -4.001  -7.297  1.601   1.00 12.92 ? 19  ALA A N   1 
ATOM   120 C CA  . ALA A 1 25 ? -3.792  -5.878  1.928   1.00 12.76 ? 19  ALA A CA  1 
ATOM   121 C C   . ALA A 1 25 ? -4.501  -5.000  0.893   1.00 14.26 ? 19  ALA A C   1 
ATOM   122 O O   . ALA A 1 25 ? -5.164  -4.040  1.296   1.00 15.09 ? 19  ALA A O   1 
ATOM   123 C CB  . ALA A 1 25 ? -2.308  -5.566  1.957   1.00 13.58 ? 19  ALA A CB  1 
ATOM   124 N N   . ALA A 1 26 ? -4.317  -5.278  -0.414  1.00 13.05 ? 20  ALA A N   1 
ATOM   125 C CA  . ALA A 1 26 ? -4.916  -4.468  -1.453  1.00 13.68 ? 20  ALA A CA  1 
ATOM   126 C C   . ALA A 1 26 ? -6.449  -4.426  -1.329  1.00 16.46 ? 20  ALA A C   1 
ATOM   127 O O   . ALA A 1 26 ? -7.052  -3.344  -1.409  1.00 15.66 ? 20  ALA A O   1 
ATOM   128 C CB  . ALA A 1 26 ? -4.519  -4.989  -2.814  1.00 15.15 ? 20  ALA A CB  1 
ATOM   129 N N   . ASP A 1 27 ? -7.070  -5.593  -1.066  1.00 14.02 ? 21  ASP A N   1 
ATOM   130 C CA  . ASP A 1 27 ? -8.522  -5.648  -0.944  1.00 13.97 ? 21  ASP A CA  1 
ATOM   131 C C   . ASP A 1 27 ? -9.000  -4.866  0.257   1.00 15.74 ? 21  ASP A C   1 
ATOM   132 O O   . ASP A 1 27 ? -9.971  -4.092  0.160   1.00 17.04 ? 21  ASP A O   1 
ATOM   133 C CB  . ASP A 1 27 ? -8.967  -7.115  -0.838  1.00 14.77 ? 21  ASP A CB  1 
ATOM   134 C CG  . ASP A 1 27 ? -10.464 -7.238  -0.968  1.00 23.69 ? 21  ASP A CG  1 
ATOM   135 O OD1 . ASP A 1 27 ? -10.992 -6.887  -2.043  1.00 23.16 ? 21  ASP A OD1 1 
ATOM   136 O OD2 . ASP A 1 27 ? -11.101 -7.659  0.005   1.00 26.05 ? 21  ASP A OD2 1 
ATOM   137 N N   . ALA A 1 28 ? -8.324  -5.035  1.416   1.00 14.09 ? 22  ALA A N   1 
ATOM   138 C CA  . ALA A 1 28 ? -8.739  -4.302  2.595   1.00 15.06 ? 22  ALA A CA  1 
ATOM   139 C C   . ALA A 1 28 ? -8.487  -2.802  2.452   1.00 16.20 ? 22  ALA A C   1 
ATOM   140 O O   . ALA A 1 28 ? -9.283  -2.006  2.982   1.00 16.32 ? 22  ALA A O   1 
ATOM   141 C CB  . ALA A 1 28 ? -8.026  -4.836  3.831   1.00 16.90 ? 22  ALA A CB  1 
ATOM   142 N N   . MET A 1 29 ? -7.430  -2.395  1.728   1.00 14.33 ? 23  MET A N   1 
ATOM   143 C CA  . MET A 1 29 ? -7.137  -0.954  1.560   1.00 12.39 ? 23  MET A CA  1 
ATOM   144 C C   . MET A 1 29 ? -8.222  -0.281  0.725   1.00 17.75 ? 23  MET A C   1 
ATOM   145 O O   . MET A 1 29 ? -8.753  0.767   1.124   1.00 17.83 ? 23  MET A O   1 
ATOM   146 C CB  . MET A 1 29 ? -5.754  -0.765  0.875   1.00 14.71 ? 23  MET A CB  1 
ATOM   147 C CG  . MET A 1 29 ? -4.629  -1.231  1.781   1.00 17.59 ? 23  MET A CG  1 
ATOM   148 S SD  . MET A 1 29 ? -3.008  -1.577  0.955   1.00 21.32 ? 23  MET A SD  1 
ATOM   149 C CE  . MET A 1 29 ? -2.278  0.079   1.044   1.00 21.11 ? 23  MET A CE  1 
ATOM   150 N N   . VAL A 1 30 ? -8.538  -0.839  -0.448  1.00 16.06 ? 24  VAL A N   1 
ATOM   151 C CA  . VAL A 1 30 ? -9.536  -0.222  -1.319  1.00 14.70 ? 24  VAL A CA  1 
ATOM   152 C C   . VAL A 1 30 ? -10.946 -0.295  -0.744  1.00 18.34 ? 24  VAL A C   1 
ATOM   153 O O   . VAL A 1 30 ? -11.759 0.603   -0.983  1.00 18.45 ? 24  VAL A O   1 
ATOM   154 C CB  . VAL A 1 30 ? -9.473  -0.691  -2.788  1.00 16.72 ? 24  VAL A CB  1 
ATOM   155 C CG1 . VAL A 1 30 ? -8.122  -0.357  -3.410  1.00 17.53 ? 24  VAL A CG1 1 
ATOM   156 C CG2 . VAL A 1 30 ? -9.789  -2.187  -2.913  1.00 16.35 ? 24  VAL A CG2 1 
ATOM   157 N N   . ALA A 1 31 ? -11.221 -1.318  0.073   1.00 16.43 ? 25  ALA A N   1 
ATOM   158 C CA  . ALA A 1 31 ? -12.545 -1.427  0.678   1.00 17.88 ? 25  ALA A CA  1 
ATOM   159 C C   . ALA A 1 31 ? -12.747 -0.451  1.871   1.00 21.63 ? 25  ALA A C   1 
ATOM   160 O O   . ALA A 1 31 ? -13.877 -0.008  2.116   1.00 22.04 ? 25  ALA A O   1 
ATOM   161 C CB  . ALA A 1 31 ? -12.773 -2.861  1.149   1.00 19.75 ? 25  ALA A CB  1 
ATOM   162 N N   . SER A 1 32 ? -11.667 -0.123  2.600   1.00 18.52 ? 26  SER A N   1 
ATOM   163 C CA  A SER A 1 32 ? -11.680 0.689   3.824   0.49 18.35 ? 26  SER A CA  1 
ATOM   164 C CA  B SER A 1 32 ? -11.764 0.682   3.813   0.51 19.11 ? 26  SER A CA  1 
ATOM   165 C C   . SER A 1 32 ? -11.794 2.187   3.637   1.00 23.41 ? 26  SER A C   1 
ATOM   166 O O   . SER A 1 32 ? -12.152 2.897   4.582   1.00 26.36 ? 26  SER A O   1 
ATOM   167 C CB  A SER A 1 32 ? -10.417 0.423   4.631   0.49 19.87 ? 26  SER A CB  1 
ATOM   168 C CB  B SER A 1 32 ? -10.688 0.276   4.808   0.51 23.01 ? 26  SER A CB  1 
ATOM   169 O OG  A SER A 1 32 ? -9.286  0.979   3.981   0.49 19.22 ? 26  SER A OG  1 
ATOM   170 O OG  B SER A 1 32 ? -10.786 -1.113  5.081   0.51 25.48 ? 26  SER A OG  1 
ATOM   171 N N   . ALA A 1 33 ? -11.417 2.690   2.468   1.00 18.97 ? 27  ALA A N   1 
ATOM   172 C CA  . ALA A 1 33 ? -11.395 4.128   2.246   1.00 19.82 ? 27  ALA A CA  1 
ATOM   173 C C   . ALA A 1 33 ? -11.305 4.456   0.785   1.00 17.84 ? 27  ALA A C   1 
ATOM   174 O O   . ALA A 1 33 ? -10.953 3.593   -0.026  1.00 16.84 ? 27  ALA A O   1 
ATOM   175 C CB  . ALA A 1 33 ? -10.224 4.747   2.998   1.00 21.65 ? 27  ALA A CB  1 
ATOM   176 N N   . ASN A 1 34 ? -11.597 5.700   0.447   1.00 15.93 ? 28  ASN A N   1 
ATOM   177 C CA  . ASN A 1 34 ? -11.622 6.150   -0.928  1.00 16.45 ? 28  ASN A CA  1 
ATOM   178 C C   . ASN A 1 34 ? -10.190 6.416   -1.407  1.00 18.32 ? 28  ASN A C   1 
ATOM   179 O O   . ASN A 1 34 ? -9.701  7.554   -1.372  1.00 19.18 ? 28  ASN A O   1 
ATOM   180 C CB  . ASN A 1 34 ? -12.458 7.416   -1.021  1.00 19.36 ? 28  ASN A CB  1 
ATOM   181 C CG  . ASN A 1 34 ? -12.623 7.924   -2.428  1.00 37.67 ? 28  ASN A CG  1 
ATOM   182 O OD1 . ASN A 1 34 ? -12.471 7.181   -3.402  1.00 29.66 ? 28  ASN A OD1 1 
ATOM   183 N ND2 . ASN A 1 34 ? -12.953 9.198   -2.560  1.00 31.96 ? 28  ASN A ND2 1 
ATOM   184 N N   . VAL A 1 35 ? -9.503  5.344   -1.785  1.00 14.55 ? 29  VAL A N   1 
ATOM   185 C CA  . VAL A 1 35 ? -8.110  5.368   -2.262  1.00 14.83 ? 29  VAL A CA  1 
ATOM   186 C C   . VAL A 1 35 ? -8.051  4.602   -3.589  1.00 17.49 ? 29  VAL A C   1 
ATOM   187 O O   . VAL A 1 35 ? -8.916  3.748   -3.852  1.00 18.77 ? 29  VAL A O   1 
ATOM   188 C CB  . VAL A 1 35 ? -7.120  4.764   -1.226  1.00 15.76 ? 29  VAL A CB  1 
ATOM   189 C CG1 . VAL A 1 35 ? -7.065  5.608   0.051   1.00 15.17 ? 29  VAL A CG1 1 
ATOM   190 C CG2 . VAL A 1 35 ? -7.444  3.295   -0.922  1.00 15.70 ? 29  VAL A CG2 1 
ATOM   191 N N   . GLN A 1 36 ? -7.047  4.922   -4.418  1.00 16.66 ? 30  GLN A N   1 
ATOM   192 C CA  . GLN A 1 36 ? -6.800  4.273   -5.715  1.00 18.55 ? 30  GLN A CA  1 
ATOM   193 C C   . GLN A 1 36 ? -5.533  3.438   -5.636  1.00 19.47 ? 30  GLN A C   1 
ATOM   194 O O   . GLN A 1 36 ? -4.517  3.890   -5.096  1.00 16.11 ? 30  GLN A O   1 
ATOM   195 C CB  . GLN A 1 36 ? -6.614  5.348   -6.796  1.00 20.32 ? 30  GLN A CB  1 
ATOM   196 C CG  . GLN A 1 36 ? -6.522  4.807   -8.221  1.00 41.75 ? 30  GLN A CG  1 
ATOM   197 C CD  . GLN A 1 36 ? -6.639  5.907   -9.244  1.00 68.79 ? 30  GLN A CD  1 
ATOM   198 O OE1 . GLN A 1 36 ? -5.641  6.476   -9.704  1.00 63.48 ? 30  GLN A OE1 1 
ATOM   199 N NE2 . GLN A 1 36 ? -7.868  6.239   -9.619  1.00 67.89 ? 30  GLN A NE2 1 
ATOM   200 N N   . LEU A 1 37 ? -5.593  2.205   -6.162  1.00 16.60 ? 31  LEU A N   1 
ATOM   201 C CA  . LEU A 1 37 ? -4.408  1.331   -6.250  1.00 16.48 ? 31  LEU A CA  1 
ATOM   202 C C   . LEU A 1 37 ? -3.515  1.879   -7.342  1.00 20.06 ? 31  LEU A C   1 
ATOM   203 O O   . LEU A 1 37 ? -3.985  2.054   -8.484  1.00 21.16 ? 31  LEU A O   1 
ATOM   204 C CB  . LEU A 1 37 ? -4.808  -0.105  -6.592  1.00 18.34 ? 31  LEU A CB  1 
ATOM   205 C CG  . LEU A 1 37 ? -5.101  -0.998  -5.430  1.00 22.78 ? 31  LEU A CG  1 
ATOM   206 C CD1 . LEU A 1 37 ? -5.753  -2.281  -5.920  1.00 22.43 ? 31  LEU A CD1 1 
ATOM   207 C CD2 . LEU A 1 37 ? -3.845  -1.330  -4.674  1.00 24.18 ? 31  LEU A CD2 1 
ATOM   208 N N   . VAL A 1 38 ? -2.255  2.226   -6.980  1.00 17.29 ? 32  VAL A N   1 
ATOM   209 C CA  . VAL A 1 38 ? -1.296  2.863   -7.909  1.00 17.33 ? 32  VAL A CA  1 
ATOM   210 C C   . VAL A 1 38 ? 0.022   2.115   -8.047  1.00 21.28 ? 32  VAL A C   1 
ATOM   211 O O   . VAL A 1 38 ? 0.880   2.530   -8.820  1.00 20.93 ? 32  VAL A O   1 
ATOM   212 C CB  . VAL A 1 38 ? -1.049  4.359   -7.578  1.00 20.47 ? 32  VAL A CB  1 
ATOM   213 C CG1 . VAL A 1 38 ? -2.359  5.149   -7.630  1.00 21.28 ? 32  VAL A CG1 1 
ATOM   214 C CG2 . VAL A 1 38 ? -0.357  4.517   -6.218  1.00 19.18 ? 32  VAL A CG2 1 
ATOM   215 N N   . GLY A 1 39 ? 0.212   1.080   -7.243  1.00 16.91 ? 33  GLY A N   1 
ATOM   216 C CA  . GLY A 1 39 ? 1.443   0.306   -7.307  1.00 17.05 ? 33  GLY A CA  1 
ATOM   217 C C   . GLY A 1 39 ? 1.221   -1.090  -6.796  1.00 18.84 ? 33  GLY A C   1 
ATOM   218 O O   . GLY A 1 39 ? 0.417   -1.301  -5.886  1.00 17.74 ? 33  GLY A O   1 
ATOM   219 N N   . TYR A 1 40 ? 1.914   -2.057  -7.402  1.00 18.52 ? 34  TYR A N   1 
ATOM   220 C CA  . TYR A 1 40 ? 1.823   -3.461  -6.992  1.00 16.62 ? 34  TYR A CA  1 
ATOM   221 C C   . TYR A 1 40 ? 3.121   -4.026  -7.514  1.00 20.77 ? 34  TYR A C   1 
ATOM   222 O O   . TYR A 1 40 ? 3.190   -4.457  -8.662  1.00 21.65 ? 34  TYR A O   1 
ATOM   223 C CB  . TYR A 1 40 ? 0.594   -4.102  -7.653  1.00 18.89 ? 34  TYR A CB  1 
ATOM   224 C CG  . TYR A 1 40 ? 0.196   -5.435  -7.058  1.00 21.55 ? 34  TYR A CG  1 
ATOM   225 C CD1 . TYR A 1 40 ? -0.405  -5.508  -5.805  1.00 24.23 ? 34  TYR A CD1 1 
ATOM   226 C CD2 . TYR A 1 40 ? 0.398   -6.617  -7.757  1.00 22.37 ? 34  TYR A CD2 1 
ATOM   227 C CE1 . TYR A 1 40 ? -0.799  -6.730  -5.262  1.00 25.79 ? 34  TYR A CE1 1 
ATOM   228 C CE2 . TYR A 1 40 ? -0.002  -7.849  -7.229  1.00 22.35 ? 34  TYR A CE2 1 
ATOM   229 C CZ  . TYR A 1 40 ? -0.607  -7.894  -5.984  1.00 26.92 ? 34  TYR A CZ  1 
ATOM   230 O OH  . TYR A 1 40 ? -1.028  -9.091  -5.462  1.00 27.50 ? 34  TYR A OH  1 
ATOM   231 N N   . GLU A 1 41 ? 4.188   -3.920  -6.699  1.00 17.27 ? 35  GLU A N   1 
ATOM   232 C CA  . GLU A 1 41 ? 5.555   -4.174  -7.128  1.00 16.99 ? 35  GLU A CA  1 
ATOM   233 C C   . GLU A 1 41 ? 6.254   -5.325  -6.484  1.00 21.76 ? 35  GLU A C   1 
ATOM   234 O O   . GLU A 1 41 ? 6.276   -5.410  -5.274  1.00 19.36 ? 35  GLU A O   1 
ATOM   235 C CB  . GLU A 1 41 ? 6.367   -2.899  -6.824  1.00 18.30 ? 35  GLU A CB  1 
ATOM   236 C CG  . GLU A 1 41 ? 6.001   -1.752  -7.731  1.00 28.21 ? 35  GLU A CG  1 
ATOM   237 C CD  . GLU A 1 41 ? 6.546   -1.837  -9.142  1.00 47.25 ? 35  GLU A CD  1 
ATOM   238 O OE1 . GLU A 1 41 ? 5.745   -1.663  -10.085 1.00 35.00 ? 35  GLU A OE1 1 
ATOM   239 O OE2 . GLU A 1 41 ? 7.769   -2.054  -9.309  1.00 52.24 ? 35  GLU A OE2 1 
ATOM   240 N N   . LYS A 1 42 ? 6.934   -6.168  -7.287  1.00 24.68 ? 36  LYS A N   1 
ATOM   241 C CA  . LYS A 1 42 ? 7.713   -7.312  -6.778  1.00 26.49 ? 36  LYS A CA  1 
ATOM   242 C C   . LYS A 1 42 ? 9.203   -6.984  -6.845  1.00 28.36 ? 36  LYS A C   1 
ATOM   243 O O   . LYS A 1 42 ? 9.671   -6.510  -7.881  1.00 31.06 ? 36  LYS A O   1 
ATOM   244 C CB  . LYS A 1 42 ? 7.411   -8.586  -7.592  1.00 30.35 ? 36  LYS A CB  1 
ATOM   245 C CG  . LYS A 1 42 ? 5.930   -8.929  -7.688  1.00 35.37 ? 36  LYS A CG  1 
ATOM   246 C CD  . LYS A 1 42 ? 5.696   -9.978  -8.782  1.00 52.25 ? 36  LYS A CD  1 
ATOM   247 C CE  . LYS A 1 42 ? 4.345   -9.831  -9.457  1.00 63.93 ? 36  LYS A CE  1 
ATOM   248 N NZ  . LYS A 1 42 ? 3.223   -10.289 -8.593  1.00 68.31 ? 36  LYS A NZ  1 
ATOM   249 N N   . ILE A 1 43 ? 9.953   -7.177  -5.745  1.00 25.02 ? 37  ILE A N   1 
ATOM   250 C CA  . ILE A 1 43 ? 11.398  -6.858  -5.709  1.00 26.81 ? 37  ILE A CA  1 
ATOM   251 C C   . ILE A 1 43 ? 12.286  -8.073  -5.387  1.00 30.99 ? 37  ILE A C   1 
ATOM   252 O O   . ILE A 1 43 ? 13.503  -7.933  -5.130  1.00 30.57 ? 37  ILE A O   1 
ATOM   253 C CB  . ILE A 1 43 ? 11.725  -5.653  -4.788  1.00 29.25 ? 37  ILE A CB  1 
ATOM   254 C CG1 . ILE A 1 43 ? 11.425  -5.988  -3.305  1.00 28.68 ? 37  ILE A CG1 1 
ATOM   255 C CG2 . ILE A 1 43 ? 11.058  -4.350  -5.290  1.00 28.55 ? 37  ILE A CG2 1 
ATOM   256 C CD1 . ILE A 1 43 ? 12.095  -5.091  -2.317  1.00 29.39 ? 37  ILE A CD1 1 
ATOM   257 N N   . GLY A 1 44 ? 11.661  -9.248  -5.361  1.00 29.82 ? 38  GLY A N   1 
ATOM   258 C CA  . GLY A 1 44 ? 12.369  -10.473 -5.048  1.00 30.92 ? 38  GLY A CA  1 
ATOM   259 C C   . GLY A 1 44 ? 12.356  -10.744 -3.563  1.00 32.46 ? 38  GLY A C   1 
ATOM   260 O O   . GLY A 1 44 ? 11.803  -9.957  -2.783  1.00 28.43 ? 38  GLY A O   1 
ATOM   261 N N   . SER A 1 45 ? 12.873  -11.919 -3.173  1.00 28.69 ? 39  SER A N   1 
ATOM   262 C CA  . SER A 1 45 ? 12.884  -12.392 -1.782  1.00 29.24 ? 39  SER A CA  1 
ATOM   263 C C   . SER A 1 45 ? 11.442  -12.438 -1.277  1.00 25.93 ? 39  SER A C   1 
ATOM   264 O O   . SER A 1 45 ? 11.179  -12.226 -0.086  1.00 27.52 ? 39  SER A O   1 
ATOM   265 C CB  . SER A 1 45 ? 13.765  -11.525 -0.889  1.00 36.37 ? 39  SER A CB  1 
ATOM   266 O OG  . SER A 1 45 ? 13.701  -11.940 0.466   1.00 51.15 ? 39  SER A OG  1 
ATOM   267 N N   . GLY A 1 46 ? 10.520  -12.693 -2.209  1.00 24.46 ? 40  GLY A N   1 
ATOM   268 C CA  . GLY A 1 46 ? 9.096   -12.798 -1.943  1.00 22.99 ? 40  GLY A CA  1 
ATOM   269 C C   . GLY A 1 46 ? 8.426   -11.507 -1.501  1.00 23.71 ? 40  GLY A C   1 
ATOM   270 O O   . GLY A 1 46 ? 7.302   -11.535 -1.004  1.00 21.14 ? 40  GLY A O   1 
ATOM   271 N N   . LEU A 1 47 ? 9.085   -10.335 -1.673  1.00 20.79 ? 41  LEU A N   1 
ATOM   272 C CA  . LEU A 1 47 ? 8.530   -9.056  -1.201  1.00 18.22 ? 41  LEU A CA  1 
ATOM   273 C C   . LEU A 1 47 ? 7.657   -8.380  -2.223  1.00 20.66 ? 41  LEU A C   1 
ATOM   274 O O   . LEU A 1 47 ? 8.045   -8.191  -3.374  1.00 21.03 ? 41  LEU A O   1 
ATOM   275 C CB  . LEU A 1 47 ? 9.667   -8.132  -0.695  1.00 19.46 ? 41  LEU A CB  1 
ATOM   276 C CG  . LEU A 1 47 ? 10.523  -8.660  0.470   1.00 23.69 ? 41  LEU A CG  1 
ATOM   277 C CD1 . LEU A 1 47 ? 11.717  -7.701  0.764   1.00 24.97 ? 41  LEU A CD1 1 
ATOM   278 C CD2 . LEU A 1 47 ? 9.724   -8.779  1.750   1.00 25.66 ? 41  LEU A CD2 1 
ATOM   279 N N   . VAL A 1 48 ? 6.449   -7.978  -1.796  1.00 15.46 ? 42  VAL A N   1 
ATOM   280 C CA  . VAL A 1 48 ? 5.510   -7.345  -2.708  1.00 14.49 ? 42  VAL A CA  1 
ATOM   281 C C   . VAL A 1 48 ? 5.014   -6.073  -2.033  1.00 15.37 ? 42  VAL A C   1 
ATOM   282 O O   . VAL A 1 48 ? 4.656   -6.135  -0.869  1.00 15.70 ? 42  VAL A O   1 
ATOM   283 C CB  . VAL A 1 48 ? 4.305   -8.297  -3.011  1.00 18.14 ? 42  VAL A CB  1 
ATOM   284 C CG1 . VAL A 1 48 ? 3.358   -7.628  -3.993  1.00 18.59 ? 42  VAL A CG1 1 
ATOM   285 C CG2 . VAL A 1 48 ? 4.808   -9.627  -3.592  1.00 19.53 ? 42  VAL A CG2 1 
ATOM   286 N N   . THR A 1 49 ? 5.005   -4.929  -2.731  1.00 14.78 ? 43  THR A N   1 
ATOM   287 C CA  . THR A 1 49 ? 4.547   -3.680  -2.140  1.00 13.62 ? 43  THR A CA  1 
ATOM   288 C C   . THR A 1 49 ? 3.304   -3.227  -2.851  1.00 16.39 ? 43  THR A C   1 
ATOM   289 O O   . THR A 1 49 ? 3.319   -3.027  -4.080  1.00 17.38 ? 43  THR A O   1 
ATOM   290 C CB  . THR A 1 49 ? 5.634   -2.590  -2.201  1.00 16.21 ? 43  THR A CB  1 
ATOM   291 O OG1 . THR A 1 49 ? 6.748   -3.062  -1.472  1.00 19.54 ? 43  THR A OG1 1 
ATOM   292 C CG2 . THR A 1 49 ? 5.180   -1.253  -1.559  1.00 17.70 ? 43  THR A CG2 1 
ATOM   293 N N   . VAL A 1 50 ? 2.247   -2.984  -2.064  1.00 13.07 ? 44  VAL A N   1 
ATOM   294 C CA  . VAL A 1 50 ? 0.984   -2.466  -2.533  1.00 12.58 ? 44  VAL A CA  1 
ATOM   295 C C   . VAL A 1 50 ? 0.942   -0.975  -2.199  1.00 14.25 ? 44  VAL A C   1 
ATOM   296 O O   . VAL A 1 50 ? 1.287   -0.571  -1.085  1.00 13.13 ? 44  VAL A O   1 
ATOM   297 C CB  . VAL A 1 50 ? -0.177  -3.211  -1.836  1.00 16.95 ? 44  VAL A CB  1 
ATOM   298 C CG1 . VAL A 1 50 ? -1.523  -2.688  -2.333  1.00 17.46 ? 44  VAL A CG1 1 
ATOM   299 C CG2 . VAL A 1 50 ? -0.062  -4.731  -2.003  1.00 17.69 ? 44  VAL A CG2 1 
ATOM   300 N N   . MET A 1 51 ? 0.576   -0.146  -3.189  1.00 12.45 ? 45  MET A N   1 
ATOM   301 C CA  . MET A 1 51 ? 0.579   1.299   -3.033  1.00 12.21 ? 45  MET A CA  1 
ATOM   302 C C   . MET A 1 51 ? -0.746  1.880   -3.391  1.00 14.73 ? 45  MET A C   1 
ATOM   303 O O   . MET A 1 51 ? -1.348  1.514   -4.400  1.00 14.08 ? 45  MET A O   1 
ATOM   304 C CB  . MET A 1 51 ? 1.651   1.920   -3.940  1.00 13.67 ? 45  MET A CB  1 
ATOM   305 C CG  . MET A 1 51 ? 2.950   1.184   -3.885  1.00 15.82 ? 45  MET A CG  1 
ATOM   306 S SD  . MET A 1 51 ? 4.178   2.119   -4.787  1.00 18.86 ? 45  MET A SD  1 
ATOM   307 C CE  . MET A 1 51 ? 5.561   0.997   -4.697  1.00 16.68 ? 45  MET A CE  1 
ATOM   308 N N   . VAL A 1 52 ? -1.209  2.816   -2.580  1.00 12.58 ? 46  VAL A N   1 
ATOM   309 C CA  . VAL A 1 52 ? -2.459  3.519   -2.791  1.00 12.49 ? 46  VAL A CA  1 
ATOM   310 C C   . VAL A 1 52 ? -2.241  5.023   -2.714  1.00 14.16 ? 46  VAL A C   1 
ATOM   311 O O   . VAL A 1 52 ? -1.282  5.499   -2.092  1.00 14.78 ? 46  VAL A O   1 
ATOM   312 C CB  . VAL A 1 52 ? -3.602  3.100   -1.817  1.00 14.20 ? 46  VAL A CB  1 
ATOM   313 C CG1 . VAL A 1 52 ? -3.946  1.606   -2.013  1.00 13.60 ? 46  VAL A CG1 1 
ATOM   314 C CG2 . VAL A 1 52 ? -3.228  3.390   -0.361  1.00 13.92 ? 46  VAL A CG2 1 
ATOM   315 N N   . ARG A 1 53 ? -3.146  5.759   -3.344  1.00 13.91 ? 47  ARG A N   1 
ATOM   316 C CA  . ARG A 1 53 ? -3.130  7.219   -3.272  1.00 15.32 ? 47  ARG A CA  1 
ATOM   317 C C   . ARG A 1 53 ? -4.486  7.792   -2.999  1.00 16.82 ? 47  ARG A C   1 
ATOM   318 O O   . ARG A 1 53 ? -5.496  7.190   -3.345  1.00 17.35 ? 47  ARG A O   1 
ATOM   319 C CB  . ARG A 1 53 ? -2.474  7.849   -4.476  1.00 18.88 ? 47  ARG A CB  1 
ATOM   320 C CG  . ARG A 1 53 ? -0.996  7.537   -4.339  1.00 33.03 ? 47  ARG A CG  1 
ATOM   321 C CD  . ARG A 1 53 ? -0.151  8.267   -5.254  1.00 32.04 ? 47  ARG A CD  1 
ATOM   322 N NE  . ARG A 1 53 ? 0.297   9.530   -4.700  1.00 24.99 ? 47  ARG A NE  1 
ATOM   323 C CZ  . ARG A 1 53 ? 1.283   10.189  -5.261  1.00 23.07 ? 47  ARG A CZ  1 
ATOM   324 N NH1 . ARG A 1 53 ? 1.930   9.663   -6.298  1.00 21.51 ? 47  ARG A NH1 1 
ATOM   325 N NH2 . ARG A 1 53 ? 1.663   11.364  -4.781  1.00 23.55 ? 47  ARG A NH2 1 
ATOM   326 N N   . GLY A 1 54 ? -4.498  8.922   -2.311  1.00 14.93 ? 48  GLY A N   1 
ATOM   327 C CA  . GLY A 1 54 ? -5.745  9.586   -1.998  1.00 15.13 ? 48  GLY A CA  1 
ATOM   328 C C   . GLY A 1 54 ? -5.494  10.690  -1.014  1.00 15.85 ? 48  GLY A C   1 
ATOM   329 O O   . GLY A 1 54 ? -4.337  11.092  -0.830  1.00 16.54 ? 48  GLY A O   1 
ATOM   330 N N   . ASP A 1 55 ? -6.565  11.197  -0.382  1.00 14.51 ? 49  ASP A N   1 
ATOM   331 C CA  . ASP A 1 55 ? -6.400  12.233  0.636   1.00 16.22 ? 49  ASP A CA  1 
ATOM   332 C C   . ASP A 1 55 ? -5.762  11.561  1.841   1.00 17.72 ? 49  ASP A C   1 
ATOM   333 O O   . ASP A 1 55 ? -5.923  10.348  1.999   1.00 17.36 ? 49  ASP A O   1 
ATOM   334 C CB  . ASP A 1 55 ? -7.750  12.862  0.998   1.00 18.53 ? 49  ASP A CB  1 
ATOM   335 C CG  . ASP A 1 55 ? -8.745  11.947  1.708   1.00 26.75 ? 49  ASP A CG  1 
ATOM   336 O OD1 . ASP A 1 55 ? -8.603  11.758  2.939   1.00 26.21 ? 49  ASP A OD1 1 
ATOM   337 O OD2 . ASP A 1 55 ? -9.762  11.549  1.066   1.00 28.11 ? 49  ASP A OD2 1 
ATOM   338 N N   . VAL A 1 56 ? -5.010  12.319  2.647   1.00 16.47 ? 50  VAL A N   1 
ATOM   339 C CA  . VAL A 1 56 ? -4.258  11.759  3.781   1.00 16.05 ? 50  VAL A CA  1 
ATOM   340 C C   . VAL A 1 56 ? -5.081  10.947  4.763   1.00 18.31 ? 50  VAL A C   1 
ATOM   341 O O   . VAL A 1 56 ? -4.639  9.878   5.168   1.00 16.20 ? 50  VAL A O   1 
ATOM   342 C CB  . VAL A 1 56 ? -3.282  12.768  4.433   1.00 18.70 ? 50  VAL A CB  1 
ATOM   343 C CG1 . VAL A 1 56 ? -4.031  13.893  5.186   1.00 18.94 ? 50  VAL A CG1 1 
ATOM   344 C CG2 . VAL A 1 56 ? -2.322  12.046  5.372   1.00 18.60 ? 50  VAL A CG2 1 
ATOM   345 N N   . GLY A 1 57 ? -6.270  11.428  5.134   1.00 16.81 ? 51  GLY A N   1 
ATOM   346 C CA  . GLY A 1 57 ? -7.101  10.653  6.052   1.00 17.90 ? 51  GLY A CA  1 
ATOM   347 C C   . GLY A 1 57 ? -7.506  9.297   5.478   1.00 18.23 ? 51  GLY A C   1 
ATOM   348 O O   . GLY A 1 57 ? -7.437  8.282   6.164   1.00 17.62 ? 51  GLY A O   1 
ATOM   349 N N   . ALA A 1 58 ? -7.861  9.264   4.186   1.00 14.43 ? 52  ALA A N   1 
ATOM   350 C CA  . ALA A 1 58 ? -8.260  8.016   3.530   1.00 14.04 ? 52  ALA A CA  1 
ATOM   351 C C   . ALA A 1 58 ? -7.052  7.069   3.418   1.00 15.81 ? 52  ALA A C   1 
ATOM   352 O O   . ALA A 1 58 ? -7.172  5.870   3.688   1.00 16.32 ? 52  ALA A O   1 
ATOM   353 C CB  . ALA A 1 58 ? -8.833  8.322   2.145   1.00 15.66 ? 52  ALA A CB  1 
ATOM   354 N N   . VAL A 1 59 ? -5.870  7.625   3.076   1.00 13.76 ? 53  VAL A N   1 
ATOM   355 C CA  . VAL A 1 59 ? -4.667  6.812   2.963   1.00 12.97 ? 53  VAL A CA  1 
ATOM   356 C C   . VAL A 1 59 ? -4.238  6.234   4.306   1.00 14.79 ? 53  VAL A C   1 
ATOM   357 O O   . VAL A 1 59 ? -3.883  5.042   4.372   1.00 14.96 ? 53  VAL A O   1 
ATOM   358 C CB  . VAL A 1 59 ? -3.558  7.619   2.288   1.00 14.97 ? 53  VAL A CB  1 
ATOM   359 C CG1 . VAL A 1 59 ? -2.232  6.902   2.366   1.00 15.66 ? 53  VAL A CG1 1 
ATOM   360 C CG2 . VAL A 1 59 ? -3.920  7.897   0.841   1.00 14.86 ? 53  VAL A CG2 1 
ATOM   361 N N   . LYS A 1 60 ? -4.339  7.032   5.364   1.00 13.81 ? 54  LYS A N   1 
ATOM   362 C CA  . LYS A 1 60 ? -3.978  6.524   6.689   1.00 13.81 ? 54  LYS A CA  1 
ATOM   363 C C   . LYS A 1 60 ? -4.927  5.398   7.104   1.00 17.42 ? 54  LYS A C   1 
ATOM   364 O O   . LYS A 1 60 ? -4.467  4.365   7.592   1.00 17.59 ? 54  LYS A O   1 
ATOM   365 C CB  . LYS A 1 60 ? -3.988  7.634   7.721   1.00 16.26 ? 54  LYS A CB  1 
ATOM   366 C CG  . LYS A 1 60 ? -2.800  8.606   7.582   1.00 20.70 ? 54  LYS A CG  1 
ATOM   367 C CD  . LYS A 1 60 ? -2.917  9.804   8.560   1.00 28.49 ? 54  LYS A CD  1 
ATOM   368 C CE  . LYS A 1 60 ? -2.980  9.433   10.030  1.00 42.65 ? 54  LYS A CE  1 
ATOM   369 N NZ  . LYS A 1 60 ? -1.827  8.594   10.460  1.00 56.69 ? 54  LYS A NZ  1 
ATOM   370 N N   . ALA A 1 61 ? -6.237  5.567   6.845   1.00 14.72 ? 55  ALA A N   1 
ATOM   371 C CA  . ALA A 1 61 ? -7.202  4.522   7.172   1.00 15.04 ? 55  ALA A CA  1 
ATOM   372 C C   . ALA A 1 61 ? -6.923  3.267   6.349   1.00 17.50 ? 55  ALA A C   1 
ATOM   373 O O   . ALA A 1 61 ? -6.970  2.160   6.888   1.00 17.75 ? 55  ALA A O   1 
ATOM   374 C CB  . ALA A 1 61 ? -8.613  5.033   6.934   1.00 16.61 ? 55  ALA A CB  1 
ATOM   375 N N   . ALA A 1 62 ? -6.592  3.439   5.053   1.00 14.51 ? 56  ALA A N   1 
ATOM   376 C CA  . ALA A 1 62 ? -6.298  2.313   4.158   1.00 14.75 ? 56  ALA A CA  1 
ATOM   377 C C   . ALA A 1 62 ? -5.091  1.523   4.585   1.00 17.08 ? 56  ALA A C   1 
ATOM   378 O O   . ALA A 1 62 ? -5.146  0.284   4.607   1.00 17.28 ? 56  ALA A O   1 
ATOM   379 C CB  . ALA A 1 62 ? -6.122  2.792   2.713   1.00 15.47 ? 56  ALA A CB  1 
ATOM   380 N N   . VAL A 1 63 ? -3.991  2.196   4.925   1.00 13.59 ? 57  VAL A N   1 
ATOM   381 C CA  . VAL A 1 63 ? -2.772  1.504   5.355   1.00 13.81 ? 57  VAL A CA  1 
ATOM   382 C C   . VAL A 1 63 ? -2.982  0.786   6.695   1.00 16.83 ? 57  VAL A C   1 
ATOM   383 O O   . VAL A 1 63 ? -2.530  -0.360  6.846   1.00 16.21 ? 57  VAL A O   1 
ATOM   384 C CB  . VAL A 1 63 ? -1.605  2.504   5.401   1.00 16.58 ? 57  VAL A CB  1 
ATOM   385 C CG1 . VAL A 1 63 ? -0.380  1.919   6.109   1.00 16.73 ? 57  VAL A CG1 1 
ATOM   386 C CG2 . VAL A 1 63 ? -1.252  2.936   3.996   1.00 17.24 ? 57  VAL A CG2 1 
ATOM   387 N N   . ASP A 1 64 ? -3.778  1.385   7.607   1.00 16.43 ? 58  ASP A N   1 
ATOM   388 C CA  . ASP A 1 64 ? -4.033  0.714   8.888   1.00 16.94 ? 58  ASP A CA  1 
ATOM   389 C C   . ASP A 1 64 ? -4.828  -0.561  8.627   1.00 19.08 ? 58  ASP A C   1 
ATOM   390 O O   . ASP A 1 64 ? -4.493  -1.628  9.166   1.00 18.91 ? 58  ASP A O   1 
ATOM   391 C CB  . ASP A 1 64 ? -4.821  1.621   9.842   1.00 20.15 ? 58  ASP A CB  1 
ATOM   392 C CG  . ASP A 1 64 ? -4.009  2.747   10.475  1.00 32.49 ? 58  ASP A CG  1 
ATOM   393 O OD1 . ASP A 1 64 ? -2.775  2.788   10.263  1.00 34.85 ? 58  ASP A OD1 1 
ATOM   394 O OD2 . ASP A 1 64 ? -4.612  3.590   11.190  1.00 41.32 ? 58  ASP A OD2 1 
ATOM   395 N N   . ALA A 1 65 ? -5.836  -0.478  7.724   1.00 16.60 ? 59  ALA A N   1 
ATOM   396 C CA  . ALA A 1 65 ? -6.675  -1.650  7.412   1.00 16.71 ? 59  ALA A CA  1 
ATOM   397 C C   . ALA A 1 65 ? -5.879  -2.709  6.671   1.00 18.22 ? 59  ALA A C   1 
ATOM   398 O O   . ALA A 1 65 ? -6.057  -3.914  6.916   1.00 17.44 ? 59  ALA A O   1 
ATOM   399 C CB  . ALA A 1 65 ? -7.859  -1.227  6.564   1.00 17.08 ? 59  ALA A CB  1 
ATOM   400 N N   . GLY A 1 66 ? -5.053  -2.278  5.716   1.00 15.39 ? 60  GLY A N   1 
ATOM   401 C CA  . GLY A 1 66 ? -4.283  -3.206  4.903   1.00 14.74 ? 60  GLY A CA  1 
ATOM   402 C C   . GLY A 1 66 ? -3.240  -3.979  5.670   1.00 17.46 ? 60  GLY A C   1 
ATOM   403 O O   . GLY A 1 66 ? -3.099  -5.186  5.464   1.00 16.58 ? 60  GLY A O   1 
ATOM   404 N N   . SER A 1 67 ? -2.472  -3.279  6.525   1.00 15.36 ? 61  SER A N   1 
ATOM   405 C CA  . SER A 1 67 ? -1.448  -3.942  7.327   1.00 15.45 ? 61  SER A CA  1 
ATOM   406 C C   . SER A 1 67 ? -2.086  -4.919  8.307   1.00 18.98 ? 61  SER A C   1 
ATOM   407 O O   . SER A 1 67 ? -1.610  -6.062  8.416   1.00 18.23 ? 61  SER A O   1 
ATOM   408 C CB  . SER A 1 67 ? -0.583  -2.918  8.052   1.00 21.33 ? 61  SER A CB  1 
ATOM   409 O OG  . SER A 1 67 ? -1.344  -2.079  8.905   1.00 29.78 ? 61  SER A OG  1 
ATOM   410 N N   . ALA A 1 68 ? -3.212  -4.516  8.943   1.00 16.59 ? 62  ALA A N   1 
ATOM   411 C CA  . ALA A 1 68 ? -3.907  -5.414  9.866   1.00 16.29 ? 62  ALA A CA  1 
ATOM   412 C C   . ALA A 1 68 ? -4.428  -6.655  9.152   1.00 17.79 ? 62  ALA A C   1 
ATOM   413 O O   . ALA A 1 68 ? -4.233  -7.767  9.637   1.00 19.19 ? 62  ALA A O   1 
ATOM   414 C CB  . ALA A 1 68 ? -5.057  -4.705  10.555  1.00 17.50 ? 62  ALA A CB  1 
ATOM   415 N N   . ALA A 1 69 ? -5.022  -6.486  7.965   1.00 15.28 ? 63  ALA A N   1 
ATOM   416 C CA  . ALA A 1 69 ? -5.584  -7.625  7.238   1.00 15.15 ? 63  ALA A CA  1 
ATOM   417 C C   . ALA A 1 69 ? -4.504  -8.552  6.726   1.00 16.73 ? 63  ALA A C   1 
ATOM   418 O O   . ALA A 1 69 ? -4.636  -9.791  6.839   1.00 17.15 ? 63  ALA A O   1 
ATOM   419 C CB  . ALA A 1 69 ? -6.437  -7.136  6.084   1.00 16.21 ? 63  ALA A CB  1 
ATOM   420 N N   . ALA A 1 70 ? -3.417  -7.980  6.179   1.00 15.16 ? 64  ALA A N   1 
ATOM   421 C CA  . ALA A 1 70 ? -2.329  -8.801  5.671   1.00 14.47 ? 64  ALA A CA  1 
ATOM   422 C C   . ALA A 1 70 ? -1.649  -9.555  6.796   1.00 17.95 ? 64  ALA A C   1 
ATOM   423 O O   . ALA A 1 70 ? -1.224  -10.688 6.568   1.00 18.79 ? 64  ALA A O   1 
ATOM   424 C CB  . ALA A 1 70 ? -1.320  -7.935  4.918   1.00 15.93 ? 64  ALA A CB  1 
ATOM   425 N N   . SER A 1 71 ? -1.562  -8.963  7.997   1.00 16.01 ? 65  SER A N   1 
ATOM   426 C CA  A SER A 1 71 ? -0.908  -9.657  9.101   0.57 15.96 ? 65  SER A CA  1 
ATOM   427 C CA  B SER A 1 71 ? -0.930  -9.637  9.133   0.43 15.97 ? 65  SER A CA  1 
ATOM   428 C C   . SER A 1 71 ? -1.670  -10.889 9.588   1.00 20.34 ? 65  SER A C   1 
ATOM   429 O O   . SER A 1 71 ? -1.060  -11.766 10.196  1.00 19.39 ? 65  SER A O   1 
ATOM   430 C CB  A SER A 1 71 ? -0.627  -8.706  10.258  0.57 18.84 ? 65  SER A CB  1 
ATOM   431 C CB  B SER A 1 71 ? -0.773  -8.685  10.310  0.43 18.56 ? 65  SER A CB  1 
ATOM   432 O OG  A SER A 1 71 ? -1.836  -8.245  10.835  0.57 23.77 ? 65  SER A OG  1 
ATOM   433 O OG  B SER A 1 71 ? 0.317   -7.806  10.106  0.43 20.81 ? 65  SER A OG  1 
ATOM   434 N N   . VAL A 1 72 ? -2.983  -10.969 9.319   1.00 16.64 ? 66  VAL A N   1 
ATOM   435 C CA  . VAL A 1 72 ? -3.771  -12.113 9.748   1.00 18.43 ? 66  VAL A CA  1 
ATOM   436 C C   . VAL A 1 72 ? -3.504  -13.314 8.854   1.00 21.63 ? 66  VAL A C   1 
ATOM   437 O O   . VAL A 1 72 ? -3.471  -14.456 9.344   1.00 23.48 ? 66  VAL A O   1 
ATOM   438 C CB  . VAL A 1 72 ? -5.269  -11.724 9.795   1.00 23.51 ? 66  VAL A CB  1 
ATOM   439 C CG1 . VAL A 1 72 ? -6.162  -12.951 9.951   1.00 24.80 ? 66  VAL A CG1 1 
ATOM   440 C CG2 . VAL A 1 72 ? -5.519  -10.724 10.918  1.00 24.42 ? 66  VAL A CG2 1 
ATOM   441 N N   . VAL A 1 73 ? -3.291  -13.059 7.542   1.00 18.01 ? 67  VAL A N   1 
ATOM   442 C CA  . VAL A 1 73 ? -3.121  -14.153 6.579   1.00 18.82 ? 67  VAL A CA  1 
ATOM   443 C C   . VAL A 1 73 ? -1.689  -14.400 6.131   1.00 19.01 ? 67  VAL A C   1 
ATOM   444 O O   . VAL A 1 73 ? -1.393  -15.482 5.596   1.00 20.15 ? 67  VAL A O   1 
ATOM   445 C CB  . VAL A 1 73 ? -4.056  -13.988 5.352   1.00 23.52 ? 67  VAL A CB  1 
ATOM   446 C CG1 . VAL A 1 73 ? -5.516  -13.822 5.783   1.00 23.89 ? 67  VAL A CG1 1 
ATOM   447 C CG2 . VAL A 1 73 ? -3.625  -12.824 4.476   1.00 23.64 ? 67  VAL A CG2 1 
ATOM   448 N N   . GLY A 1 74 ? -0.822  -13.405 6.295   1.00 17.35 ? 68  GLY A N   1 
ATOM   449 C CA  . GLY A 1 74 ? 0.531   -13.514 5.798   1.00 18.51 ? 68  GLY A CA  1 
ATOM   450 C C   . GLY A 1 74 ? 1.514   -12.796 6.674   1.00 23.29 ? 68  GLY A C   1 
ATOM   451 O O   . GLY A 1 74 ? 1.390   -12.823 7.896   1.00 25.07 ? 68  GLY A O   1 
ATOM   452 N N   . GLU A 1 75 ? 2.523   -12.187 6.055   1.00 20.17 ? 69  GLU A N   1 
ATOM   453 C CA  . GLU A 1 75 ? 3.604   -11.547 6.772   1.00 20.77 ? 69  GLU A CA  1 
ATOM   454 C C   . GLU A 1 75 ? 3.787   -10.132 6.267   1.00 22.77 ? 69  GLU A C   1 
ATOM   455 O O   . GLU A 1 75 ? 3.947   -9.945  5.076   1.00 21.87 ? 69  GLU A O   1 
ATOM   456 C CB  . GLU A 1 75 ? 4.875   -12.390 6.522   1.00 24.11 ? 69  GLU A CB  1 
ATOM   457 C CG  . GLU A 1 75 ? 6.121   -11.942 7.268   1.00 34.63 ? 69  GLU A CG  1 
ATOM   458 C CD  . GLU A 1 75 ? 7.328   -12.822 6.996   1.00 54.31 ? 69  GLU A CD  1 
ATOM   459 O OE1 . GLU A 1 75 ? 7.145   -13.966 6.520   1.00 45.81 ? 69  GLU A OE1 1 
ATOM   460 O OE2 . GLU A 1 75 ? 8.462   -12.362 7.255   1.00 46.29 ? 69  GLU A OE2 1 
ATOM   461 N N   . VAL A 1 76 ? 3.704   -9.138  7.143   1.00 18.88 ? 70  VAL A N   1 
ATOM   462 C CA  . VAL A 1 76 ? 3.904   -7.741  6.767   1.00 17.61 ? 70  VAL A CA  1 
ATOM   463 C C   . VAL A 1 76 ? 5.343   -7.374  7.086   1.00 20.84 ? 70  VAL A C   1 
ATOM   464 O O   . VAL A 1 76 ? 5.829   -7.651  8.188   1.00 23.43 ? 70  VAL A O   1 
ATOM   465 C CB  . VAL A 1 76 ? 2.917   -6.810  7.509   1.00 19.77 ? 70  VAL A CB  1 
ATOM   466 C CG1 . VAL A 1 76 ? 3.213   -5.336  7.253   1.00 18.65 ? 70  VAL A CG1 1 
ATOM   467 C CG2 . VAL A 1 76 ? 1.478   -7.134  7.148   1.00 19.39 ? 70  VAL A CG2 1 
ATOM   468 N N   . LYS A 1 77 ? 6.022   -6.763  6.122   1.00 19.01 ? 71  LYS A N   1 
ATOM   469 C CA  . LYS A 1 77 ? 7.415   -6.320  6.257   1.00 20.06 ? 71  LYS A CA  1 
ATOM   470 C C   . LYS A 1 77 ? 7.463   -4.877  6.761   1.00 21.14 ? 71  LYS A C   1 
ATOM   471 O O   . LYS A 1 77 ? 8.192   -4.586  7.716   1.00 22.67 ? 71  LYS A O   1 
ATOM   472 C CB  . LYS A 1 77 ? 8.143   -6.473  4.899   1.00 22.77 ? 71  LYS A CB  1 
ATOM   473 C CG  . LYS A 1 77 ? 9.519   -5.809  4.797   1.00 35.36 ? 71  LYS A CG  1 
ATOM   474 C CD  . LYS A 1 77 ? 10.651  -6.801  4.877   1.00 43.87 ? 71  LYS A CD  1 
ATOM   475 C CE  . LYS A 1 77 ? 11.964  -6.195  4.442   1.00 48.98 ? 71  LYS A CE  1 
ATOM   476 N NZ  . LYS A 1 77 ? 12.487  -5.213  5.429   1.00 47.43 ? 71  LYS A NZ  1 
ATOM   477 N N   . SER A 1 78 ? 6.698   -3.984  6.122   1.00 16.76 ? 72  SER A N   1 
ATOM   478 C CA  . SER A 1 78 ? 6.686   -2.558  6.445   1.00 15.09 ? 72  SER A CA  1 
ATOM   479 C C   . SER A 1 78 ? 5.349   -1.964  6.032   1.00 18.07 ? 72  SER A C   1 
ATOM   480 O O   . SER A 1 78 ? 4.703   -2.468  5.124   1.00 17.87 ? 72  SER A O   1 
ATOM   481 C CB  . SER A 1 78 ? 7.754   -1.836  5.621   1.00 19.25 ? 72  SER A CB  1 
ATOM   482 O OG  . SER A 1 78 ? 9.070   -2.151  6.036   1.00 27.31 ? 72  SER A OG  1 
ATOM   483 N N   . CYS A 1 79 ? 4.981   -0.826  6.607   1.00 17.33 ? 73  CYS A N   1 
ATOM   484 C CA  . CYS A 1 79 ? 3.846   -0.043  6.151   1.00 19.24 ? 73  CYS A CA  1 
ATOM   485 C C   . CYS A 1 79 ? 4.114   1.404   6.474   1.00 19.88 ? 73  CYS A C   1 
ATOM   486 O O   . CYS A 1 79 ? 4.859   1.696   7.423   1.00 20.53 ? 73  CYS A O   1 
ATOM   487 C CB  . CYS A 1 79 ? 2.502   -0.518  6.677   1.00 23.51 ? 73  CYS A CB  1 
ATOM   488 S SG  . CYS A 1 79 ? 2.294   -0.297  8.444   1.00 31.54 ? 73  CYS A SG  1 
ATOM   489 N N   . HIS A 1 80 ? 3.655   2.283   5.603   1.00 15.23 ? 74  HIS A N   1 
ATOM   490 C CA  . HIS A 1 80 ? 3.988   3.688   5.760   1.00 14.97 ? 74  HIS A CA  1 
ATOM   491 C C   . HIS A 1 80 ? 3.066   4.585   4.998   1.00 15.95 ? 74  HIS A C   1 
ATOM   492 O O   . HIS A 1 80 ? 2.446   4.182   4.016   1.00 15.93 ? 74  HIS A O   1 
ATOM   493 C CB  . HIS A 1 80 ? 5.424   3.876   5.229   1.00 16.00 ? 74  HIS A CB  1 
ATOM   494 C CG  . HIS A 1 80 ? 6.017   5.208   5.495   1.00 19.42 ? 74  HIS A CG  1 
ATOM   495 N ND1 . HIS A 1 80 ? 5.898   5.818   6.732   1.00 21.24 ? 74  HIS A ND1 1 
ATOM   496 C CD2 . HIS A 1 80 ? 6.713   6.012   4.666   1.00 22.96 ? 74  HIS A CD2 1 
ATOM   497 C CE1 . HIS A 1 80 ? 6.547   6.977   6.619   1.00 22.09 ? 74  HIS A CE1 1 
ATOM   498 N NE2 . HIS A 1 80 ? 7.047   7.133   5.396   1.00 22.94 ? 74  HIS A NE2 1 
ATOM   499 N N   . VAL A 1 81 ? 2.982   5.842   5.439   1.00 13.03 ? 75  VAL A N   1 
ATOM   500 C CA  . VAL A 1 81 ? 2.214   6.850   4.725   1.00 13.45 ? 75  VAL A CA  1 
ATOM   501 C C   . VAL A 1 81 ? 3.140   8.037   4.527   1.00 15.02 ? 75  VAL A C   1 
ATOM   502 O O   . VAL A 1 81 ? 3.798   8.459   5.470   1.00 15.88 ? 75  VAL A O   1 
ATOM   503 C CB  . VAL A 1 81 ? 0.959   7.311   5.517   1.00 16.49 ? 75  VAL A CB  1 
ATOM   504 C CG1 . VAL A 1 81 ? 0.271   8.512   4.836   1.00 17.22 ? 75  VAL A CG1 1 
ATOM   505 C CG2 . VAL A 1 81 ? -0.033  6.164   5.699   1.00 15.84 ? 75  VAL A CG2 1 
ATOM   506 N N   . ILE A 1 82 ? 3.140   8.574   3.310   1.00 13.92 ? 76  ILE A N   1 
ATOM   507 C CA  . ILE A 1 82 ? 3.832   9.806   2.955   1.00 14.44 ? 76  ILE A CA  1 
ATOM   508 C C   . ILE A 1 82 ? 2.736   10.801  2.568   1.00 15.91 ? 76  ILE A C   1 
ATOM   509 O O   . ILE A 1 82 ? 2.169   10.700  1.471   1.00 15.47 ? 76  ILE A O   1 
ATOM   510 C CB  . ILE A 1 82 ? 4.876   9.607   1.836   1.00 17.03 ? 76  ILE A CB  1 
ATOM   511 C CG1 . ILE A 1 82 ? 5.927   8.551   2.232   1.00 18.79 ? 76  ILE A CG1 1 
ATOM   512 C CG2 . ILE A 1 82 ? 5.553   10.947  1.473   1.00 18.98 ? 76  ILE A CG2 1 
ATOM   513 C CD1 . ILE A 1 82 ? 6.972   8.237   1.115   1.00 19.76 ? 76  ILE A CD1 1 
ATOM   514 N N   . PRO A 1 83 ? 2.427   11.790  3.431   1.00 15.38 ? 77  PRO A N   1 
ATOM   515 C CA  . PRO A 1 83 ? 1.309   12.696  3.126   1.00 15.17 ? 77  PRO A CA  1 
ATOM   516 C C   . PRO A 1 83 ? 1.441   13.515  1.855   1.00 16.81 ? 77  PRO A C   1 
ATOM   517 O O   . PRO A 1 83 ? 0.438   13.807  1.208   1.00 16.91 ? 77  PRO A O   1 
ATOM   518 C CB  . PRO A 1 83 ? 1.135   13.491  4.409   1.00 17.08 ? 77  PRO A CB  1 
ATOM   519 C CG  . PRO A 1 83 ? 1.637   12.602  5.470   1.00 20.23 ? 77  PRO A CG  1 
ATOM   520 C CD  . PRO A 1 83 ? 2.875   11.960  4.823   1.00 17.25 ? 77  PRO A CD  1 
ATOM   521 N N   . ARG A 1 84 ? 2.698   13.877  1.482   1.00 14.44 ? 78  ARG A N   1 
ATOM   522 C CA  . ARG A 1 84 ? 2.916   14.629  0.257   1.00 15.06 ? 78  ARG A CA  1 
ATOM   523 C C   . ARG A 1 84 ? 4.297   14.271  -0.269  1.00 17.56 ? 78  ARG A C   1 
ATOM   524 O O   . ARG A 1 84 ? 5.288   14.905  0.095   1.00 17.09 ? 78  ARG A O   1 
ATOM   525 C CB  . ARG A 1 84 ? 2.847   16.153  0.505   1.00 15.62 ? 78  ARG A CB  1 
ATOM   526 C CG  . ARG A 1 84 ? 2.871   16.899  -0.819  1.00 18.12 ? 78  ARG A CG  1 
ATOM   527 C CD  . ARG A 1 84 ? 3.095   18.356  -0.619  1.00 21.41 ? 78  ARG A CD  1 
ATOM   528 N NE  . ARG A 1 84 ? 2.921   19.100  -1.855  1.00 23.47 ? 78  ARG A NE  1 
ATOM   529 C CZ  . ARG A 1 84 ? 2.516   20.364  -1.895  1.00 35.74 ? 78  ARG A CZ  1 
ATOM   530 N NH1 . ARG A 1 84 ? 2.261   21.025  -0.768  1.00 24.33 ? 78  ARG A NH1 1 
ATOM   531 N NH2 . ARG A 1 84 ? 2.363   20.979  -3.060  1.00 39.51 ? 78  ARG A NH2 1 
ATOM   532 N N   . PRO A 1 85 ? 4.387   13.272  -1.153  1.00 15.04 ? 79  PRO A N   1 
ATOM   533 C CA  . PRO A 1 85 ? 5.693   12.931  -1.709  1.00 14.62 ? 79  PRO A CA  1 
ATOM   534 C C   . PRO A 1 85 ? 6.277   14.120  -2.460  1.00 19.04 ? 79  PRO A C   1 
ATOM   535 O O   . PRO A 1 85 ? 5.544   14.863  -3.132  1.00 19.45 ? 79  PRO A O   1 
ATOM   536 C CB  . PRO A 1 85 ? 5.383   11.787  -2.674  1.00 16.01 ? 79  PRO A CB  1 
ATOM   537 C CG  . PRO A 1 85 ? 4.109   11.207  -2.186  1.00 19.54 ? 79  PRO A CG  1 
ATOM   538 C CD  . PRO A 1 85 ? 3.323   12.379  -1.659  1.00 16.21 ? 79  PRO A CD  1 
ATOM   539 N N   . HIS A 1 86 ? 7.606   14.298  -2.359  1.00 17.85 ? 80  HIS A N   1 
ATOM   540 C CA  . HIS A 1 86 ? 8.281   15.386  -3.047  1.00 18.21 ? 80  HIS A CA  1 
ATOM   541 C C   . HIS A 1 86 ? 8.099   15.148  -4.531  1.00 19.52 ? 80  HIS A C   1 
ATOM   542 O O   . HIS A 1 86 ? 8.111   13.989  -4.952  1.00 19.83 ? 80  HIS A O   1 
ATOM   543 C CB  . HIS A 1 86 ? 9.764   15.391  -2.655  1.00 19.16 ? 80  HIS A CB  1 
ATOM   544 C CG  . HIS A 1 86 ? 10.537  16.597  -3.086  1.00 23.26 ? 80  HIS A CG  1 
ATOM   545 N ND1 . HIS A 1 86 ? 10.999  16.733  -4.384  1.00 24.66 ? 80  HIS A ND1 1 
ATOM   546 C CD2 . HIS A 1 86 ? 10.938  17.671  -2.364  1.00 25.33 ? 80  HIS A CD2 1 
ATOM   547 C CE1 . HIS A 1 86 ? 11.658  17.882  -4.413  1.00 24.44 ? 80  HIS A CE1 1 
ATOM   548 N NE2 . HIS A 1 86 ? 11.641  18.487  -3.222  1.00 25.38 ? 80  HIS A NE2 1 
ATOM   549 N N   . SER A 1 87 ? 7.971   16.221  -5.329  1.00 20.19 ? 81  SER A N   1 
ATOM   550 C CA  . SER A 1 87 ? 7.769   16.089  -6.780  1.00 20.48 ? 81  SER A CA  1 
ATOM   551 C C   . SER A 1 87 ? 8.830   15.200  -7.430  1.00 23.46 ? 81  SER A C   1 
ATOM   552 O O   . SER A 1 87 ? 8.483   14.421  -8.311  1.00 24.21 ? 81  SER A O   1 
ATOM   553 C CB  . SER A 1 87 ? 7.734   17.447  -7.465  1.00 25.21 ? 81  SER A CB  1 
ATOM   554 O OG  . SER A 1 87 ? 8.949   18.133  -7.235  1.00 37.36 ? 81  SER A OG  1 
ATOM   555 N N   . ASP A 1 88 ? 10.119  15.286  -6.973  1.00 21.69 ? 82  ASP A N   1 
ATOM   556 C CA  . ASP A 1 88 ? 11.187  14.454  -7.530  1.00 22.32 ? 82  ASP A CA  1 
ATOM   557 C C   . ASP A 1 88 ? 10.946  12.947  -7.346  1.00 25.37 ? 82  ASP A C   1 
ATOM   558 O O   . ASP A 1 88 ? 11.368  12.159  -8.185  1.00 25.67 ? 82  ASP A O   1 
ATOM   559 C CB  . ASP A 1 88 ? 12.545  14.834  -6.923  1.00 24.05 ? 82  ASP A CB  1 
ATOM   560 C CG  . ASP A 1 88 ? 13.097  16.168  -7.375  1.00 35.01 ? 82  ASP A CG  1 
ATOM   561 O OD1 . ASP A 1 88 ? 12.345  16.937  -8.010  1.00 37.37 ? 82  ASP A OD1 1 
ATOM   562 O OD2 . ASP A 1 88 ? 14.295  16.433  -7.115  1.00 38.01 ? 82  ASP A OD2 1 
ATOM   563 N N   . VAL A 1 89 ? 10.229  12.549  -6.286  1.00 22.03 ? 83  VAL A N   1 
ATOM   564 C CA  . VAL A 1 89 ? 9.942   11.143  -5.965  1.00 20.82 ? 83  VAL A CA  1 
ATOM   565 C C   . VAL A 1 89 ? 9.020   10.479  -6.976  1.00 21.56 ? 83  VAL A C   1 
ATOM   566 O O   . VAL A 1 89 ? 9.073   9.263   -7.138  1.00 21.88 ? 83  VAL A O   1 
ATOM   567 C CB  . VAL A 1 89 ? 9.407   11.032  -4.513  1.00 27.47 ? 83  VAL A CB  1 
ATOM   568 C CG1 . VAL A 1 89 ? 8.625   9.741   -4.232  1.00 28.37 ? 83  VAL A CG1 1 
ATOM   569 C CG2 . VAL A 1 89 ? 10.547  11.170  -3.553  1.00 28.33 ? 83  VAL A CG2 1 
ATOM   570 N N   . GLU A 1 90 ? 8.159   11.267  -7.648  1.00 20.87 ? 84  GLU A N   1 
ATOM   571 C CA  . GLU A 1 90 ? 7.222   10.694  -8.613  1.00 21.37 ? 84  GLU A CA  1 
ATOM   572 C C   . GLU A 1 90 ? 7.935   9.916   -9.723  1.00 25.63 ? 84  GLU A C   1 
ATOM   573 O O   . GLU A 1 90 ? 7.360   8.954   -10.223 1.00 25.66 ? 84  GLU A O   1 
ATOM   574 C CB  . GLU A 1 90 ? 6.266   11.755  -9.174  1.00 22.93 ? 84  GLU A CB  1 
ATOM   575 C CG  . GLU A 1 90 ? 5.481   12.523  -8.105  1.00 27.02 ? 84  GLU A CG  1 
ATOM   576 C CD  . GLU A 1 90 ? 4.334   11.813  -7.403  1.00 37.89 ? 84  GLU A CD  1 
ATOM   577 O OE1 . GLU A 1 90 ? 3.900   10.746  -7.889  1.00 34.37 ? 84  GLU A OE1 1 
ATOM   578 O OE2 . GLU A 1 90 ? 3.833   12.352  -6.391  1.00 33.22 ? 84  GLU A OE2 1 
ATOM   579 N N   . ALA A 1 91 ? 9.205   10.268  -10.039 1.00 23.49 ? 85  ALA A N   1 
ATOM   580 C CA  . ALA A 1 91 ? 10.022  9.557   -11.024 1.00 23.95 ? 85  ALA A CA  1 
ATOM   581 C C   . ALA A 1 91 ? 10.224  8.069   -10.684 1.00 24.67 ? 85  ALA A C   1 
ATOM   582 O O   . ALA A 1 91 ? 10.347  7.229   -11.588 1.00 24.82 ? 85  ALA A O   1 
ATOM   583 C CB  . ALA A 1 91 ? 11.384  10.226  -11.145 1.00 25.31 ? 85  ALA A CB  1 
ATOM   584 N N   . ILE A 1 92 ? 10.355  7.751   -9.379  1.00 19.58 ? 86  ILE A N   1 
ATOM   585 C CA  . ILE A 1 92 ? 10.640  6.393   -8.943  1.00 18.85 ? 86  ILE A CA  1 
ATOM   586 C C   . ILE A 1 92 ? 9.408   5.581   -8.540  1.00 20.75 ? 86  ILE A C   1 
ATOM   587 O O   . ILE A 1 92 ? 9.527   4.390   -8.274  1.00 22.28 ? 86  ILE A O   1 
ATOM   588 C CB  . ILE A 1 92 ? 11.828  6.268   -7.955  1.00 22.00 ? 86  ILE A CB  1 
ATOM   589 C CG1 . ILE A 1 92 ? 11.608  7.016   -6.629  1.00 21.19 ? 86  ILE A CG1 1 
ATOM   590 C CG2 . ILE A 1 92 ? 13.124  6.712   -8.622  1.00 21.56 ? 86  ILE A CG2 1 
ATOM   591 C CD1 . ILE A 1 92 ? 10.801  6.288   -5.621  1.00 25.60 ? 86  ILE A CD1 1 
ATOM   592 N N   . LEU A 1 93 ? 8.243   6.231   -8.478  1.00 16.94 ? 87  LEU A N   1 
ATOM   593 C CA  . LEU A 1 93 ? 6.999   5.527   -8.185  1.00 16.76 ? 87  LEU A CA  1 
ATOM   594 C C   . LEU A 1 93 ? 6.483   4.794   -9.409  1.00 22.19 ? 87  LEU A C   1 
ATOM   595 O O   . LEU A 1 93 ? 6.692   5.240   -10.539 1.00 22.81 ? 87  LEU A O   1 
ATOM   596 C CB  . LEU A 1 93 ? 5.923   6.479   -7.657  1.00 16.24 ? 87  LEU A CB  1 
ATOM   597 C CG  . LEU A 1 93 ? 6.239   7.126   -6.334  1.00 19.02 ? 87  LEU A CG  1 
ATOM   598 C CD1 . LEU A 1 93 ? 5.119   8.051   -5.899  1.00 18.49 ? 87  LEU A CD1 1 
ATOM   599 C CD2 . LEU A 1 93 ? 6.476   6.099   -5.238  1.00 19.85 ? 87  LEU A CD2 1 
ATOM   600 N N   . PRO A 1 94 ? 5.808   3.664   -9.223  1.00 18.31 ? 88  PRO A N   1 
ATOM   601 C CA  . PRO A 1 94 ? 5.237   2.965   -10.381 1.00 18.38 ? 88  PRO A CA  1 
ATOM   602 C C   . PRO A 1 94 ? 4.266   3.831   -11.176 1.00 20.54 ? 88  PRO A C   1 
ATOM   603 O O   . PRO A 1 94 ? 3.644   4.750   -10.633 1.00 19.67 ? 88  PRO A O   1 
ATOM   604 C CB  . PRO A 1 94 ? 4.481   1.784   -9.769  1.00 20.46 ? 88  PRO A CB  1 
ATOM   605 C CG  . PRO A 1 94 ? 4.998   1.647   -8.395  1.00 23.58 ? 88  PRO A CG  1 
ATOM   606 C CD  . PRO A 1 94 ? 5.499   2.974   -7.956  1.00 18.73 ? 88  PRO A CD  1 
ATOM   607 N N   . LYS A 1 95 ? 4.141   3.524   -12.465 1.00 19.91 ? 89  LYS A N   1 
ATOM   608 C CA  . LYS A 1 95 ? 3.284   4.285   -13.372 1.00 21.20 ? 89  LYS A CA  1 
ATOM   609 C C   . LYS A 1 95 ? 1.890   3.693   -13.529 1.00 28.31 ? 89  LYS A C   1 
ATOM   610 O O   . LYS A 1 95 ? 1.041   4.299   -14.181 1.00 29.69 ? 89  LYS A O   1 
ATOM   611 C CB  . LYS A 1 95 ? 3.963   4.500   -14.730 1.00 23.26 ? 89  LYS A CB  1 
ATOM   612 C CG  . LYS A 1 95 ? 5.414   4.977   -14.662 1.00 27.69 ? 89  LYS A CG  1 
ATOM   613 C CD  . LYS A 1 95 ? 5.576   6.243   -13.850 1.00 25.24 ? 89  LYS A CD  1 
ATOM   614 C CE  . LYS A 1 95 ? 7.036   6.506   -13.604 1.00 25.42 ? 89  LYS A CE  1 
ATOM   615 N NZ  . LYS A 1 95 ? 7.195   7.452   -12.481 1.00 27.14 ? 89  LYS A NZ  1 
ATOM   616 N N   . SER A 1 96 ? 1.649   2.529   -12.905 1.00 23.36 ? 90  SER A N   1 
ATOM   617 C CA  . SER A 1 96 ? 0.367   1.814   -12.870 1.00 23.63 ? 90  SER A CA  1 
ATOM   618 C C   . SER A 1 96 ? 0.494   0.694   -11.849 1.00 27.31 ? 90  SER A C   1 
ATOM   619 O O   . SER A 1 96 ? 1.613   0.240   -11.588 1.00 26.48 ? 90  SER A O   1 
ATOM   620 C CB  . SER A 1 96 ? 0.045   1.224   -14.241 1.00 30.63 ? 90  SER A CB  1 
ATOM   621 O OG  . SER A 1 96 ? 0.802   0.047   -14.478 1.00 42.89 ? 90  SER A OG  1 
ATOM   622 N N   . ALA A 1 97 ? -0.640  0.206   -11.311 1.00 25.49 ? 91  ALA A N   1 
ATOM   623 C CA  . ALA A 1 97 ? -0.624  -0.896  -10.342 1.00 31.82 ? 91  ALA A CA  1 
ATOM   624 C C   . ALA A 1 97 ? -0.373  -2.252  -10.997 1.00 82.15 ? 91  ALA A C   1 
ATOM   625 O O   . ALA A 1 97 ? -0.880  -2.521  -12.084 1.00 58.70 ? 91  ALA A O   1 
ATOM   626 C CB  . ALA A 1 97 ? -1.923  -0.926  -9.554  1.00 31.81 ? 91  ALA A CB  1 
HETATM 627 O O   . HOH B 2 .  ? -13.610 -7.970  -0.009  1.00 27.46 ? 101 HOH A O   1 
HETATM 628 O O   . HOH B 2 .  ? 5.643   17.970  -3.036  1.00 30.32 ? 102 HOH A O   1 
HETATM 629 O O   . HOH B 2 .  ? -9.893  12.974  4.816   1.00 31.81 ? 103 HOH A O   1 
HETATM 630 O O   . HOH B 2 .  ? 10.639  -2.125  3.454   1.00 25.86 ? 104 HOH A O   1 
HETATM 631 O O   . HOH B 2 .  ? -10.575 -9.199  2.031   1.00 29.98 ? 105 HOH A O   1 
HETATM 632 O O   . HOH B 2 .  ? -7.346  -10.589 6.914   1.00 24.19 ? 106 HOH A O   1 
HETATM 633 O O   . HOH B 2 .  ? 8.346   -4.963  -2.468  1.00 21.10 ? 107 HOH A O   1 
HETATM 634 O O   . HOH B 2 .  ? 6.511   17.296  0.115   1.00 24.81 ? 108 HOH A O   1 
HETATM 635 O O   . HOH B 2 .  ? 2.151   -12.417 3.025   1.00 23.15 ? 109 HOH A O   1 
HETATM 636 O O   . HOH B 2 .  ? -9.171  10.199  -1.216  1.00 19.83 ? 110 HOH A O   1 
HETATM 637 O O   . HOH B 2 .  ? 11.186  -3.781  7.324   1.00 32.84 ? 111 HOH A O   1 
HETATM 638 O O   . HOH B 2 .  ? -8.694  1.691   8.928   1.00 26.14 ? 112 HOH A O   1 
HETATM 639 O O   . HOH B 2 .  ? -7.898  8.517   8.835   1.00 35.98 ? 113 HOH A O   1 
HETATM 640 O O   . HOH B 2 .  ? 3.036   -1.425  -9.966  1.00 29.17 ? 114 HOH A O   1 
HETATM 641 O O   . HOH B 2 .  ? -12.068 10.313  1.854   1.00 17.72 ? 115 HOH A O   1 
HETATM 642 O O   . HOH B 2 .  ? 10.617  6.455   -14.200 1.00 25.92 ? 116 HOH A O   1 
HETATM 643 O O   . HOH B 2 .  ? 9.171   -6.440  9.523   1.00 33.42 ? 117 HOH A O   1 
HETATM 644 O O   . HOH B 2 .  ? 8.983   -10.235 -5.001  1.00 27.96 ? 118 HOH A O   1 
HETATM 645 O O   . HOH B 2 .  ? -8.259  -4.715  8.423   1.00 25.91 ? 119 HOH A O   1 
HETATM 646 O O   . HOH B 2 .  ? 13.481  12.938  -9.854  1.00 28.57 ? 120 HOH A O   1 
HETATM 647 O O   . HOH B 2 .  ? -8.047  1.375   -7.237  1.00 25.83 ? 121 HOH A O   1 
HETATM 648 O O   . HOH B 2 .  ? 2.593   4.820   -8.011  1.00 25.31 ? 122 HOH A O   1 
HETATM 649 O O   . HOH B 2 .  ? -1.618  15.359  2.389   1.00 16.36 ? 123 HOH A O   1 
HETATM 650 O O   . HOH B 2 .  ? 1.370   7.276   -7.718  1.00 27.89 ? 124 HOH A O   1 
HETATM 651 O O   . HOH B 2 .  ? 8.945   2.250   -6.499  1.00 28.18 ? 125 HOH A O   1 
HETATM 652 O O   . HOH B 2 .  ? 5.693   1.271   -13.516 1.00 27.98 ? 126 HOH A O   1 
HETATM 653 O O   . HOH B 2 .  ? 6.944   -0.230  8.740   1.00 28.81 ? 127 HOH A O   1 
HETATM 654 O O   . HOH B 2 .  ? 4.947   14.399  3.341   1.00 21.73 ? 128 HOH A O   1 
HETATM 655 O O   . HOH B 2 .  ? 3.026   -9.494  10.036  1.00 27.35 ? 129 HOH A O   1 
HETATM 656 O O   . HOH B 2 .  ? -10.416 -7.574  4.863   1.00 41.86 ? 130 HOH A O   1 
HETATM 657 O O   . HOH B 2 .  ? -5.682  12.709  8.511   1.00 28.73 ? 131 HOH A O   1 
HETATM 658 O O   . HOH B 2 .  ? -8.262  13.169  8.193   0.33 23.64 ? 132 HOH A O   1 
HETATM 659 O O   . HOH B 2 .  ? -16.643 -2.557  0.361   1.00 27.46 ? 133 HOH A O   1 
# 
loop_
_atom_site_anisotrop.id 
_atom_site_anisotrop.type_symbol 
_atom_site_anisotrop.pdbx_label_atom_id 
_atom_site_anisotrop.pdbx_label_alt_id 
_atom_site_anisotrop.pdbx_label_comp_id 
_atom_site_anisotrop.pdbx_label_asym_id 
_atom_site_anisotrop.pdbx_label_seq_id 
_atom_site_anisotrop.pdbx_PDB_ins_code 
_atom_site_anisotrop.U[1][1] 
_atom_site_anisotrop.U[2][2] 
_atom_site_anisotrop.U[3][3] 
_atom_site_anisotrop.U[1][2] 
_atom_site_anisotrop.U[1][3] 
_atom_site_anisotrop.U[2][3] 
_atom_site_anisotrop.pdbx_auth_seq_id 
_atom_site_anisotrop.pdbx_auth_comp_id 
_atom_site_anisotrop.pdbx_auth_asym_id 
_atom_site_anisotrop.pdbx_auth_atom_id 
1   N N   . ASN A 8  ? 0.5014 0.4664 0.6011 -0.0010 -0.0147 0.0231  2  ASN A N   
2   C CA  . ASN A 8  ? 0.4861 0.4534 0.5812 0.0001  -0.0078 0.0159  2  ASN A CA  
3   C C   . ASN A 8  ? 0.4633 0.4322 0.5647 0.0041  -0.0046 0.0085  2  ASN A C   
4   O O   . ASN A 8  ? 0.4698 0.4370 0.5765 0.0053  -0.0014 0.0035  2  ASN A O   
5   C CB  . ASN A 8  ? 0.5813 0.5453 0.6802 -0.0010 -0.0066 0.0165  2  ASN A CB  
6   C CG  . ASN A 8  ? 0.9938 0.9604 1.0861 -0.0021 -0.0017 0.0124  2  ASN A CG  
7   O OD1 . ASN A 8  ? 0.9261 0.8966 1.0099 -0.0024 0.0010  0.0101  2  ASN A OD1 
8   N ND2 . ASN A 8  ? 0.9315 0.8957 1.0291 -0.0031 -0.0009 0.0120  2  ASN A ND2 
9   N N   . ASN A 9  ? 0.3460 0.3179 0.4457 0.0051  -0.0054 0.0079  3  ASN A N   
10  C CA  . ASN A 9  ? 0.3102 0.2837 0.4147 0.0079  -0.0019 0.0015  3  ASN A CA  
11  C C   . ASN A 9  ? 0.2561 0.2314 0.3499 0.0077  0.0028  -0.0041 3  ASN A C   
12  O O   . ASN A 9  ? 0.2334 0.2097 0.3185 0.0059  0.0032  -0.0031 3  ASN A O   
13  C CB  . ASN A 9  ? 0.4009 0.3770 0.5092 0.0086  -0.0049 0.0036  3  ASN A CB  
14  C CG  . ASN A 9  ? 0.7638 0.7386 0.8915 0.0106  -0.0077 0.0059  3  ASN A CG  
15  O OD1 . ASN A 9  ? 0.6869 0.6613 0.8264 0.0132  -0.0030 0.0004  3  ASN A OD1 
16  N ND2 . ASN A 9  ? 0.7130 0.6867 0.8451 0.0090  -0.0155 0.0142  3  ASN A ND2 
17  N N   . ALA A 10 ? 0.2039 0.1789 0.2999 0.0091  0.0063  -0.0097 4  ALA A N   
18  C CA  . ALA A 10 ? 0.1803 0.1560 0.2668 0.0083  0.0093  -0.0141 4  ALA A CA  
19  C C   . ALA A 10 ? 0.1955 0.1749 0.2736 0.0080  0.0083  -0.0125 4  ALA A C   
20  O O   . ALA A 10 ? 0.1927 0.1740 0.2713 0.0082  0.0064  -0.0099 4  ALA A O   
21  C CB  . ALA A 10 ? 0.1896 0.1630 0.2781 0.0087  0.0135  -0.0199 4  ALA A CB  
22  N N   . LEU A 11 ? 0.1564 0.1366 0.2280 0.0070  0.0092  -0.0138 5  LEU A N   
23  C CA  . LEU A 11 ? 0.1485 0.1315 0.2145 0.0067  0.0094  -0.0131 5  LEU A CA  
24  C C   . LEU A 11 ? 0.1669 0.1497 0.2294 0.0066  0.0104  -0.0160 5  LEU A C   
25  O O   . LEU A 11 ? 0.1716 0.1523 0.2327 0.0053  0.0099  -0.0175 5  LEU A O   
26  C CB  . LEU A 11 ? 0.1607 0.1448 0.2263 0.0056  0.0096  -0.0108 5  LEU A CB  
27  C CG  . LEU A 11 ? 0.1888 0.1751 0.2518 0.0054  0.0115  -0.0111 5  LEU A CG  
28  C CD1 . LEU A 11 ? 0.1973 0.1839 0.2552 0.0049  0.0124  -0.0104 5  LEU A CD1 
29  C CD2 . LEU A 11 ? 0.2253 0.2130 0.2924 0.0043  0.0131  -0.0096 5  LEU A CD2 
30  N N   . GLY A 12 ? 0.1500 0.1342 0.2100 0.0072  0.0109  -0.0164 6  GLY A N   
31  C CA  . GLY A 12 ? 0.1531 0.1365 0.2092 0.0066  0.0114  -0.0182 6  GLY A CA  
32  C C   . GLY A 12 ? 0.1698 0.1550 0.2250 0.0070  0.0111  -0.0170 6  GLY A C   
33  O O   . GLY A 12 ? 0.1636 0.1502 0.2188 0.0074  0.0120  -0.0163 6  GLY A O   
34  N N   . LEU A 13 ? 0.1360 0.1205 0.1907 0.0061  0.0097  -0.0166 7  LEU A N   
35  C CA  . LEU A 13 ? 0.1552 0.1410 0.2135 0.0069  0.0098  -0.0154 7  LEU A CA  
36  C C   . LEU A 13 ? 0.1757 0.1596 0.2321 0.0060  0.0078  -0.0148 7  LEU A C   
37  O O   . LEU A 13 ? 0.1736 0.1549 0.2261 0.0037  0.0048  -0.0140 7  LEU A O   
38  C CB  . LEU A 13 ? 0.1669 0.1542 0.2326 0.0068  0.0087  -0.0136 7  LEU A CB  
39  C CG  . LEU A 13 ? 0.2234 0.2118 0.2908 0.0066  0.0100  -0.0134 7  LEU A CG  
40  C CD1 . LEU A 13 ? 0.2673 0.2571 0.3431 0.0058  0.0081  -0.0115 7  LEU A CD1 
41  C CD2 . LEU A 13 ? 0.2870 0.2764 0.3530 0.0071  0.0142  -0.0140 7  LEU A CD2 
42  N N   . VAL A 14 ? 0.1462 0.1303 0.2042 0.0070  0.0093  -0.0151 8  VAL A N   
43  C CA  . VAL A 14 ? 0.1420 0.1239 0.2001 0.0063  0.0071  -0.0137 8  VAL A CA  
44  C C   . VAL A 14 ? 0.1738 0.1564 0.2417 0.0082  0.0084  -0.0132 8  VAL A C   
45  O O   . VAL A 14 ? 0.1834 0.1667 0.2517 0.0092  0.0127  -0.0160 8  VAL A O   
46  C CB  . VAL A 14 ? 0.1629 0.1431 0.2141 0.0052  0.0083  -0.0149 8  VAL A CB  
47  C CG1 . VAL A 14 ? 0.1722 0.1492 0.2235 0.0039  0.0056  -0.0124 8  VAL A CG1 
48  C CG2 . VAL A 14 ? 0.1636 0.1426 0.2077 0.0033  0.0090  -0.0163 8  VAL A CG2 
49  N N   . GLU A 15 ? 0.1510 0.1333 0.2276 0.0080  0.0045  -0.0099 9  GLU A N   
50  C CA  . GLU A 15 ? 0.1439 0.1267 0.2348 0.0101  0.0064  -0.0096 9  GLU A CA  
51  C C   . GLU A 15 ? 0.1926 0.1721 0.2869 0.0097  0.0026  -0.0068 9  GLU A C   
52  O O   . GLU A 15 ? 0.1806 0.1580 0.2723 0.0073  -0.0045 -0.0021 9  GLU A O   
53  C CB  . GLU A 15 ? 0.1632 0.1492 0.2676 0.0107  0.0044  -0.0072 9  GLU A CB  
54  C CG  . GLU A 15 ? 0.1915 0.1788 0.3153 0.0132  0.0083  -0.0077 9  GLU A CG  
55  C CD  . GLU A 15 ? 0.2604 0.2519 0.3986 0.0138  0.0094  -0.0066 9  GLU A CD  
56  O OE1 . GLU A 15 ? 0.2229 0.2157 0.3587 0.0119  0.0033  -0.0034 9  GLU A OE1 
57  O OE2 . GLU A 15 ? 0.2394 0.2322 0.3913 0.0157  0.0169  -0.0096 9  GLU A OE2 
58  N N   . THR A 16 ? 0.1519 0.1300 0.2514 0.0114  0.0071  -0.0093 10 THR A N   
59  C CA  . THR A 16 ? 0.1426 0.1169 0.2467 0.0111  0.0039  -0.0065 10 THR A CA  
60  C C   . THR A 16 ? 0.1824 0.1562 0.3070 0.0139  0.0064  -0.0068 10 THR A C   
61  O O   . THR A 16 ? 0.1914 0.1672 0.3238 0.0158  0.0134  -0.0111 10 THR A O   
62  C CB  . THR A 16 ? 0.2036 0.1754 0.2962 0.0102  0.0073  -0.0100 10 THR A CB  
63  O OG1 . THR A 16 ? 0.2241 0.1961 0.3175 0.0116  0.0148  -0.0160 10 THR A OG1 
64  C CG2 . THR A 16 ? 0.1893 0.1619 0.2656 0.0078  0.0063  -0.0104 10 THR A CG2 
65  N N   . LYS A 17 ? 0.1722 0.1424 0.3063 0.0138  0.0010  -0.0019 11 LYS A N   
66  C CA  . LYS A 17 ? 0.1720 0.1406 0.3286 0.0168  0.0040  -0.0025 11 LYS A CA  
67  C C   . LYS A 17 ? 0.2262 0.1896 0.3761 0.0165  0.0082  -0.0063 11 LYS A C   
68  O O   . LYS A 17 ? 0.2362 0.1960 0.3803 0.0145  0.0022  -0.0018 11 LYS A O   
69  C CB  . LYS A 17 ? 0.2150 0.1826 0.3911 0.0170  -0.0059 0.0065  11 LYS A CB  
70  C CG  . LYS A 17 ? 0.2617 0.2280 0.4670 0.0211  -0.0012 0.0050  11 LYS A CG  
71  C CD  . LYS A 17 ? 0.3472 0.3138 0.5771 0.0216  -0.0118 0.0147  11 LYS A CD  
72  C CE  . LYS A 17 ? 0.4476 0.4132 0.7105 0.0262  -0.0052 0.0122  11 LYS A CE  
73  N NZ  . LYS A 17 ? 0.5394 0.5056 0.8321 0.0271  -0.0166 0.0227  11 LYS A NZ  
74  N N   . GLY A 18 ? 0.1871 0.1500 0.3347 0.0174  0.0182  -0.0145 12 GLY A N   
75  C CA  . GLY A 18 ? 0.2032 0.1613 0.3426 0.0162  0.0218  -0.0188 12 GLY A CA  
76  C C   . GLY A 18 ? 0.2257 0.1852 0.3435 0.0138  0.0252  -0.0238 12 GLY A C   
77  O O   . GLY A 18 ? 0.2137 0.1774 0.3199 0.0126  0.0218  -0.0215 12 GLY A O   
78  N N   . LEU A 19 ? 0.2141 0.1695 0.3274 0.0126  0.0317  -0.0305 13 LEU A N   
79  C CA  . LEU A 19 ? 0.2203 0.1762 0.3146 0.0096  0.0338  -0.0346 13 LEU A CA  
80  C C   . LEU A 19 ? 0.2367 0.1931 0.3203 0.0075  0.0280  -0.0317 13 LEU A C   
81  O O   . LEU A 19 ? 0.2259 0.1858 0.2975 0.0058  0.0266  -0.0319 13 LEU A O   
82  C CB  . LEU A 19 ? 0.2254 0.1758 0.3167 0.0076  0.0421  -0.0428 13 LEU A CB  
83  C CG  . LEU A 19 ? 0.2699 0.2202 0.3420 0.0035  0.0442  -0.0468 13 LEU A CG  
84  C CD1 . LEU A 19 ? 0.2760 0.2309 0.3454 0.0039  0.0456  -0.0457 13 LEU A CD1 
85  C CD2 . LEU A 19 ? 0.2885 0.2310 0.3552 0.0000  0.0520  -0.0550 13 LEU A CD2 
86  N N   . VAL A 20 ? 0.1993 0.1525 0.2884 0.0074  0.0249  -0.0286 14 VAL A N   
87  C CA  . VAL A 20 ? 0.1925 0.1462 0.2725 0.0048  0.0209  -0.0261 14 VAL A CA  
88  C C   . VAL A 20 ? 0.2191 0.1780 0.2927 0.0046  0.0169  -0.0217 14 VAL A C   
89  O O   . VAL A 20 ? 0.2092 0.1713 0.2738 0.0029  0.0165  -0.0224 14 VAL A O   
90  C CB  . VAL A 20 ? 0.2407 0.1891 0.3276 0.0042  0.0187  -0.0233 14 VAL A CB  
91  C CG1 . VAL A 20 ? 0.2474 0.1966 0.3254 0.0010  0.0154  -0.0200 14 VAL A CG1 
92  C CG2 . VAL A 20 ? 0.2440 0.1865 0.3354 0.0037  0.0238  -0.0295 14 VAL A CG2 
93  N N   . GLY A 21 ? 0.1777 0.1376 0.2571 0.0061  0.0140  -0.0174 15 GLY A N   
94  C CA  . GLY A 21 ? 0.1656 0.1290 0.2377 0.0052  0.0108  -0.0143 15 GLY A CA  
95  C C   . GLY A 21 ? 0.1599 0.1278 0.2263 0.0059  0.0135  -0.0178 15 GLY A C   
96  O O   . GLY A 21 ? 0.1775 0.1478 0.2362 0.0046  0.0127  -0.0173 15 GLY A O   
97  N N   . ALA A 22 ? 0.1611 0.1294 0.2313 0.0075  0.0174  -0.0215 16 ALA A N   
98  C CA  . ALA A 22 ? 0.1703 0.1421 0.2343 0.0073  0.0193  -0.0238 16 ALA A CA  
99  C C   . ALA A 22 ? 0.1842 0.1566 0.2393 0.0051  0.0192  -0.0257 16 ALA A C   
100 O O   . ALA A 22 ? 0.1635 0.1390 0.2142 0.0047  0.0177  -0.0249 16 ALA A O   
101 C CB  . ALA A 22 ? 0.1869 0.1579 0.2550 0.0081  0.0244  -0.0272 16 ALA A CB  
102 N N   . ILE A 23 ? 0.1675 0.1365 0.2218 0.0036  0.0203  -0.0280 17 ILE A N   
103 C CA  . ILE A 23 ? 0.1598 0.1295 0.2078 0.0009  0.0188  -0.0293 17 ILE A CA  
104 C C   . ILE A 23 ? 0.1761 0.1489 0.2250 0.0006  0.0162  -0.0263 17 ILE A C   
105 O O   . ILE A 23 ? 0.1775 0.1537 0.2251 -0.0002 0.0147  -0.0258 17 ILE A O   
106 C CB  . ILE A 23 ? 0.1797 0.1442 0.2266 -0.0014 0.0204  -0.0328 17 ILE A CB  
107 C CG1 . ILE A 23 ? 0.1918 0.1525 0.2348 -0.0025 0.0247  -0.0374 17 ILE A CG1 
108 C CG2 . ILE A 23 ? 0.1883 0.1542 0.2313 -0.0047 0.0170  -0.0328 17 ILE A CG2 
109 C CD1 . ILE A 23 ? 0.2210 0.1745 0.2653 -0.0042 0.0285  -0.0421 17 ILE A CD1 
110 N N   . GLU A 24 ? 0.1627 0.1339 0.2146 0.0009  0.0159  -0.0238 18 GLU A N   
111 C CA  . GLU A 24 ? 0.1690 0.1420 0.2198 -0.0004 0.0154  -0.0216 18 GLU A CA  
112 C C   . GLU A 24 ? 0.1749 0.1511 0.2239 0.0006  0.0154  -0.0209 18 GLU A C   
113 O O   . GLU A 24 ? 0.2023 0.1813 0.2518 -0.0004 0.0164  -0.0213 18 GLU A O   
114 C CB  . GLU A 24 ? 0.1883 0.1572 0.2392 -0.0015 0.0147  -0.0186 18 GLU A CB  
115 C CG  . GLU A 24 ? 0.2519 0.2208 0.2987 -0.0045 0.0157  -0.0167 18 GLU A CG  
116 C CD  . GLU A 24 ? 0.3745 0.3458 0.4231 -0.0066 0.0183  -0.0185 18 GLU A CD  
117 O OE1 . GLU A 24 ? 0.2938 0.2666 0.3468 -0.0062 0.0177  -0.0205 18 GLU A OE1 
118 O OE2 . GLU A 24 ? 0.3182 0.2889 0.3638 -0.0094 0.0211  -0.0176 18 GLU A OE2 
119 N N   . ALA A 25 ? 0.1553 0.1312 0.2042 0.0023  0.0146  -0.0201 19 ALA A N   
120 C CA  . ALA A 25 ? 0.1532 0.1314 0.2003 0.0029  0.0145  -0.0198 19 ALA A CA  
121 C C   . ALA A 25 ? 0.1706 0.1522 0.2188 0.0035  0.0150  -0.0214 19 ALA A C   
122 O O   . ALA A 25 ? 0.1800 0.1636 0.2296 0.0033  0.0156  -0.0215 19 ALA A O   
123 C CB  . ALA A 25 ? 0.1632 0.1410 0.2119 0.0043  0.0131  -0.0185 19 ALA A CB  
124 N N   . ALA A 26 ? 0.1555 0.1371 0.2035 0.0036  0.0146  -0.0226 20 ALA A N   
125 C CA  . ALA A 26 ? 0.1628 0.1465 0.2103 0.0029  0.0130  -0.0227 20 ALA A CA  
126 C C   . ALA A 26 ? 0.1958 0.1818 0.2476 0.0017  0.0116  -0.0223 20 ALA A C   
127 O O   . ALA A 26 ? 0.1833 0.1721 0.2398 0.0020  0.0101  -0.0211 20 ALA A O   
128 C CB  . ALA A 26 ? 0.1840 0.1652 0.2264 0.0014  0.0132  -0.0243 20 ALA A CB  
129 N N   . ASP A 27 ? 0.1650 0.1498 0.2177 0.0003  0.0120  -0.0231 21 ASP A N   
130 C CA  . ASP A 27 ? 0.1612 0.1488 0.2209 -0.0012 0.0111  -0.0227 21 ASP A CA  
131 C C   . ASP A 27 ? 0.1808 0.1707 0.2464 -0.0003 0.0144  -0.0224 21 ASP A C   
132 O O   . ASP A 27 ? 0.1929 0.1866 0.2681 -0.0002 0.0139  -0.0220 21 ASP A O   
133 C CB  . ASP A 27 ? 0.1721 0.1575 0.2315 -0.0033 0.0115  -0.0236 21 ASP A CB  
134 C CG  . ASP A 27 ? 0.2811 0.2698 0.3493 -0.0054 0.0098  -0.0230 21 ASP A CG  
135 O OD1 . ASP A 27 ? 0.2730 0.2634 0.3434 -0.0067 0.0050  -0.0221 21 ASP A OD1 
136 O OD2 . ASP A 27 ? 0.3092 0.2986 0.3821 -0.0062 0.0132  -0.0231 21 ASP A OD2 
137 N N   . ALA A 28 ? 0.1626 0.1498 0.2228 -0.0002 0.0177  -0.0228 22 ALA A N   
138 C CA  . ALA A 28 ? 0.1741 0.1617 0.2363 -0.0007 0.0220  -0.0237 22 ALA A CA  
139 C C   . ALA A 28 ? 0.1870 0.1761 0.2523 0.0012  0.0221  -0.0242 22 ALA A C   
140 O O   . ALA A 28 ? 0.1856 0.1761 0.2582 0.0011  0.0259  -0.0259 22 ALA A O   
141 C CB  . ALA A 28 ? 0.2024 0.1850 0.2545 -0.0027 0.0240  -0.0234 22 ALA A CB  
142 N N   . MET A 29 ? 0.1648 0.1534 0.2262 0.0028  0.0186  -0.0231 23 MET A N   
143 C CA  . MET A 29 ? 0.1390 0.1285 0.2034 0.0044  0.0183  -0.0230 23 MET A CA  
144 C C   . MET A 29 ? 0.2017 0.1949 0.2777 0.0051  0.0161  -0.0219 23 MET A C   
145 O O   . MET A 29 ? 0.1993 0.1935 0.2846 0.0060  0.0184  -0.0227 23 MET A O   
146 C CB  . MET A 29 ? 0.1707 0.1591 0.2291 0.0054  0.0154  -0.0216 23 MET A CB  
147 C CG  . MET A 29 ? 0.2106 0.1958 0.2619 0.0048  0.0163  -0.0218 23 MET A CG  
148 S SD  . MET A 29 ? 0.2587 0.2434 0.3077 0.0059  0.0141  -0.0203 23 MET A SD  
149 C CE  . MET A 29 ? 0.2556 0.2407 0.3057 0.0066  0.0136  -0.0199 23 MET A CE  
150 N N   . VAL A 30 ? 0.1799 0.1743 0.2561 0.0043  0.0114  -0.0198 24 VAL A N   
151 C CA  . VAL A 30 ? 0.1580 0.1555 0.2452 0.0041  0.0068  -0.0172 24 VAL A CA  
152 C C   . VAL A 30 ? 0.1977 0.1988 0.3003 0.0039  0.0090  -0.0179 24 VAL A C   
153 O O   . VAL A 30 ? 0.1929 0.1969 0.3110 0.0048  0.0069  -0.0161 24 VAL A O   
154 C CB  . VAL A 30 ? 0.1861 0.1827 0.2665 0.0016  0.0001  -0.0145 24 VAL A CB  
155 C CG1 . VAL A 30 ? 0.2016 0.1949 0.2695 0.0014  -0.0002 -0.0141 24 VAL A CG1 
156 C CG2 . VAL A 30 ? 0.1835 0.1790 0.2589 -0.0007 0.0001  -0.0162 24 VAL A CG2 
157 N N   . ALA A 31 ? 0.1746 0.1750 0.2747 0.0027  0.0136  -0.0204 25 ALA A N   
158 C CA  . ALA A 31 ? 0.1868 0.1905 0.3020 0.0021  0.0174  -0.0216 25 ALA A CA  
159 C C   . ALA A 31 ? 0.2321 0.2354 0.3545 0.0032  0.0259  -0.0250 25 ALA A C   
160 O O   . ALA A 31 ? 0.2297 0.2367 0.3711 0.0036  0.0294  -0.0259 25 ALA A O   
161 C CB  . ALA A 31 ? 0.2129 0.2155 0.3221 -0.0003 0.0200  -0.0229 25 ALA A CB  
162 N N   . SER A 32 ? 0.1988 0.1975 0.3073 0.0033  0.0294  -0.0271 26 SER A N   
163 C CA  A SER A 32 ? 0.1977 0.1933 0.3064 0.0028  0.0380  -0.0315 26 SER A CA  
164 C CA  B SER A 32 ? 0.2067 0.2027 0.3166 0.0028  0.0381  -0.0316 26 SER A CA  
165 C C   . SER A 32 ? 0.2573 0.2535 0.3787 0.0053  0.0387  -0.0323 26 SER A C   
166 O O   . SER A 32 ? 0.2936 0.2875 0.4203 0.0047  0.0473  -0.0370 26 SER A O   
167 C CB  A SER A 32 ? 0.2259 0.2156 0.3136 0.0008  0.0392  -0.0327 26 SER A CB  
168 C CB  B SER A 32 ? 0.2653 0.2550 0.3541 0.0002  0.0408  -0.0332 26 SER A CB  
169 O OG  A SER A 32 ? 0.2198 0.2086 0.3019 0.0028  0.0333  -0.0305 26 SER A OG  
170 O OG  B SER A 32 ? 0.2995 0.2883 0.3804 -0.0023 0.0407  -0.0321 26 SER A OG  
171 N N   . ALA A 33 ? 0.1993 0.1975 0.3240 0.0076  0.0303  -0.0279 27 ALA A N   
172 C CA  . ALA A 33 ? 0.2065 0.2041 0.3424 0.0098  0.0298  -0.0277 27 ALA A CA  
173 C C   . ALA A 33 ? 0.1790 0.1791 0.3196 0.0111  0.0194  -0.0212 27 ALA A C   
174 O O   . ALA A 33 ? 0.1697 0.1707 0.2993 0.0097  0.0133  -0.0182 27 ALA A O   
175 C CB  . ALA A 33 ? 0.2363 0.2283 0.3581 0.0093  0.0334  -0.0309 27 ALA A CB  
176 N N   . ASN A 34 ? 0.1495 0.1501 0.3058 0.0130  0.0174  -0.0193 28 ASN A N   
177 C CA  . ASN A 34 ? 0.1539 0.1561 0.3151 0.0132  0.0066  -0.0120 28 ASN A CA  
178 C C   . ASN A 34 ? 0.1854 0.1836 0.3271 0.0124  0.0036  -0.0104 28 ASN A C   
179 O O   . ASN A 34 ? 0.1961 0.1916 0.3410 0.0135  0.0038  -0.0099 28 ASN A O   
180 C CB  . ASN A 34 ? 0.1816 0.1849 0.3691 0.0155  0.0056  -0.0099 28 ASN A CB  
181 C CG  . ASN A 34 ? 0.4111 0.4152 0.6050 0.0147  -0.0072 -0.0008 28 ASN A CG  
182 O OD1 . ASN A 34 ? 0.3140 0.3186 0.4944 0.0116  -0.0152 0.0037  28 ASN A OD1 
183 N ND2 . ASN A 34 ? 0.3324 0.3357 0.5463 0.0169  -0.0094 0.0022  28 ASN A ND2 
184 N N   . VAL A 35 ? 0.1441 0.1416 0.2671 0.0103  0.0020  -0.0102 29 VAL A N   
185 C CA  . VAL A 35 ? 0.1544 0.1491 0.2601 0.0093  0.0005  -0.0092 29 VAL A CA  
186 C C   . VAL A 35 ? 0.1915 0.1860 0.2869 0.0062  -0.0059 -0.0054 29 VAL A C   
187 O O   . VAL A 35 ? 0.2063 0.2028 0.3039 0.0048  -0.0082 -0.0049 29 VAL A O   
188 C CB  . VAL A 35 ? 0.1711 0.1636 0.2642 0.0094  0.0071  -0.0142 29 VAL A CB  
189 C CG1 . VAL A 35 ? 0.1624 0.1531 0.2609 0.0107  0.0130  -0.0183 29 VAL A CG1 
190 C CG2 . VAL A 35 ? 0.1717 0.1654 0.2594 0.0084  0.0088  -0.0162 29 VAL A CG2 
191 N N   . GLN A 36 ? 0.1858 0.1776 0.2697 0.0045  -0.0081 -0.0030 30 GLN A N   
192 C CA  . GLN A 36 ? 0.2151 0.2048 0.2849 0.0002  -0.0123 -0.0004 30 GLN A CA  
193 C C   . GLN A 36 ? 0.2321 0.2198 0.2877 -0.0002 -0.0064 -0.0045 30 GLN A C   
194 O O   . GLN A 36 ? 0.1900 0.1773 0.2449 0.0017  -0.0022 -0.0062 30 GLN A O   
195 C CB  . GLN A 36 ? 0.2392 0.2262 0.3064 -0.0026 -0.0184 0.0058  30 GLN A CB  
196 C CG  . GLN A 36 ? 0.5176 0.5008 0.5677 -0.0089 -0.0232 0.0088  30 GLN A CG  
197 C CD  . GLN A 36 ? 0.8618 0.8418 0.9100 -0.0129 -0.0311 0.0165  30 GLN A CD  
198 O OE1 . GLN A 36 ? 0.7991 0.7755 0.8372 -0.0149 -0.0291 0.0179  30 GLN A OE1 
199 N NE2 . GLN A 36 ? 0.8466 0.8274 0.9057 -0.0144 -0.0407 0.0225  30 GLN A NE2 
200 N N   . LEU A 37 ? 0.1993 0.1857 0.2454 -0.0028 -0.0061 -0.0063 31 LEU A N   
201 C CA  . LEU A 37 ? 0.2021 0.1861 0.2377 -0.0033 -0.0003 -0.0103 31 LEU A CA  
202 C C   . LEU A 37 ? 0.2521 0.2327 0.2772 -0.0067 0.0002  -0.0086 31 LEU A C   
203 O O   . LEU A 37 ? 0.2699 0.2475 0.2864 -0.0116 -0.0045 -0.0054 31 LEU A O   
204 C CB  . LEU A 37 ? 0.2284 0.2106 0.2578 -0.0055 0.0003  -0.0131 31 LEU A CB  
205 C CG  . LEU A 37 ? 0.2815 0.2659 0.3181 -0.0025 0.0031  -0.0161 31 LEU A CG  
206 C CD1 . LEU A 37 ? 0.2794 0.2616 0.3113 -0.0054 0.0020  -0.0180 31 LEU A CD1 
207 C CD2 . LEU A 37 ? 0.2992 0.2832 0.3362 0.0001  0.0087  -0.0188 31 LEU A CD2 
208 N N   . VAL A 38 ? 0.2167 0.1976 0.2428 -0.0048 0.0055  -0.0099 32 VAL A N   
209 C CA  . VAL A 38 ? 0.2208 0.1988 0.2388 -0.0080 0.0076  -0.0084 32 VAL A CA  
210 C C   . VAL A 38 ? 0.2723 0.2493 0.2870 -0.0082 0.0158  -0.0128 32 VAL A C   
211 O O   . VAL A 38 ? 0.2707 0.2452 0.2793 -0.0113 0.0196  -0.0123 32 VAL A O   
212 C CB  . VAL A 38 ? 0.2576 0.2370 0.2830 -0.0064 0.0053  -0.0045 32 VAL A CB  
213 C CG1 . VAL A 38 ? 0.2657 0.2456 0.2973 -0.0064 -0.0025 0.0001  32 VAL A CG1 
214 C CG2 . VAL A 38 ? 0.2366 0.2193 0.2729 -0.0016 0.0086  -0.0071 32 VAL A CG2 
215 N N   . GLY A 39 ? 0.2144 0.1929 0.2353 -0.0050 0.0188  -0.0166 33 GLY A N   
216 C CA  . GLY A 39 ? 0.2156 0.1934 0.2387 -0.0046 0.0262  -0.0204 33 GLY A CA  
217 C C   . GLY A 39 ? 0.2371 0.2147 0.2640 -0.0027 0.0277  -0.0239 33 GLY A C   
218 O O   . GLY A 39 ? 0.2210 0.2006 0.2523 -0.0003 0.0232  -0.0229 33 GLY A O   
219 N N   . TYR A 40 ? 0.2346 0.2091 0.2602 -0.0041 0.0346  -0.0282 34 TYR A N   
220 C CA  . TYR A 40 ? 0.2092 0.1823 0.2401 -0.0024 0.0366  -0.0316 34 TYR A CA  
221 C C   . TYR A 40 ? 0.2606 0.2315 0.2971 -0.0027 0.0459  -0.0358 34 TYR A C   
222 O O   . TYR A 40 ? 0.2771 0.2424 0.3032 -0.0071 0.0522  -0.0403 34 TYR A O   
223 C CB  . TYR A 40 ? 0.2433 0.2123 0.2621 -0.0060 0.0341  -0.0332 34 TYR A CB  
224 C CG  . TYR A 40 ? 0.2754 0.2433 0.3000 -0.0042 0.0341  -0.0356 34 TYR A CG  
225 C CD1 . TYR A 40 ? 0.3055 0.2771 0.3380 -0.0008 0.0286  -0.0325 34 TYR A CD1 
226 C CD2 . TYR A 40 ? 0.2889 0.2509 0.3103 -0.0066 0.0400  -0.0411 34 TYR A CD2 
227 C CE1 . TYR A 40 ? 0.3244 0.2944 0.3614 0.0001  0.0284  -0.0338 34 TYR A CE1 
228 C CE2 . TYR A 40 ? 0.2872 0.2473 0.3146 -0.0051 0.0396  -0.0429 34 TYR A CE2 
229 C CZ  . TYR A 40 ? 0.3410 0.3055 0.3762 -0.0019 0.0332  -0.0387 34 TYR A CZ  
230 O OH  . TYR A 40 ? 0.3475 0.3096 0.3877 -0.0011 0.0326  -0.0396 34 TYR A OH  
231 N N   . GLU A 41 ? 0.2095 0.1844 0.2625 0.0013  0.0470  -0.0344 35 GLU A N   
232 C CA  . GLU A 41 ? 0.2022 0.1769 0.2663 0.0016  0.0560  -0.0374 35 GLU A CA  
233 C C   . GLU A 41 ? 0.2562 0.2311 0.3396 0.0054  0.0582  -0.0388 35 GLU A C   
234 O O   . GLU A 41 ? 0.2212 0.1995 0.3148 0.0088  0.0508  -0.0343 35 GLU A O   
235 C CB  . GLU A 41 ? 0.2149 0.1944 0.2858 0.0024  0.0545  -0.0333 35 GLU A CB  
236 C CG  . GLU A 41 ? 0.3465 0.3245 0.4008 -0.0020 0.0547  -0.0321 35 GLU A CG  
237 C CD  . GLU A 41 ? 0.5922 0.5654 0.6377 -0.0072 0.0654  -0.0366 35 GLU A CD  
238 O OE1 . GLU A 41 ? 0.4456 0.4136 0.4706 -0.0125 0.0651  -0.0371 35 GLU A OE1 
239 O OE2 . GLU A 41 ? 0.6506 0.6248 0.7095 -0.0066 0.0743  -0.0393 35 GLU A OE2 
240 N N   . LYS A 42 ? 0.2922 0.2634 0.3820 0.0043  0.0689  -0.0448 36 LYS A N   
241 C CA  . LYS A 42 ? 0.3073 0.2785 0.4206 0.0083  0.0719  -0.0462 36 LYS A CA  
242 C C   . LYS A 42 ? 0.3226 0.2977 0.4573 0.0099  0.0784  -0.0462 36 LYS A C   
243 O O   . LYS A 42 ? 0.3590 0.3327 0.4883 0.0065  0.0883  -0.0504 36 LYS A O   
244 C CB  . LYS A 42 ? 0.3600 0.3235 0.4696 0.0063  0.0804  -0.0539 36 LYS A CB  
245 C CG  . LYS A 42 ? 0.4320 0.3913 0.5206 0.0036  0.0746  -0.0543 36 LYS A CG  
246 C CD  . LYS A 42 ? 0.6518 0.6019 0.7317 -0.0005 0.0843  -0.0632 36 LYS A CD  
247 C CE  . LYS A 42 ? 0.8103 0.7559 0.8628 -0.0063 0.0802  -0.0644 36 LYS A CE  
248 N NZ  . LYS A 42 ? 0.8655 0.8125 0.9174 -0.0044 0.0696  -0.0602 36 LYS A NZ  
249 N N   . ILE A 43 ? 0.2705 0.2506 0.4294 0.0144  0.0723  -0.0410 37 ILE A N   
250 C CA  . ILE A 43 ? 0.2831 0.2683 0.4671 0.0161  0.0767  -0.0399 37 ILE A CA  
251 C C   . ILE A 43 ? 0.3253 0.3106 0.5415 0.0200  0.0798  -0.0405 37 ILE A C   
252 O O   . ILE A 43 ? 0.3089 0.2996 0.5529 0.0222  0.0811  -0.0379 37 ILE A O   
253 C CB  . ILE A 43 ? 0.3108 0.3027 0.4977 0.0166  0.0659  -0.0320 37 ILE A CB  
254 C CG1 . ILE A 43 ? 0.3014 0.2945 0.4935 0.0190  0.0512  -0.0247 37 ILE A CG1 
255 C CG2 . ILE A 43 ? 0.3109 0.3024 0.4715 0.0129  0.0653  -0.0320 37 ILE A CG2 
256 C CD1 . ILE A 43 ? 0.3056 0.3041 0.5071 0.0192  0.0412  -0.0176 37 ILE A CD1 
257 N N   . GLY A 44 ? 0.3130 0.2926 0.5275 0.0209  0.0802  -0.0431 38 GLY A N   
258 C CA  . GLY A 44 ? 0.3171 0.2954 0.5623 0.0248  0.0824  -0.0434 38 GLY A CA  
259 C C   . GLY A 44 ? 0.3316 0.3127 0.5889 0.0276  0.0658  -0.0329 38 GLY A C   
260 O O   . GLY A 44 ? 0.2854 0.2692 0.5254 0.0262  0.0541  -0.0267 38 GLY A O   
261 N N   . SER A 45 ? 0.2752 0.2544 0.5605 0.0310  0.0649  -0.0312 39 SER A N   
262 C CA  . SER A 45 ? 0.2780 0.2580 0.5750 0.0326  0.0486  -0.0206 39 SER A CA  
263 C C   . SER A 45 ? 0.2482 0.2240 0.5130 0.0300  0.0405  -0.0186 39 SER A C   
264 O O   . SER A 45 ? 0.2700 0.2469 0.5288 0.0288  0.0265  -0.0097 39 SER A O   
265 C CB  . SER A 45 ? 0.3611 0.3486 0.6720 0.0328  0.0373  -0.0113 39 SER A CB  
266 O OG  . SER A 45 ? 0.5470 0.5334 0.8632 0.0326  0.0205  -0.0005 39 SER A OG  
267 N N   . GLY A 46 ? 0.2382 0.2090 0.4821 0.0282  0.0499  -0.0271 40 GLY A N   
268 C CA  . GLY A 46 ? 0.2301 0.1973 0.4461 0.0256  0.0446  -0.0268 40 GLY A CA  
269 C C   . GLY A 46 ? 0.2461 0.2172 0.4375 0.0230  0.0373  -0.0232 40 GLY A C   
270 O O   . GLY A 46 ? 0.2205 0.1896 0.3931 0.0211  0.0314  -0.0212 40 GLY A O   
271 N N   . LEU A 47 ? 0.2071 0.1836 0.3992 0.0227  0.0383  -0.0225 41 LEU A N   
272 C CA  . LEU A 47 ? 0.1802 0.1599 0.3520 0.0204  0.0316  -0.0192 41 LEU A CA  
273 C C   . LEU A 47 ? 0.2192 0.1980 0.3680 0.0180  0.0380  -0.0251 41 LEU A C   
274 O O   . LEU A 47 ? 0.2239 0.2025 0.3728 0.0172  0.0479  -0.0307 41 LEU A O   
275 C CB  . LEU A 47 ? 0.1895 0.1750 0.3748 0.0210  0.0270  -0.0143 41 LEU A CB  
276 C CG  . LEU A 47 ? 0.2354 0.2219 0.4430 0.0222  0.0168  -0.0062 41 LEU A CG  
277 C CD1 . LEU A 47 ? 0.2445 0.2371 0.4670 0.0221  0.0130  -0.0021 41 LEU A CD1 
278 C CD2 . LEU A 47 ? 0.2663 0.2498 0.4588 0.0197  0.0047  0.0001  41 LEU A CD2 
279 N N   . VAL A 48 ? 0.1601 0.1384 0.2891 0.0162  0.0322  -0.0234 42 VAL A N   
280 C CA  . VAL A 48 ? 0.1549 0.1322 0.2638 0.0137  0.0359  -0.0274 42 VAL A CA  
281 C C   . VAL A 48 ? 0.1684 0.1491 0.2665 0.0128  0.0291  -0.0235 42 VAL A C   
282 O O   . VAL A 48 ? 0.1729 0.1535 0.2700 0.0129  0.0222  -0.0195 42 VAL A O   
283 C CB  . VAL A 48 ? 0.2062 0.1788 0.3044 0.0123  0.0366  -0.0306 42 VAL A CB  
284 C CG1 . VAL A 48 ? 0.2184 0.1901 0.2977 0.0090  0.0385  -0.0335 42 VAL A CG1 
285 C CG2 . VAL A 48 ? 0.2215 0.1894 0.3313 0.0130  0.0437  -0.0352 42 VAL A CG2 
286 N N   . THR A 49 ? 0.1631 0.1454 0.2531 0.0113  0.0314  -0.0246 43 THR A N   
287 C CA  . THR A 49 ? 0.1502 0.1350 0.2323 0.0107  0.0259  -0.0215 43 THR A CA  
288 C C   . THR A 49 ? 0.1907 0.1741 0.2579 0.0087  0.0263  -0.0231 43 THR A C   
289 O O   . THR A 49 ? 0.2057 0.1877 0.2668 0.0068  0.0309  -0.0255 43 THR A O   
290 C CB  . THR A 49 ? 0.1799 0.1677 0.2686 0.0108  0.0264  -0.0198 43 THR A CB  
291 O OG1 . THR A 49 ? 0.2160 0.2053 0.3211 0.0123  0.0243  -0.0173 43 THR A OG1 
292 C CG2 . THR A 49 ? 0.2007 0.1897 0.2819 0.0099  0.0211  -0.0172 43 THR A CG2 
293 N N   . VAL A 50 ? 0.1504 0.1340 0.2121 0.0086  0.0214  -0.0214 44 VAL A N   
294 C CA  . VAL A 50 ? 0.1473 0.1308 0.1997 0.0071  0.0202  -0.0218 44 VAL A CA  
295 C C   . VAL A 50 ? 0.1681 0.1536 0.2200 0.0072  0.0177  -0.0195 44 VAL A C   
296 O O   . VAL A 50 ? 0.1525 0.1387 0.2078 0.0080  0.0156  -0.0183 44 VAL A O   
297 C CB  . VAL A 50 ? 0.2036 0.1862 0.2542 0.0070  0.0178  -0.0218 44 VAL A CB  
298 C CG1 . VAL A 50 ? 0.2115 0.1949 0.2571 0.0056  0.0160  -0.0218 44 VAL A CG1 
299 C CG2 . VAL A 50 ? 0.2132 0.1931 0.2660 0.0069  0.0198  -0.0237 44 VAL A CG2 
300 N N   . MET A 51 ? 0.1469 0.1323 0.1940 0.0057  0.0177  -0.0190 45 MET A N   
301 C CA  . MET A 51 ? 0.1430 0.1296 0.1913 0.0059  0.0156  -0.0169 45 MET A CA  
302 C C   . MET A 51 ? 0.1757 0.1621 0.2219 0.0050  0.0125  -0.0155 45 MET A C   
303 O O   . MET A 51 ? 0.1696 0.1549 0.2105 0.0029  0.0116  -0.0152 45 MET A O   
304 C CB  . MET A 51 ? 0.1619 0.1482 0.2094 0.0045  0.0182  -0.0160 45 MET A CB  
305 C CG  . MET A 51 ? 0.1871 0.1738 0.2400 0.0051  0.0223  -0.0176 45 MET A CG  
306 S SD  . MET A 51 ? 0.2250 0.2121 0.2796 0.0032  0.0264  -0.0166 45 MET A SD  
307 C CE  . MET A 51 ? 0.1929 0.1814 0.2595 0.0045  0.0322  -0.0191 45 MET A CE  
308 N N   . VAL A 52 ? 0.1465 0.1337 0.1976 0.0063  0.0109  -0.0148 46 VAL A N   
309 C CA  . VAL A 52 ? 0.1439 0.1317 0.1990 0.0061  0.0080  -0.0132 46 VAL A CA  
310 C C   . VAL A 52 ? 0.1636 0.1506 0.2236 0.0066  0.0069  -0.0114 46 VAL A C   
311 O O   . VAL A 52 ? 0.1715 0.1579 0.2320 0.0072  0.0086  -0.0123 46 VAL A O   
312 C CB  . VAL A 52 ? 0.1635 0.1523 0.2236 0.0072  0.0086  -0.0152 46 VAL A CB  
313 C CG1 . VAL A 52 ? 0.1573 0.1463 0.2131 0.0063  0.0090  -0.0164 46 VAL A CG1 
314 C CG2 . VAL A 52 ? 0.1600 0.1476 0.2212 0.0080  0.0116  -0.0177 46 VAL A CG2 
315 N N   . ARG A 53 ? 0.1588 0.1459 0.2238 0.0062  0.0033  -0.0083 47 ARG A N   
316 C CA  . ARG A 53 ? 0.1745 0.1603 0.2472 0.0069  0.0019  -0.0062 47 ARG A CA  
317 C C   . ARG A 53 ? 0.1887 0.1753 0.2750 0.0084  0.0000  -0.0055 47 ARG A C   
318 O O   . ARG A 53 ? 0.1938 0.1821 0.2832 0.0080  -0.0025 -0.0043 47 ARG A O   
319 C CB  . ARG A 53 ? 0.2220 0.2059 0.2896 0.0044  -0.0009 -0.0016 47 ARG A CB  
320 C CG  . ARG A 53 ? 0.4037 0.3875 0.4640 0.0039  0.0034  -0.0037 47 ARG A CG  
321 C CD  . ARG A 53 ? 0.3930 0.3750 0.4493 0.0013  0.0030  -0.0003 47 ARG A CD  
322 N NE  . ARG A 53 ? 0.3016 0.2824 0.3655 0.0023  0.0029  0.0005  47 ARG A NE  
323 C CZ  . ARG A 53 ? 0.2784 0.2578 0.3402 0.0001  0.0037  0.0030  47 ARG A CZ  
324 N NH1 . ARG A 53 ? 0.2621 0.2411 0.3140 -0.0032 0.0061  0.0042  47 ARG A NH1 
325 N NH2 . ARG A 53 ? 0.2826 0.2604 0.3517 0.0007  0.0031  0.0037  47 ARG A NH2 
326 N N   . GLY A 54 ? 0.1622 0.1470 0.2578 0.0100  0.0018  -0.0068 48 GLY A N   
327 C CA  . GLY A 54 ? 0.1590 0.1442 0.2717 0.0118  0.0017  -0.0068 48 GLY A CA  
328 C C   . GLY A 54 ? 0.1669 0.1486 0.2869 0.0132  0.0065  -0.0108 48 GLY A C   
329 O O   . GLY A 54 ? 0.1793 0.1584 0.2909 0.0122  0.0074  -0.0115 48 GLY A O   
330 N N   . ASP A 55 ? 0.1447 0.1258 0.2810 0.0150  0.0100  -0.0137 49 ASP A N   
331 C CA  . ASP A 55 ? 0.1658 0.1422 0.3083 0.0156  0.0163  -0.0192 49 ASP A CA  
332 C C   . ASP A 55 ? 0.1913 0.1653 0.3169 0.0134  0.0224  -0.0259 49 ASP A C   
333 O O   . ASP A 55 ? 0.1886 0.1655 0.3056 0.0126  0.0231  -0.0264 49 ASP A O   
334 C CB  . ASP A 55 ? 0.1873 0.1634 0.3534 0.0179  0.0204  -0.0216 49 ASP A CB  
335 C CG  . ASP A 55 ? 0.2893 0.2680 0.4589 0.0179  0.0266  -0.0264 49 ASP A CG  
336 O OD1 . ASP A 55 ? 0.2866 0.2617 0.4473 0.0161  0.0356  -0.0341 49 ASP A OD1 
337 O OD2 . ASP A 55 ? 0.3002 0.2842 0.4837 0.0192  0.0228  -0.0222 49 ASP A OD2 
338 N N   . VAL A 56 ? 0.1789 0.1473 0.2994 0.0119  0.0259  -0.0301 50 VAL A N   
339 C CA  . VAL A 56 ? 0.1807 0.1460 0.2833 0.0085  0.0294  -0.0351 50 VAL A CA  
340 C C   . VAL A 56 ? 0.2109 0.1754 0.3094 0.0069  0.0360  -0.0403 50 VAL A C   
341 O O   . VAL A 56 ? 0.1890 0.1540 0.2727 0.0045  0.0351  -0.0401 50 VAL A O   
342 C CB  . VAL A 56 ? 0.2184 0.1769 0.3152 0.0058  0.0304  -0.0383 50 VAL A CB  
343 C CG1 . VAL A 56 ? 0.2200 0.1721 0.3276 0.0056  0.0380  -0.0452 50 VAL A CG1 
344 C CG2 . VAL A 56 ? 0.2245 0.1806 0.3017 0.0015  0.0299  -0.0405 50 VAL A CG2 
345 N N   . GLY A 57 ? 0.1877 0.1506 0.3004 0.0078  0.0430  -0.0446 51 GLY A N   
346 C CA  . GLY A 57 ? 0.2029 0.1651 0.3121 0.0057  0.0508  -0.0497 51 GLY A CA  
347 C C   . GLY A 57 ? 0.2051 0.1744 0.3130 0.0067  0.0467  -0.0450 51 GLY A C   
348 O O   . GLY A 57 ? 0.2026 0.1707 0.2961 0.0036  0.0489  -0.0467 51 GLY A O   
349 N N   . ALA A 58 ? 0.1506 0.1260 0.2716 0.0104  0.0397  -0.0386 52 ALA A N   
350 C CA  . ALA A 58 ? 0.1443 0.1256 0.2637 0.0108  0.0353  -0.0345 52 ALA A CA  
351 C C   . ALA A 58 ? 0.1736 0.1544 0.2725 0.0091  0.0308  -0.0321 52 ALA A C   
352 O O   . ALA A 58 ? 0.1825 0.1646 0.2733 0.0076  0.0314  -0.0323 52 ALA A O   
353 C CB  . ALA A 58 ? 0.1578 0.1439 0.2933 0.0137  0.0277  -0.0279 52 ALA A CB  
354 N N   . VAL A 59 ? 0.1505 0.1297 0.2429 0.0091  0.0267  -0.0301 53 VAL A N   
355 C CA  . VAL A 59 ? 0.1452 0.1245 0.2231 0.0078  0.0230  -0.0279 53 VAL A CA  
356 C C   . VAL A 59 ? 0.1740 0.1492 0.2388 0.0045  0.0262  -0.0314 53 VAL A C   
357 O O   . VAL A 59 ? 0.1784 0.1547 0.2353 0.0035  0.0242  -0.0297 53 VAL A O   
358 C CB  . VAL A 59 ? 0.1710 0.1499 0.2481 0.0083  0.0189  -0.0249 53 VAL A CB  
359 C CG1 . VAL A 59 ? 0.1833 0.1623 0.2494 0.0069  0.0165  -0.0236 53 VAL A CG1 
360 C CG2 . VAL A 59 ? 0.1658 0.1479 0.2508 0.0101  0.0145  -0.0200 53 VAL A CG2 
361 N N   . LYS A 60 ? 0.1640 0.1340 0.2266 0.0021  0.0312  -0.0362 54 LYS A N   
362 C CA  . LYS A 60 ? 0.1712 0.1356 0.2181 -0.0028 0.0334  -0.0391 54 LYS A CA  
363 C C   . LYS A 60 ? 0.2174 0.1826 0.2617 -0.0041 0.0372  -0.0400 54 LYS A C   
364 O O   . LYS A 60 ? 0.2242 0.1878 0.2563 -0.0070 0.0348  -0.0381 54 LYS A O   
365 C CB  . LYS A 60 ? 0.2061 0.1630 0.2485 -0.0064 0.0390  -0.0451 54 LYS A CB  
366 C CG  . LYS A 60 ? 0.2637 0.2184 0.3046 -0.0068 0.0342  -0.0441 54 LYS A CG  
367 C CD  . LYS A 60 ? 0.3665 0.3123 0.4038 -0.0107 0.0405  -0.0513 54 LYS A CD  
368 C CE  . LYS A 60 ? 0.5553 0.4926 0.5728 -0.0183 0.0450  -0.0564 54 LYS A CE  
369 N NZ  . LYS A 60 ? 0.7389 0.6751 0.7398 -0.0225 0.0363  -0.0515 54 LYS A NZ  
370 N N   . ALA A 61 ? 0.1778 0.1457 0.2356 -0.0021 0.0425  -0.0421 55 ALA A N   
371 C CA  . ALA A 61 ? 0.1813 0.1507 0.2393 -0.0034 0.0465  -0.0429 55 ALA A CA  
372 C C   . ALA A 61 ? 0.2115 0.1857 0.2677 -0.0017 0.0395  -0.0372 55 ALA A C   
373 O O   . ALA A 61 ? 0.2182 0.1909 0.2652 -0.0045 0.0400  -0.0366 55 ALA A O   
374 C CB  . ALA A 61 ? 0.1936 0.1660 0.2714 -0.0011 0.0528  -0.0456 55 ALA A CB  
375 N N   . ALA A 62 ? 0.1695 0.1483 0.2334 0.0021  0.0332  -0.0334 56 ALA A N   
376 C CA  . ALA A 62 ? 0.1721 0.1543 0.2340 0.0034  0.0276  -0.0292 56 ALA A CA  
377 C C   . ALA A 62 ? 0.2068 0.1862 0.2559 0.0016  0.0247  -0.0276 56 ALA A C   
378 O O   . ALA A 62 ? 0.2104 0.1899 0.2561 0.0008  0.0237  -0.0261 56 ALA A O   
379 C CB  . ALA A 62 ? 0.1775 0.1634 0.2468 0.0063  0.0224  -0.0259 56 ALA A CB  
380 N N   . VAL A 63 ? 0.1653 0.1420 0.2092 0.0008  0.0229  -0.0274 57 VAL A N   
381 C CA  . VAL A 63 ? 0.1715 0.1462 0.2072 -0.0008 0.0188  -0.0249 57 VAL A CA  
382 C C   . VAL A 63 ? 0.2152 0.1847 0.2398 -0.0056 0.0201  -0.0254 57 VAL A C   
383 O O   . VAL A 63 ? 0.2085 0.1774 0.2299 -0.0065 0.0166  -0.0222 57 VAL A O   
384 C CB  . VAL A 63 ? 0.2072 0.1806 0.2422 -0.0011 0.0159  -0.0243 57 VAL A CB  
385 C CG1 . VAL A 63 ? 0.2122 0.1830 0.2406 -0.0038 0.0109  -0.0214 57 VAL A CG1 
386 C CG2 . VAL A 63 ? 0.2110 0.1891 0.2550 0.0027  0.0144  -0.0226 57 VAL A CG2 
387 N N   . ASP A 64 ? 0.2130 0.1786 0.2327 -0.0087 0.0260  -0.0295 58 ASP A N   
388 C CA  . ASP A 64 ? 0.2260 0.1856 0.2321 -0.0147 0.0282  -0.0300 58 ASP A CA  
389 C C   . ASP A 64 ? 0.2512 0.2132 0.2605 -0.0140 0.0293  -0.0283 58 ASP A C   
390 O O   . ASP A 64 ? 0.2529 0.2118 0.2538 -0.0171 0.0260  -0.0248 58 ASP A O   
391 C CB  . ASP A 64 ? 0.2705 0.2247 0.2705 -0.0188 0.0368  -0.0363 58 ASP A CB  
392 C CG  . ASP A 64 ? 0.4316 0.3800 0.4227 -0.0221 0.0360  -0.0387 58 ASP A CG  
393 O OD1 . ASP A 64 ? 0.4619 0.4107 0.4512 -0.0216 0.0275  -0.0346 58 ASP A OD1 
394 O OD2 . ASP A 64 ? 0.5467 0.4898 0.5335 -0.0256 0.0442  -0.0450 58 ASP A OD2 
395 N N   . ALA A 65 ? 0.2132 0.1811 0.2363 -0.0099 0.0326  -0.0299 59 ALA A N   
396 C CA  . ALA A 65 ? 0.2124 0.1827 0.2399 -0.0096 0.0335  -0.0286 59 ALA A CA  
397 C C   . ALA A 65 ? 0.2307 0.2026 0.2590 -0.0075 0.0265  -0.0243 59 ALA A C   
398 O O   . ALA A 65 ? 0.2223 0.1927 0.2477 -0.0093 0.0257  -0.0222 59 ALA A O   
399 C CB  . ALA A 65 ? 0.2096 0.1860 0.2532 -0.0064 0.0367  -0.0308 59 ALA A CB  
400 N N   . GLY A 66 ? 0.1923 0.1671 0.2255 -0.0037 0.0225  -0.0232 60 GLY A N   
401 C CA  . GLY A 66 ? 0.1827 0.1588 0.2184 -0.0017 0.0179  -0.0205 60 GLY A CA  
402 C C   . GLY A 66 ? 0.2205 0.1924 0.2506 -0.0037 0.0141  -0.0170 60 GLY A C   
403 O O   . GLY A 66 ? 0.2088 0.1798 0.2412 -0.0034 0.0123  -0.0151 60 GLY A O   
404 N N   . SER A 67 ? 0.1968 0.1658 0.2207 -0.0060 0.0120  -0.0161 61 SER A N   
405 C CA  . SER A 67 ? 0.2010 0.1657 0.2204 -0.0087 0.0062  -0.0116 61 SER A CA  
406 C C   . SER A 67 ? 0.2505 0.2100 0.2609 -0.0135 0.0064  -0.0096 61 SER A C   
407 O O   . SER A 67 ? 0.2406 0.1981 0.2537 -0.0139 0.0018  -0.0050 61 SER A O   
408 C CB  . SER A 67 ? 0.2784 0.2405 0.2917 -0.0115 0.0029  -0.0109 61 SER A CB  
409 O OG  . SER A 67 ? 0.3904 0.3487 0.3922 -0.0157 0.0075  -0.0146 61 SER A OG  
410 N N   . ALA A 68 ? 0.2236 0.1811 0.2256 -0.0169 0.0126  -0.0130 62 ALA A N   
411 C CA  . ALA A 68 ? 0.2247 0.1770 0.2170 -0.0223 0.0145  -0.0114 62 ALA A CA  
412 C C   . ALA A 68 ? 0.2398 0.1947 0.2416 -0.0196 0.0147  -0.0100 62 ALA A C   
413 O O   . ALA A 68 ? 0.2600 0.2105 0.2584 -0.0224 0.0110  -0.0053 62 ALA A O   
414 C CB  . ALA A 68 ? 0.2434 0.1936 0.2277 -0.0263 0.0236  -0.0167 62 ALA A CB  
415 N N   . ALA A 69 ? 0.2017 0.1631 0.2156 -0.0144 0.0178  -0.0135 63 ALA A N   
416 C CA  . ALA A 69 ? 0.1969 0.1601 0.2186 -0.0127 0.0180  -0.0131 63 ALA A CA  
417 C C   . ALA A 69 ? 0.2155 0.1774 0.2428 -0.0102 0.0122  -0.0097 63 ALA A C   
418 O O   . ALA A 69 ? 0.2213 0.1802 0.2503 -0.0115 0.0108  -0.0072 63 ALA A O   
419 C CB  . ALA A 69 ? 0.2049 0.1744 0.2364 -0.0091 0.0212  -0.0171 63 ALA A CB  
420 N N   . ALA A 70 ? 0.1935 0.1575 0.2253 -0.0069 0.0095  -0.0097 64 ALA A N   
421 C CA  . ALA A 70 ? 0.1820 0.1452 0.2226 -0.0043 0.0056  -0.0073 64 ALA A CA  
422 C C   . ALA A 70 ? 0.2287 0.1862 0.2671 -0.0076 -0.0002 -0.0011 64 ALA A C   
423 O O   . ALA A 70 ? 0.2370 0.1923 0.2846 -0.0063 -0.0026 0.0015  64 ALA A O   
424 C CB  . ALA A 70 ? 0.1972 0.1641 0.2437 -0.0009 0.0051  -0.0087 64 ALA A CB  
425 N N   . SER A 71 ? 0.2091 0.1634 0.2357 -0.0123 -0.0027 0.0015  65 SER A N   
426 C CA  A SER A 71 ? 0.2122 0.1600 0.2344 -0.0168 -0.0101 0.0088  65 SER A CA  
427 C CA  B SER A 71 ? 0.2125 0.1602 0.2341 -0.0170 -0.0102 0.0088  65 SER A CA  
428 C C   . SER A 71 ? 0.2707 0.2133 0.2888 -0.0204 -0.0100 0.0119  65 SER A C   
429 O O   . SER A 71 ? 0.2597 0.1971 0.2797 -0.0229 -0.0174 0.0191  65 SER A O   
430 C CB  A SER A 71 ? 0.2550 0.1990 0.2616 -0.0227 -0.0132 0.0106  65 SER A CB  
431 C CB  B SER A 71 ? 0.2521 0.1959 0.2572 -0.0231 -0.0125 0.0102  65 SER A CB  
432 O OG  A SER A 71 ? 0.3232 0.2650 0.3147 -0.0271 -0.0061 0.0066  65 SER A OG  
433 O OG  B SER A 71 ? 0.2780 0.2245 0.2883 -0.0211 -0.0164 0.0104  65 SER A OG  
434 N N   . VAL A 72 ? 0.2244 0.1687 0.2393 -0.0206 -0.0024 0.0072  66 VAL A N   
435 C CA  . VAL A 72 ? 0.2495 0.1892 0.2614 -0.0243 -0.0015 0.0098  66 VAL A CA  
436 C C   . VAL A 72 ? 0.2847 0.2247 0.3126 -0.0199 -0.0034 0.0107  66 VAL A C   
437 O O   . VAL A 72 ? 0.3096 0.2437 0.3387 -0.0227 -0.0072 0.0163  66 VAL A O   
438 C CB  . VAL A 72 ? 0.3151 0.2573 0.3209 -0.0264 0.0077  0.0043  66 VAL A CB  
439 C CG1 . VAL A 72 ? 0.3321 0.2711 0.3388 -0.0293 0.0097  0.0061  66 VAL A CG1 
440 C CG2 . VAL A 72 ? 0.3333 0.2723 0.3222 -0.0323 0.0109  0.0034  66 VAL A CG2 
441 N N   . VAL A 73 ? 0.2329 0.1787 0.2726 -0.0136 -0.0007 0.0054  67 VAL A N   
442 C CA  . VAL A 73 ? 0.2390 0.1840 0.2923 -0.0101 -0.0004 0.0041  67 VAL A CA  
443 C C   . VAL A 73 ? 0.2368 0.1815 0.3041 -0.0059 -0.0039 0.0056  67 VAL A C   
444 O O   . VAL A 73 ? 0.2479 0.1897 0.3278 -0.0038 -0.0037 0.0054  67 VAL A O   
445 C CB  . VAL A 73 ? 0.2963 0.2459 0.3516 -0.0078 0.0058  -0.0034 67 VAL A CB  
446 C CG1 . VAL A 73 ? 0.3034 0.2542 0.3502 -0.0116 0.0094  -0.0046 67 VAL A CG1 
447 C CG2 . VAL A 73 ? 0.2955 0.2508 0.3519 -0.0042 0.0078  -0.0077 67 VAL A CG2 
448 N N   . GLY A 74 ? 0.2149 0.1624 0.2818 -0.0049 -0.0063 0.0065  68 GLY A N   
449 C CA  . GLY A 74 ? 0.2238 0.1725 0.3070 -0.0008 -0.0084 0.0074  68 GLY A CA  
450 C C   . GLY A 74 ? 0.2844 0.2335 0.3671 -0.0024 -0.0155 0.0131  68 GLY A C   
451 O O   . GLY A 74 ? 0.3120 0.2568 0.3838 -0.0076 -0.0216 0.0191  68 GLY A O   
452 N N   . GLU A 75 ? 0.2396 0.1932 0.3334 0.0013  -0.0148 0.0113  69 GLU A N   
453 C CA  . GLU A 75 ? 0.2459 0.2003 0.3431 0.0000  -0.0222 0.0168  69 GLU A CA  
454 C C   . GLU A 75 ? 0.2708 0.2309 0.3633 0.0013  -0.0183 0.0119  69 GLU A C   
455 O O   . GLU A 75 ? 0.2554 0.2196 0.3559 0.0055  -0.0114 0.0062  69 GLU A O   
456 C CB  . GLU A 75 ? 0.2795 0.2337 0.4029 0.0034  -0.0260 0.0208  69 GLU A CB  
457 C CG  . GLU A 75 ? 0.4092 0.3644 0.5422 0.0019  -0.0359 0.0282  69 GLU A CG  
458 C CD  . GLU A 75 ? 0.6478 0.6035 0.8122 0.0058  -0.0392 0.0323  69 GLU A CD  
459 O OE1 . GLU A 75 ? 0.5371 0.4899 0.7136 0.0086  -0.0353 0.0308  69 GLU A OE1 
460 O OE2 . GLU A 75 ? 0.5405 0.4993 0.7192 0.0060  -0.0456 0.0368  69 GLU A OE2 
461 N N   . VAL A 76 ? 0.2265 0.1861 0.3046 -0.0027 -0.0221 0.0137  70 VAL A N   
462 C CA  . VAL A 76 ? 0.2101 0.1742 0.2846 -0.0018 -0.0192 0.0096  70 VAL A CA  
463 C C   . VAL A 76 ? 0.2466 0.2121 0.3332 -0.0020 -0.0264 0.0145  70 VAL A C   
464 O O   . VAL A 76 ? 0.2812 0.2426 0.3663 -0.0064 -0.0360 0.0216  70 VAL A O   
465 C CB  . VAL A 76 ? 0.2454 0.2073 0.2983 -0.0063 -0.0177 0.0075  70 VAL A CB  
466 C CG1 . VAL A 76 ? 0.2310 0.1963 0.2816 -0.0057 -0.0158 0.0041  70 VAL A CG1 
467 C CG2 . VAL A 76 ? 0.2432 0.2049 0.2886 -0.0059 -0.0105 0.0029  70 VAL A CG2 
468 N N   . LYS A 77 ? 0.2176 0.1886 0.3161 0.0019  -0.0221 0.0111  71 LYS A N   
469 C CA  . LYS A 77 ? 0.2248 0.1987 0.3385 0.0022  -0.0276 0.0150  71 LYS A CA  
470 C C   . LYS A 77 ? 0.2428 0.2172 0.3433 -0.0013 -0.0301 0.0143  71 LYS A C   
471 O O   . LYS A 77 ? 0.2628 0.2352 0.3635 -0.0055 -0.0397 0.0199  71 LYS A O   
472 C CB  . LYS A 77 ? 0.2503 0.2298 0.3851 0.0078  -0.0198 0.0111  71 LYS A CB  
473 C CG  . LYS A 77 ? 0.4023 0.3863 0.5547 0.0084  -0.0225 0.0135  71 LYS A CG  
474 C CD  . LYS A 77 ? 0.5002 0.4855 0.6812 0.0105  -0.0266 0.0186  71 LYS A CD  
475 C CE  . LYS A 77 ? 0.5555 0.5469 0.7588 0.0122  -0.0256 0.0192  71 LYS A CE  
476 N NZ  . LYS A 77 ? 0.5370 0.5292 0.7359 0.0076  -0.0368 0.0249  71 LYS A NZ  
477 N N   . SER A 78 ? 0.1903 0.1665 0.2800 -0.0001 -0.0221 0.0079  72 SER A N   
478 C CA  . SER A 78 ? 0.1726 0.1487 0.2519 -0.0027 -0.0227 0.0061  72 SER A CA  
479 C C   . SER A 78 ? 0.2153 0.1910 0.2805 -0.0020 -0.0149 0.0000  72 SER A C   
480 O O   . SER A 78 ? 0.2114 0.1890 0.2787 0.0013  -0.0088 -0.0030 72 SER A O   
481 C CB  . SER A 78 ? 0.2184 0.2000 0.3128 0.0000  -0.0210 0.0055  72 SER A CB  
482 O OG  . SER A 78 ? 0.3145 0.2975 0.4256 -0.0009 -0.0287 0.0113  72 SER A OG  
483 N N   . CYS A 79 ? 0.2107 0.1840 0.2637 -0.0051 -0.0148 -0.0020 73 CYS A N   
484 C CA  . CYS A 79 ? 0.2374 0.2110 0.2827 -0.0039 -0.0078 -0.0074 73 CYS A CA  
485 C C   . CYS A 79 ? 0.2472 0.2197 0.2886 -0.0060 -0.0083 -0.0091 73 CYS A C   
486 O O   . CYS A 79 ? 0.2579 0.2269 0.2954 -0.0104 -0.0145 -0.0068 73 CYS A O   
487 C CB  . CYS A 79 ? 0.2962 0.2665 0.3304 -0.0057 -0.0046 -0.0094 73 CYS A CB  
488 S SG  . CYS A 79 ? 0.4067 0.3687 0.4228 -0.0136 -0.0079 -0.0088 73 CYS A SG  
489 N N   . HIS A 80 ? 0.1865 0.1615 0.2305 -0.0033 -0.0031 -0.0124 74 HIS A N   
490 C CA  . HIS A 80 ? 0.1840 0.1577 0.2271 -0.0047 -0.0034 -0.0139 74 HIS A CA  
491 C C   . HIS A 80 ? 0.1956 0.1704 0.2399 -0.0022 0.0023  -0.0173 74 HIS A C   
492 O O   . HIS A 80 ? 0.1931 0.1710 0.2413 0.0011  0.0054  -0.0175 74 HIS A O   
493 C CB  . HIS A 80 ? 0.1918 0.1693 0.2468 -0.0037 -0.0069 -0.0107 74 HIS A CB  
494 C CG  . HIS A 80 ? 0.2355 0.2114 0.2909 -0.0060 -0.0088 -0.0113 74 HIS A CG  
495 N ND1 . HIS A 80 ? 0.2646 0.2339 0.3085 -0.0112 -0.0117 -0.0130 74 HIS A ND1 
496 C CD2 . HIS A 80 ? 0.2760 0.2552 0.3409 -0.0045 -0.0077 -0.0106 74 HIS A CD2 
497 C CE1 . HIS A 80 ? 0.2741 0.2432 0.3221 -0.0123 -0.0128 -0.0135 74 HIS A CE1 
498 N NE2 . HIS A 80 ? 0.2784 0.2536 0.3395 -0.0082 -0.0107 -0.0116 74 HIS A NE2 
499 N N   . VAL A 81 ? 0.1608 0.1320 0.2024 -0.0041 0.0030  -0.0198 75 VAL A N   
500 C CA  . VAL A 81 ? 0.1642 0.1360 0.2106 -0.0017 0.0072  -0.0220 75 VAL A CA  
501 C C   . VAL A 81 ? 0.1828 0.1541 0.2337 -0.0025 0.0053  -0.0213 75 VAL A C   
502 O O   . VAL A 81 ? 0.1966 0.1638 0.2429 -0.0063 0.0025  -0.0222 75 VAL A O   
503 C CB  . VAL A 81 ? 0.2059 0.1731 0.2475 -0.0032 0.0121  -0.0269 75 VAL A CB  
504 C CG1 . VAL A 81 ? 0.2120 0.1793 0.2630 -0.0005 0.0152  -0.0284 75 VAL A CG1 
505 C CG2 . VAL A 81 ? 0.1985 0.1666 0.2369 -0.0027 0.0146  -0.0275 75 VAL A CG2 
506 N N   . ILE A 82 ? 0.1653 0.1397 0.2240 0.0003  0.0065  -0.0195 76 ILE A N   
507 C CA  . ILE A 82 ? 0.1702 0.1438 0.2344 -0.0002 0.0055  -0.0184 76 ILE A CA  
508 C C   . ILE A 82 ? 0.1884 0.1598 0.2565 0.0013  0.0083  -0.0199 76 ILE A C   
509 O O   . ILE A 82 ? 0.1805 0.1547 0.2525 0.0037  0.0089  -0.0173 76 ILE A O   
510 C CB  . ILE A 82 ? 0.1993 0.1779 0.2697 0.0006  0.0047  -0.0143 76 ILE A CB  
511 C CG1 . ILE A 82 ? 0.2204 0.2016 0.2921 -0.0002 0.0023  -0.0128 76 ILE A CG1 
512 C CG2 . ILE A 82 ? 0.2226 0.1999 0.2986 -0.0006 0.0041  -0.0128 76 ILE A CG2 
513 C CD1 . ILE A 82 ? 0.2280 0.2143 0.3086 0.0007  0.0039  -0.0098 76 ILE A CD1 
514 N N   . PRO A 83 ? 0.1837 0.1492 0.2516 -0.0004 0.0098  -0.0238 77 PRO A N   
515 C CA  . PRO A 83 ? 0.1790 0.1423 0.2551 0.0017  0.0128  -0.0253 77 PRO A CA  
516 C C   . PRO A 83 ? 0.1961 0.1610 0.2815 0.0034  0.0107  -0.0202 77 PRO A C   
517 O O   . PRO A 83 ? 0.1946 0.1600 0.2880 0.0057  0.0110  -0.0184 77 PRO A O   
518 C CB  . PRO A 83 ? 0.2067 0.1623 0.2801 -0.0013 0.0162  -0.0317 77 PRO A CB  
519 C CG  . PRO A 83 ? 0.2517 0.2059 0.3112 -0.0051 0.0152  -0.0338 77 PRO A CG  
520 C CD  . PRO A 83 ? 0.2121 0.1720 0.2715 -0.0048 0.0093  -0.0278 77 PRO A CD  
521 N N   . ARG A 84 ? 0.1659 0.1316 0.2510 0.0018  0.0081  -0.0172 78 ARG A N   
522 C CA  . ARG A 84 ? 0.1715 0.1379 0.2628 0.0022  0.0064  -0.0118 78 ARG A CA  
523 C C   . ARG A 84 ? 0.2030 0.1730 0.2914 0.0004  0.0053  -0.0086 78 ARG A C   
524 O O   . ARG A 84 ? 0.1967 0.1651 0.2875 -0.0018 0.0044  -0.0087 78 ARG A O   
525 C CB  . ARG A 84 ? 0.1778 0.1382 0.2775 0.0015  0.0064  -0.0127 78 ARG A CB  
526 C CG  . ARG A 84 ? 0.2074 0.1677 0.3133 0.0016  0.0038  -0.0057 78 ARG A CG  
527 C CD  . ARG A 84 ? 0.2481 0.2024 0.3628 0.0005  0.0033  -0.0058 78 ARG A CD  
528 N NE  . ARG A 84 ? 0.2725 0.2256 0.3936 0.0004  0.0001  0.0018  78 ARG A NE  
529 C CZ  . ARG A 84 ? 0.4258 0.3732 0.5591 0.0007  -0.0012 0.0033  78 ARG A CZ  
530 N NH1 . ARG A 84 ? 0.2809 0.2227 0.4210 0.0014  0.0019  -0.0038 78 ARG A NH1 
531 N NH2 . ARG A 84 ? 0.4724 0.4183 0.6104 -0.0001 -0.0055 0.0118  78 ARG A NH2 
532 N N   . PRO A 85 ? 0.1708 0.1452 0.2554 0.0009  0.0060  -0.0059 79 PRO A N   
533 C CA  . PRO A 85 ? 0.1644 0.1422 0.2490 -0.0008 0.0069  -0.0037 79 PRO A CA  
534 C C   . PRO A 85 ? 0.2196 0.1956 0.3084 -0.0030 0.0068  0.0003  79 PRO A C   
535 O O   . PRO A 85 ? 0.2257 0.1987 0.3148 -0.0031 0.0056  0.0033  79 PRO A O   
536 C CB  . PRO A 85 ? 0.1829 0.1638 0.2617 -0.0002 0.0091  -0.0024 79 PRO A CB  
537 C CG  . PRO A 85 ? 0.2288 0.2091 0.3046 0.0020  0.0081  -0.0049 79 PRO A CG  
538 C CD  . PRO A 85 ? 0.1863 0.1626 0.2670 0.0027  0.0064  -0.0055 79 PRO A CD  
539 N N   . HIS A 86 ? 0.2022 0.1801 0.2957 -0.0050 0.0076  0.0009  80 HIS A N   
540 C CA  . HIS A 86 ? 0.2058 0.1821 0.3038 -0.0078 0.0082  0.0047  80 HIS A CA  
541 C C   . HIS A 86 ? 0.2245 0.2012 0.3160 -0.0094 0.0112  0.0089  80 HIS A C   
542 O O   . HIS A 86 ? 0.2291 0.2089 0.3153 -0.0089 0.0143  0.0078  80 HIS A O   
543 C CB  . HIS A 86 ? 0.2141 0.1937 0.3202 -0.0099 0.0088  0.0044  80 HIS A CB  
544 C CG  . HIS A 86 ? 0.2644 0.2423 0.3771 -0.0131 0.0091  0.0079  80 HIS A CG  
545 N ND1 . HIS A 86 ? 0.2820 0.2610 0.3939 -0.0157 0.0137  0.0121  80 HIS A ND1 
546 C CD2 . HIS A 86 ? 0.2897 0.2642 0.4086 -0.0149 0.0057  0.0073  80 HIS A CD2 
547 C CE1 . HIS A 86 ? 0.2777 0.2544 0.3965 -0.0187 0.0129  0.0146  80 HIS A CE1 
548 N NE2 . HIS A 86 ? 0.2887 0.2627 0.4128 -0.0181 0.0078  0.0117  80 HIS A NE2 
549 N N   . SER A 87 ? 0.2344 0.2071 0.3254 -0.0118 0.0102  0.0138  81 SER A N   
550 C CA  . SER A 87 ? 0.2420 0.2132 0.3230 -0.0152 0.0121  0.0186  81 SER A CA  
551 C C   . SER A 87 ? 0.2797 0.2547 0.3569 -0.0179 0.0196  0.0175  81 SER A C   
552 O O   . SER A 87 ? 0.2933 0.2676 0.3591 -0.0197 0.0224  0.0178  81 SER A O   
553 C CB  . SER A 87 ? 0.3034 0.2691 0.3852 -0.0187 0.0095  0.0251  81 SER A CB  
554 O OG  . SER A 87 ? 0.4543 0.4206 0.5444 -0.0208 0.0119  0.0255  81 SER A OG  
555 N N   . ASP A 88 ? 0.2524 0.2311 0.3406 -0.0184 0.0229  0.0158  82 ASP A N   
556 C CA  . ASP A 88 ? 0.2584 0.2413 0.3483 -0.0204 0.0313  0.0141  82 ASP A CA  
557 C C   . ASP A 88 ? 0.2966 0.2828 0.3844 -0.0173 0.0338  0.0095  82 ASP A C   
558 O O   . ASP A 88 ? 0.3014 0.2885 0.3853 -0.0195 0.0418  0.0079  82 ASP A O   
559 C CB  . ASP A 88 ? 0.2731 0.2603 0.3803 -0.0209 0.0328  0.0137  82 ASP A CB  
560 C CG  . ASP A 88 ? 0.4119 0.3962 0.5222 -0.0252 0.0334  0.0182  82 ASP A CG  
561 O OD1 . ASP A 88 ? 0.4473 0.4256 0.5470 -0.0275 0.0310  0.0224  82 ASP A OD1 
562 O OD2 . ASP A 88 ? 0.4437 0.4320 0.5686 -0.0268 0.0358  0.0183  82 ASP A OD2 
563 N N   . VAL A 89 ? 0.2536 0.2406 0.3428 -0.0129 0.0278  0.0069  83 VAL A N   
564 C CA  . VAL A 89 ? 0.2378 0.2273 0.3257 -0.0100 0.0290  0.0030  83 VAL A CA  
565 C C   . VAL A 89 ? 0.2532 0.2398 0.3262 -0.0111 0.0314  0.0027  83 VAL A C   
566 O O   . VAL A 89 ? 0.2573 0.2453 0.3289 -0.0103 0.0354  -0.0007 83 VAL A O   
567 C CB  . VAL A 89 ? 0.3208 0.3106 0.4123 -0.0062 0.0219  0.0010  83 VAL A CB  
568 C CG1 . VAL A 89 ? 0.3337 0.3243 0.4200 -0.0035 0.0215  -0.0019 83 VAL A CG1 
569 C CG2 . VAL A 89 ? 0.3260 0.3192 0.4312 -0.0061 0.0198  0.0006  83 VAL A CG2 
570 N N   . GLU A 90 ? 0.2495 0.2313 0.3120 -0.0136 0.0280  0.0066  84 GLU A N   
571 C CA  . GLU A 90 ? 0.2620 0.2404 0.3095 -0.0159 0.0281  0.0071  84 GLU A CA  
572 C C   . GLU A 90 ? 0.3192 0.2965 0.3581 -0.0205 0.0375  0.0051  84 GLU A C   
573 O O   . GLU A 90 ? 0.3239 0.2992 0.3520 -0.0216 0.0390  0.0027  84 GLU A O   
574 C CB  . GLU A 90 ? 0.2859 0.2593 0.3262 -0.0184 0.0213  0.0132  84 GLU A CB  
575 C CG  . GLU A 90 ? 0.3340 0.3076 0.3849 -0.0138 0.0138  0.0141  84 GLU A CG  
576 C CD  . GLU A 90 ? 0.4706 0.4459 0.5231 -0.0097 0.0103  0.0110  84 GLU A CD  
577 O OE1 . GLU A 90 ? 0.4288 0.4044 0.4728 -0.0105 0.0114  0.0096  84 GLU A OE1 
578 O OE2 . GLU A 90 ? 0.4082 0.3837 0.4703 -0.0062 0.0069  0.0099  84 GLU A OE2 
579 N N   . ALA A 91 ? 0.2898 0.2683 0.3345 -0.0231 0.0447  0.0051  85 ALA A N   
580 C CA  . ALA A 91 ? 0.2978 0.2751 0.3371 -0.0276 0.0566  0.0018  85 ALA A CA  
581 C C   . ALA A 91 ? 0.3037 0.2842 0.3498 -0.0240 0.0617  -0.0048 85 ALA A C   
582 O O   . ALA A 91 ? 0.3099 0.2870 0.3462 -0.0277 0.0706  -0.0088 85 ALA A O   
583 C CB  . ALA A 91 ? 0.3102 0.2900 0.3616 -0.0299 0.0634  0.0029  85 ALA A CB  
584 N N   . ILE A 92 ? 0.2316 0.2178 0.2947 -0.0174 0.0567  -0.0060 86 ILE A N   
585 C CA  . ILE A 92 ? 0.2180 0.2072 0.2911 -0.0138 0.0603  -0.0110 86 ILE A CA  
586 C C   . ILE A 92 ? 0.2454 0.2329 0.3101 -0.0110 0.0542  -0.0125 86 ILE A C   
587 O O   . ILE A 92 ? 0.2623 0.2510 0.3332 -0.0086 0.0570  -0.0163 86 ILE A O   
588 C CB  . ILE A 92 ? 0.2474 0.2432 0.3454 -0.0101 0.0604  -0.0113 86 ILE A CB  
589 C CG1 . ILE A 92 ? 0.2342 0.2324 0.3387 -0.0070 0.0487  -0.0078 86 ILE A CG1 
590 C CG2 . ILE A 92 ? 0.2377 0.2354 0.3462 -0.0135 0.0699  -0.0113 86 ILE A CG2 
591 C CD1 . ILE A 92 ? 0.2904 0.2887 0.3937 -0.0031 0.0415  -0.0087 86 ILE A CD1 
592 N N   . LEU A 93 ? 0.2019 0.1867 0.2550 -0.0114 0.0461  -0.0092 87 LEU A N   
593 C CA  . LEU A 93 ? 0.2025 0.1860 0.2484 -0.0094 0.0408  -0.0104 87 LEU A CA  
594 C C   . LEU A 93 ? 0.2783 0.2568 0.3079 -0.0139 0.0450  -0.0124 87 LEU A C   
595 O O   . LEU A 93 ? 0.2916 0.2659 0.3091 -0.0198 0.0490  -0.0112 87 LEU A O   
596 C CB  . LEU A 93 ? 0.1968 0.1797 0.2405 -0.0080 0.0314  -0.0064 87 LEU A CB  
597 C CG  . LEU A 93 ? 0.2266 0.2129 0.2834 -0.0043 0.0271  -0.0057 87 LEU A CG  
598 C CD1 . LEU A 93 ? 0.2209 0.2055 0.2761 -0.0032 0.0200  -0.0030 87 LEU A CD1 
599 C CD2 . LEU A 93 ? 0.2332 0.2226 0.2985 -0.0006 0.0266  -0.0087 87 LEU A CD2 
600 N N   . PRO A 94 ? 0.2302 0.2081 0.2573 -0.0123 0.0441  -0.0157 88 PRO A N   
601 C CA  . PRO A 94 ? 0.2390 0.2109 0.2485 -0.0175 0.0471  -0.0181 88 PRO A CA  
602 C C   . PRO A 94 ? 0.2732 0.2407 0.2664 -0.0226 0.0402  -0.0128 88 PRO A C   
603 O O   . PRO A 94 ? 0.2597 0.2294 0.2581 -0.0202 0.0315  -0.0078 88 PRO A O   
604 C CB  . PRO A 94 ? 0.2641 0.2367 0.2766 -0.0140 0.0444  -0.0211 88 PRO A CB  
605 C CG  . PRO A 94 ? 0.2952 0.2737 0.3268 -0.0076 0.0429  -0.0212 88 PRO A CG  
606 C CD  . PRO A 94 ? 0.2306 0.2122 0.2690 -0.0066 0.0400  -0.0171 88 PRO A CD  
607 N N   . LYS A 95 ? 0.2740 0.2346 0.2479 -0.0303 0.0438  -0.0140 89 LYS A N   
608 C CA  . LYS A 95 ? 0.2979 0.2531 0.2545 -0.0368 0.0361  -0.0077 89 LYS A CA  
609 C C   . LYS A 95 ? 0.3913 0.3443 0.3399 -0.0382 0.0273  -0.0069 89 LYS A C   
610 O O   . LYS A 95 ? 0.4136 0.3629 0.3514 -0.0433 0.0181  -0.0006 89 LYS A O   
611 C CB  . LYS A 95 ? 0.3333 0.2806 0.2699 -0.0465 0.0437  -0.0079 89 LYS A CB  
612 C CG  . LYS A 95 ? 0.3855 0.3352 0.3314 -0.0457 0.0543  -0.0095 89 LYS A CG  
613 C CD  . LYS A 95 ? 0.3471 0.3026 0.3093 -0.0407 0.0477  -0.0033 89 LYS A CD  
614 C CE  . LYS A 95 ? 0.3436 0.3028 0.3195 -0.0391 0.0578  -0.0057 89 LYS A CE  
615 N NZ  . LYS A 95 ? 0.3568 0.3223 0.3519 -0.0327 0.0511  -0.0019 89 LYS A NZ  
616 N N   . SER A 96 ? 0.3253 0.2809 0.2814 -0.0338 0.0294  -0.0125 90 SER A N   
617 C CA  . SER A 96 ? 0.3301 0.2848 0.2828 -0.0342 0.0219  -0.0125 90 SER A CA  
618 C C   . SER A 96 ? 0.3706 0.3296 0.3372 -0.0276 0.0262  -0.0184 90 SER A C   
619 O O   . SER A 96 ? 0.3575 0.3174 0.3310 -0.0251 0.0356  -0.0231 90 SER A O   
620 C CB  . SER A 96 ? 0.4301 0.3755 0.3581 -0.0442 0.0226  -0.0142 90 SER A CB  
621 O OG  . SER A 96 ? 0.5880 0.5298 0.5117 -0.0453 0.0347  -0.0232 90 SER A OG  
622 N N   . ALA A 97 ? 0.3452 0.3063 0.3170 -0.0251 0.0193  -0.0178 91 ALA A N   
623 C CA  . ALA A 97 ? 0.4205 0.3847 0.4039 -0.0197 0.0225  -0.0224 91 ALA A CA  
624 C C   . ALA A 97 ? 1.0629 1.0212 1.0373 -0.0233 0.0293  -0.0291 91 ALA A C   
625 O O   . ALA A 97 ? 0.7737 0.7257 0.7309 -0.0305 0.0279  -0.0300 91 ALA A O   
626 C CB  . ALA A 97 ? 0.4162 0.3844 0.4082 -0.0167 0.0140  -0.0196 91 ALA A CB  
# 
